data_7UUT
#
_entry.id   7UUT
#
_cell.length_a   79.870
_cell.length_b   124.560
_cell.length_c   166.470
_cell.angle_alpha   90.000
_cell.angle_beta   90.000
_cell.angle_gamma   90.000
#
_symmetry.space_group_name_H-M   'P 21 21 21'
#
loop_
_entity.id
_entity.type
_entity.pdbx_description
1 polymer 'Secondary-alcohol dehydrogenase'
2 polymer 'Secondary-alcohol dehydrogenase'
3 non-polymer 'ZINC ION'
4 non-polymer 'NADP NICOTINAMIDE-ADENINE-DINUCLEOTIDE PHOSPHATE'
5 non-polymer (2R)-pentan-2-ol
6 non-polymer 'POTASSIUM ION'
7 water water
#
loop_
_entity_poly.entity_id
_entity_poly.type
_entity_poly.pdbx_seq_one_letter_code
_entity_poly.pdbx_strand_id
1 'polypeptide(L)'
;MKGFAMLSIGKVGWIEKEKPAPGPFDAIVRPLAVAPCTSDIHTVFEGAIGERHNMILGHEAVGEVVEVGSEVKDFKPGDR
VVVPAATPDWRTSEVQRGYHQHSGGMLAGWKFSNVKDGVFGEFFHVNDADMNLAHLPKEIPLEAAVMIPDMMTTGFHGAE
LADIELGATVAVLGIGPVGLMAVAGAKLRGAGRIIAVGSRPVCVDAAKYYGATDIVNYKDGPIESQIMNLTEGKGVDAAI
IAGGNADIMATAVKIVKPGGTIANVNYFGEGEVLPVPRLEWGCGMAHKTIKGGLCPGGRLRMERLIDLVFYKRVDPSKLV
THVFRGFDNIEKAFMLMKDKPKDLIKPVVILA
;
A
2 'polypeptide(L)'
;(FME)KGFAMLSIGKVGWIEKEKPAPGPFDAIVRPLAVAPCTSDIHTVFEGAIGERHNMILGHEAVGEVVEVGSEVKDFK
PGDRVVVPAATPDWRTSEVQRGYHQHSGGMLAGWKFSNVKDGVFGEFFHVNDADMNLAHLPKEIPLEAAVMIPDMMTTGF
HGAELADIELGATVAVLGIGPVGLMAVAGAKLRGAGRIIAVGSRPVCVDAAKYYGATDIVNYKDGPIESQIMNLTEGKGV
DAAIIAGGNADIMATAVKIVKPGGTIANVNYFGEGEVLPVPRLEWGCGMAHKTIKGGLCPGGRLRMERLIDLVFYKRVDP
SKLVTHVFRGFDNIEKAFMLMKDKPKDLIKPVVILA
;
B,C,D
#
loop_
_chem_comp.id
_chem_comp.type
_chem_comp.name
_chem_comp.formula
2RP non-polymer (2R)-pentan-2-ol 'C5 H12 O'
K non-polymer 'POTASSIUM ION' 'K 1'
NAP non-polymer 'NADP NICOTINAMIDE-ADENINE-DINUCLEOTIDE PHOSPHATE' 'C21 H28 N7 O17 P3'
ZN non-polymer 'ZINC ION' 'Zn 2'
#
# COMPACT_ATOMS: atom_id res chain seq x y z
N MET A 1 -44.27 8.39 14.63
CA MET A 1 -45.42 7.50 14.55
C MET A 1 -45.16 6.23 15.38
N LYS A 2 -45.43 5.06 14.81
CA LYS A 2 -45.12 3.80 15.45
C LYS A 2 -43.82 3.23 14.89
N GLY A 3 -43.09 2.52 15.75
CA GLY A 3 -41.82 1.95 15.37
C GLY A 3 -41.40 0.86 16.34
N PHE A 4 -40.88 -0.25 15.84
CA PHE A 4 -40.40 -1.29 16.73
C PHE A 4 -39.11 -0.81 17.38
N ALA A 5 -39.14 -0.63 18.69
CA ALA A 5 -38.09 0.08 19.41
C ALA A 5 -37.67 -0.69 20.65
N MET A 6 -36.51 -0.31 21.17
CA MET A 6 -36.01 -0.85 22.44
C MET A 6 -36.63 -0.06 23.59
N LEU A 7 -37.53 -0.72 24.33
CA LEU A 7 -38.21 -0.04 25.44
C LEU A 7 -37.23 0.22 26.57
N SER A 8 -36.50 -0.81 26.99
CA SER A 8 -35.48 -0.71 28.02
C SER A 8 -34.47 -1.81 27.75
N ILE A 9 -33.44 -1.89 28.60
CA ILE A 9 -32.44 -2.93 28.44
C ILE A 9 -33.10 -4.29 28.58
N GLY A 10 -33.10 -5.06 27.49
CA GLY A 10 -33.66 -6.40 27.49
C GLY A 10 -35.12 -6.52 27.08
N LYS A 11 -35.80 -5.41 26.79
CA LYS A 11 -37.22 -5.43 26.43
C LYS A 11 -37.44 -4.52 25.23
N VAL A 12 -38.30 -4.96 24.30
CA VAL A 12 -38.62 -4.21 23.10
C VAL A 12 -40.12 -4.21 22.85
N GLY A 13 -40.57 -3.26 22.04
CA GLY A 13 -41.98 -3.13 21.72
C GLY A 13 -42.23 -1.90 20.87
N TRP A 14 -43.45 -1.83 20.32
CA TRP A 14 -43.86 -0.70 19.50
C TRP A 14 -44.19 0.51 20.38
N ILE A 15 -43.75 1.68 19.95
CA ILE A 15 -43.90 2.93 20.70
C ILE A 15 -44.53 4.00 19.81
N GLU A 16 -44.70 5.19 20.37
CA GLU A 16 -45.33 6.32 19.70
C GLU A 16 -44.32 7.43 19.53
N LYS A 17 -44.19 7.93 18.29
CA LYS A 17 -43.20 8.95 18.00
C LYS A 17 -43.74 9.99 17.01
N GLU A 18 -42.93 11.02 16.77
CA GLU A 18 -43.19 12.01 15.73
C GLU A 18 -42.42 11.67 14.45
N LYS A 19 -43.07 11.88 13.31
CA LYS A 19 -42.43 11.65 12.02
C LYS A 19 -41.19 12.54 11.87
N PRO A 20 -40.03 11.99 11.50
CA PRO A 20 -38.81 12.80 11.43
C PRO A 20 -38.87 13.84 10.32
N ALA A 21 -38.21 14.98 10.57
CA ALA A 21 -38.12 16.08 9.62
C ALA A 21 -36.74 16.15 8.98
N PRO A 22 -36.67 16.38 7.66
CA PRO A 22 -35.38 16.43 6.99
C PRO A 22 -34.72 17.80 7.05
N GLY A 23 -33.41 17.80 7.25
CA GLY A 23 -32.62 19.00 7.13
C GLY A 23 -32.46 19.42 5.68
N PRO A 24 -31.79 20.56 5.48
CA PRO A 24 -31.59 21.06 4.10
C PRO A 24 -30.83 20.09 3.22
N PHE A 25 -29.99 19.23 3.80
CA PHE A 25 -29.21 18.26 3.03
C PHE A 25 -29.68 16.83 3.23
N ASP A 26 -30.76 16.62 3.98
CA ASP A 26 -31.21 15.30 4.35
C ASP A 26 -32.40 14.87 3.49
N ALA A 27 -32.82 13.62 3.69
CA ALA A 27 -33.96 13.08 2.98
C ALA A 27 -34.73 12.14 3.91
N ILE A 28 -36.04 12.10 3.71
CA ILE A 28 -36.90 11.14 4.38
C ILE A 28 -37.23 10.03 3.40
N VAL A 29 -37.05 8.79 3.81
CA VAL A 29 -37.21 7.63 2.96
C VAL A 29 -38.28 6.73 3.55
N ARG A 30 -39.16 6.24 2.69
CA ARG A 30 -40.01 5.19 3.25
C ARG A 30 -39.49 3.82 2.84
N PRO A 31 -39.47 2.85 3.77
CA PRO A 31 -38.83 1.57 3.46
C PRO A 31 -39.70 0.69 2.58
N LEU A 32 -39.05 0.06 1.60
CA LEU A 32 -39.69 -0.95 0.78
C LEU A 32 -39.35 -2.37 1.22
N ALA A 33 -38.14 -2.59 1.75
CA ALA A 33 -37.73 -3.87 2.29
C ALA A 33 -36.72 -3.64 3.40
N VAL A 34 -36.87 -4.37 4.50
CA VAL A 34 -35.98 -4.24 5.65
C VAL A 34 -35.54 -5.63 6.12
N ALA A 35 -34.45 -5.65 6.90
CA ALA A 35 -33.92 -6.88 7.44
C ALA A 35 -33.35 -6.65 8.84
N PRO A 36 -33.61 -7.54 9.78
CA PRO A 36 -32.99 -7.45 11.10
C PRO A 36 -31.58 -8.04 11.12
N CYS A 37 -30.82 -7.64 12.15
CA CYS A 37 -29.43 -8.06 12.27
C CYS A 37 -29.15 -8.59 13.67
N THR A 38 -28.16 -9.48 13.76
CA THR A 38 -27.74 -10.02 15.06
C THR A 38 -27.18 -8.94 15.96
N SER A 39 -26.62 -7.86 15.38
CA SER A 39 -26.07 -6.78 16.19
C SER A 39 -27.15 -6.10 17.02
N ASP A 40 -28.37 -5.99 16.47
CA ASP A 40 -29.47 -5.41 17.24
C ASP A 40 -29.79 -6.24 18.46
N ILE A 41 -29.60 -7.56 18.37
CA ILE A 41 -29.78 -8.44 19.53
C ILE A 41 -28.75 -8.11 20.61
N HIS A 42 -27.49 -7.93 20.22
CA HIS A 42 -26.45 -7.61 21.19
C HIS A 42 -26.74 -6.29 21.91
N THR A 43 -27.31 -5.31 21.20
CA THR A 43 -27.63 -4.04 21.85
C THR A 43 -28.74 -4.21 22.87
N VAL A 44 -29.74 -5.03 22.54
CA VAL A 44 -30.92 -5.15 23.41
C VAL A 44 -30.63 -6.06 24.59
N PHE A 45 -30.13 -7.28 24.34
CA PHE A 45 -30.08 -8.30 25.37
C PHE A 45 -28.74 -8.41 26.09
N GLU A 46 -27.66 -7.86 25.53
CA GLU A 46 -26.37 -7.86 26.22
C GLU A 46 -25.93 -6.48 26.69
N GLY A 47 -26.58 -5.42 26.24
CA GLY A 47 -26.17 -4.07 26.61
C GLY A 47 -24.74 -3.74 26.27
N ALA A 48 -24.28 -4.13 25.08
CA ALA A 48 -22.89 -3.97 24.71
C ALA A 48 -22.52 -2.53 24.38
N ILE A 49 -23.49 -1.70 23.99
CA ILE A 49 -23.24 -0.30 23.67
C ILE A 49 -23.92 0.63 24.67
N GLY A 50 -24.30 0.13 25.84
CA GLY A 50 -24.93 0.99 26.83
C GLY A 50 -26.44 0.98 26.78
N GLU A 51 -27.01 1.88 27.60
CA GLU A 51 -28.44 1.98 27.78
C GLU A 51 -29.05 2.96 26.78
N ARG A 52 -30.17 2.56 26.18
CA ARG A 52 -30.95 3.40 25.28
C ARG A 52 -32.39 3.47 25.79
N HIS A 53 -33.13 4.48 25.33
CA HIS A 53 -34.52 4.69 25.73
C HIS A 53 -35.37 4.95 24.50
N ASN A 54 -36.26 4.00 24.19
CA ASN A 54 -37.27 4.16 23.14
C ASN A 54 -36.64 4.50 21.79
N MET A 55 -35.59 3.75 21.43
CA MET A 55 -34.88 3.92 20.16
C MET A 55 -35.33 2.86 19.17
N ILE A 56 -35.81 3.30 18.00
CA ILE A 56 -36.20 2.37 16.94
C ILE A 56 -34.97 1.57 16.49
N LEU A 57 -35.18 0.28 16.23
CA LEU A 57 -34.12 -0.62 15.82
C LEU A 57 -34.08 -0.74 14.30
N GLY A 58 -33.09 -1.47 13.79
CA GLY A 58 -32.98 -1.74 12.37
C GLY A 58 -32.06 -0.79 11.65
N HIS A 59 -31.18 -1.34 10.79
CA HIS A 59 -30.29 -0.51 10.00
C HIS A 59 -30.09 -1.00 8.58
N GLU A 60 -30.86 -1.99 8.12
CA GLU A 60 -30.75 -2.52 6.76
C GLU A 60 -32.08 -2.28 6.06
N ALA A 61 -32.06 -1.41 5.04
CA ALA A 61 -33.31 -1.05 4.39
C ALA A 61 -33.05 -0.58 2.97
N VAL A 62 -33.95 -0.94 2.07
CA VAL A 62 -34.03 -0.39 0.72
C VAL A 62 -35.38 0.29 0.59
N GLY A 63 -35.37 1.59 0.28
CA GLY A 63 -36.58 2.38 0.32
C GLY A 63 -36.74 3.28 -0.88
N GLU A 64 -37.80 4.08 -0.85
CA GLU A 64 -38.10 5.07 -1.87
C GLU A 64 -38.08 6.46 -1.25
N VAL A 65 -37.38 7.38 -1.90
CA VAL A 65 -37.32 8.75 -1.43
C VAL A 65 -38.70 9.39 -1.57
N VAL A 66 -39.18 10.00 -0.48
CA VAL A 66 -40.45 10.72 -0.52
C VAL A 66 -40.26 12.22 -0.31
N GLU A 67 -39.19 12.65 0.33
CA GLU A 67 -38.96 14.06 0.60
C GLU A 67 -37.46 14.31 0.69
N VAL A 68 -37.02 15.46 0.18
CA VAL A 68 -35.63 15.86 0.22
C VAL A 68 -35.53 17.30 0.71
N GLY A 69 -34.36 17.65 1.23
CA GLY A 69 -34.09 19.02 1.60
C GLY A 69 -33.91 19.90 0.38
N SER A 70 -33.84 21.20 0.64
CA SER A 70 -33.72 22.17 -0.45
C SER A 70 -32.38 22.07 -1.17
N GLU A 71 -31.37 21.46 -0.56
CA GLU A 71 -30.04 21.39 -1.14
C GLU A 71 -29.71 20.03 -1.75
N VAL A 72 -30.61 19.05 -1.67
CA VAL A 72 -30.36 17.75 -2.29
C VAL A 72 -30.46 17.88 -3.80
N LYS A 73 -29.41 17.41 -4.50
CA LYS A 73 -29.30 17.58 -5.94
C LYS A 73 -29.50 16.31 -6.74
N ASP A 74 -29.10 15.16 -6.21
CA ASP A 74 -29.10 13.92 -6.98
C ASP A 74 -30.28 13.01 -6.65
N PHE A 75 -31.17 13.42 -5.75
CA PHE A 75 -32.30 12.58 -5.37
C PHE A 75 -33.55 13.43 -5.24
N LYS A 76 -34.65 12.89 -5.74
CA LYS A 76 -35.95 13.54 -5.75
C LYS A 76 -37.00 12.57 -5.23
N PRO A 77 -38.16 13.07 -4.80
CA PRO A 77 -39.24 12.16 -4.40
C PRO A 77 -39.60 11.22 -5.53
N GLY A 78 -39.70 9.93 -5.20
CA GLY A 78 -39.98 8.91 -6.19
C GLY A 78 -38.80 8.05 -6.59
N ASP A 79 -37.59 8.44 -6.22
CA ASP A 79 -36.41 7.65 -6.58
C ASP A 79 -36.32 6.39 -5.72
N ARG A 80 -35.83 5.32 -6.34
CA ARG A 80 -35.63 4.03 -5.70
C ARG A 80 -34.18 3.93 -5.25
N VAL A 81 -33.94 3.85 -3.95
CA VAL A 81 -32.60 3.99 -3.41
C VAL A 81 -32.24 2.83 -2.50
N VAL A 82 -30.94 2.52 -2.46
CA VAL A 82 -30.35 1.64 -1.46
C VAL A 82 -29.76 2.50 -0.36
N VAL A 83 -30.11 2.23 0.88
CA VAL A 83 -29.67 3.02 2.02
C VAL A 83 -28.60 2.23 2.76
N PRO A 84 -27.36 2.72 2.83
CA PRO A 84 -26.32 2.01 3.58
C PRO A 84 -26.58 2.03 5.07
N ALA A 85 -26.17 0.95 5.74
CA ALA A 85 -26.30 0.89 7.19
C ALA A 85 -25.47 1.97 7.87
N ALA A 86 -24.32 2.32 7.30
CA ALA A 86 -23.48 3.39 7.81
C ALA A 86 -23.74 4.65 7.01
N THR A 87 -24.25 5.69 7.67
CA THR A 87 -24.53 6.98 7.06
C THR A 87 -23.75 8.04 7.84
N PRO A 88 -22.45 8.14 7.62
CA PRO A 88 -21.61 8.99 8.46
C PRO A 88 -21.76 10.47 8.11
N ASP A 89 -21.29 11.31 9.03
CA ASP A 89 -21.11 12.72 8.76
C ASP A 89 -19.84 12.90 7.93
N TRP A 90 -19.97 13.47 6.73
CA TRP A 90 -18.86 13.53 5.80
C TRP A 90 -18.02 14.80 5.95
N ARG A 91 -18.21 15.57 7.01
CA ARG A 91 -17.49 16.83 7.21
C ARG A 91 -16.84 16.83 8.59
N THR A 92 -15.89 15.92 8.80
CA THR A 92 -15.10 15.84 10.03
C THR A 92 -13.65 15.55 9.64
N SER A 93 -12.77 15.57 10.65
CA SER A 93 -11.37 15.28 10.40
C SER A 93 -11.13 13.80 10.09
N GLU A 94 -11.89 12.91 10.73
CA GLU A 94 -11.73 11.48 10.48
C GLU A 94 -12.06 11.08 9.05
N VAL A 95 -12.91 11.86 8.37
CA VAL A 95 -13.19 11.61 6.96
C VAL A 95 -11.97 11.98 6.12
N GLN A 96 -11.28 13.07 6.47
CA GLN A 96 -10.06 13.44 5.76
C GLN A 96 -8.94 12.45 5.99
N ARG A 97 -8.99 11.65 7.06
CA ARG A 97 -8.02 10.59 7.28
C ARG A 97 -8.35 9.30 6.53
N GLY A 98 -9.54 9.21 5.94
CA GLY A 98 -9.91 8.03 5.19
C GLY A 98 -10.66 6.96 5.97
N TYR A 99 -11.27 7.31 7.09
CA TYR A 99 -12.04 6.37 7.93
C TYR A 99 -13.39 7.00 8.25
N HIS A 100 -14.28 7.00 7.25
CA HIS A 100 -15.61 7.58 7.47
C HIS A 100 -16.42 6.80 8.48
N GLN A 101 -16.13 5.50 8.65
CA GLN A 101 -16.84 4.72 9.66
C GLN A 101 -16.67 5.28 11.06
N HIS A 102 -15.60 6.05 11.30
CA HIS A 102 -15.33 6.62 12.61
C HIS A 102 -15.39 8.15 12.56
N SER A 103 -16.20 8.69 11.65
CA SER A 103 -16.36 10.13 11.50
C SER A 103 -17.07 10.68 12.72
N GLY A 104 -16.34 11.38 13.58
CA GLY A 104 -16.91 11.94 14.78
C GLY A 104 -16.80 11.08 16.02
N GLY A 105 -16.00 10.01 15.98
CA GLY A 105 -15.85 9.12 17.10
C GLY A 105 -15.80 7.66 16.69
N MET A 106 -15.40 6.78 17.61
CA MET A 106 -15.31 5.36 17.29
C MET A 106 -16.67 4.80 16.92
N LEU A 107 -16.75 4.18 15.74
CA LEU A 107 -17.97 3.58 15.20
C LEU A 107 -19.07 4.60 14.95
N ALA A 108 -18.73 5.90 14.92
CA ALA A 108 -19.74 6.95 14.79
C ALA A 108 -20.36 7.04 13.41
N GLY A 109 -19.80 6.35 12.41
CA GLY A 109 -20.46 6.29 11.11
C GLY A 109 -21.72 5.45 11.11
N TRP A 110 -21.86 4.55 12.08
CA TRP A 110 -23.05 3.73 12.25
C TRP A 110 -24.03 4.49 13.14
N LYS A 111 -25.06 5.07 12.54
CA LYS A 111 -26.03 5.89 13.25
C LYS A 111 -27.35 5.18 13.51
N PHE A 112 -27.89 4.46 12.51
CA PHE A 112 -29.18 3.80 12.66
C PHE A 112 -29.16 2.81 13.81
N SER A 113 -30.16 2.92 14.70
CA SER A 113 -30.30 2.04 15.86
C SER A 113 -29.05 2.03 16.74
N ASN A 114 -28.39 3.19 16.83
CA ASN A 114 -27.23 3.34 17.71
C ASN A 114 -27.30 4.68 18.44
N VAL A 115 -27.26 5.78 17.69
CA VAL A 115 -27.41 7.11 18.26
C VAL A 115 -28.50 7.82 17.47
N LYS A 116 -29.25 7.06 16.67
CA LYS A 116 -30.21 7.62 15.73
C LYS A 116 -31.29 6.58 15.48
N ASP A 117 -32.50 7.08 15.22
CA ASP A 117 -33.65 6.22 14.97
C ASP A 117 -33.45 5.34 13.75
N GLY A 118 -33.72 4.05 13.90
CA GLY A 118 -33.49 3.08 12.85
C GLY A 118 -34.51 3.12 11.74
N VAL A 119 -34.55 2.03 10.97
CA VAL A 119 -35.36 1.94 9.77
C VAL A 119 -36.66 1.19 9.97
N PHE A 120 -36.92 0.67 11.17
CA PHE A 120 -38.14 -0.08 11.44
C PHE A 120 -39.33 0.85 11.73
N GLY A 121 -39.62 1.72 10.76
CA GLY A 121 -40.77 2.60 10.83
C GLY A 121 -41.22 2.93 9.42
N GLU A 122 -42.43 3.51 9.33
CA GLU A 122 -42.95 3.88 8.02
C GLU A 122 -42.08 4.92 7.32
N PHE A 123 -41.32 5.70 8.08
CA PHE A 123 -40.35 6.62 7.50
C PHE A 123 -39.10 6.64 8.38
N PHE A 124 -37.98 7.03 7.78
CA PHE A 124 -36.76 7.23 8.54
C PHE A 124 -35.96 8.36 7.91
N HIS A 125 -35.00 8.87 8.67
CA HIS A 125 -34.21 10.04 8.30
C HIS A 125 -32.83 9.59 7.83
N VAL A 126 -32.42 10.08 6.66
CA VAL A 126 -31.10 9.79 6.10
C VAL A 126 -30.35 11.10 5.99
N ASN A 127 -29.27 11.23 6.75
CA ASN A 127 -28.45 12.44 6.72
C ASN A 127 -27.57 12.46 5.49
N ASP A 128 -27.45 13.65 4.88
CA ASP A 128 -26.61 13.88 3.70
C ASP A 128 -26.97 12.92 2.57
N ALA A 129 -28.15 13.15 2.00
CA ALA A 129 -28.70 12.25 1.01
C ALA A 129 -27.77 12.08 -0.18
N ASP A 130 -27.21 13.18 -0.68
CA ASP A 130 -26.34 13.12 -1.85
C ASP A 130 -25.08 12.28 -1.58
N MET A 131 -24.70 12.12 -0.32
CA MET A 131 -23.51 11.36 0.05
C MET A 131 -23.83 9.99 0.63
N ASN A 132 -25.08 9.73 1.02
CA ASN A 132 -25.41 8.49 1.73
C ASN A 132 -26.56 7.74 1.10
N LEU A 133 -26.86 7.99 -0.19
CA LEU A 133 -27.88 7.24 -0.90
C LEU A 133 -27.35 6.83 -2.26
N ALA A 134 -27.84 5.70 -2.77
CA ALA A 134 -27.50 5.22 -4.10
C ALA A 134 -28.77 4.76 -4.80
N HIS A 135 -28.89 5.11 -6.07
CA HIS A 135 -30.06 4.70 -6.84
C HIS A 135 -30.10 3.19 -7.03
N LEU A 136 -31.30 2.62 -6.93
CA LEU A 136 -31.48 1.18 -7.08
C LEU A 136 -31.94 0.86 -8.49
N PRO A 137 -31.19 0.09 -9.27
CA PRO A 137 -31.66 -0.29 -10.60
C PRO A 137 -32.87 -1.21 -10.52
N LYS A 138 -33.74 -1.08 -11.51
CA LYS A 138 -34.93 -1.93 -11.59
C LYS A 138 -34.58 -3.40 -11.73
N GLU A 139 -33.40 -3.73 -12.27
CA GLU A 139 -33.01 -5.11 -12.52
C GLU A 139 -32.69 -5.88 -11.25
N ILE A 140 -32.52 -5.20 -10.12
CA ILE A 140 -32.14 -5.83 -8.86
C ILE A 140 -33.39 -6.02 -8.01
N PRO A 141 -33.74 -7.24 -7.61
CA PRO A 141 -34.92 -7.42 -6.75
C PRO A 141 -34.67 -6.89 -5.35
N LEU A 142 -35.77 -6.63 -4.65
CA LEU A 142 -35.68 -6.02 -3.33
C LEU A 142 -34.97 -6.93 -2.33
N GLU A 143 -35.26 -8.24 -2.39
CA GLU A 143 -34.63 -9.18 -1.44
C GLU A 143 -33.12 -9.18 -1.60
N ALA A 144 -32.62 -9.10 -2.84
CA ALA A 144 -31.19 -9.07 -3.06
C ALA A 144 -30.60 -7.72 -2.67
N ALA A 145 -31.31 -6.64 -2.99
CA ALA A 145 -30.77 -5.30 -2.75
C ALA A 145 -30.62 -5.02 -1.26
N VAL A 146 -31.51 -5.55 -0.42
CA VAL A 146 -31.45 -5.26 1.01
C VAL A 146 -30.34 -6.02 1.71
N MET A 147 -29.64 -6.90 1.00
CA MET A 147 -28.44 -7.52 1.56
C MET A 147 -27.20 -6.66 1.40
N ILE A 148 -27.27 -5.63 0.55
CA ILE A 148 -26.14 -4.73 0.28
C ILE A 148 -25.85 -3.79 1.45
N PRO A 149 -26.86 -3.14 2.07
CA PRO A 149 -26.54 -2.12 3.09
C PRO A 149 -25.63 -2.58 4.20
N ASP A 150 -25.66 -3.85 4.57
CA ASP A 150 -24.90 -4.30 5.74
C ASP A 150 -24.16 -5.60 5.48
N MET A 151 -24.89 -6.65 5.10
CA MET A 151 -24.28 -7.96 4.97
C MET A 151 -23.19 -7.98 3.89
N MET A 152 -23.50 -7.46 2.71
CA MET A 152 -22.53 -7.51 1.61
C MET A 152 -21.34 -6.60 1.90
N THR A 153 -21.60 -5.37 2.35
CA THR A 153 -20.49 -4.44 2.59
C THR A 153 -19.61 -4.89 3.76
N THR A 154 -20.18 -5.55 4.77
CA THR A 154 -19.36 -6.04 5.88
C THR A 154 -18.49 -7.21 5.44
N GLY A 155 -19.11 -8.23 4.86
CA GLY A 155 -18.35 -9.40 4.43
C GLY A 155 -17.28 -9.05 3.42
N PHE A 156 -17.62 -8.20 2.44
CA PHE A 156 -16.63 -7.77 1.47
C PHE A 156 -15.52 -6.97 2.11
N HIS A 157 -15.84 -6.20 3.16
CA HIS A 157 -14.81 -5.45 3.86
C HIS A 157 -13.81 -6.39 4.54
N GLY A 158 -14.30 -7.50 5.10
CA GLY A 158 -13.40 -8.50 5.64
C GLY A 158 -12.44 -9.02 4.60
N ALA A 159 -12.94 -9.29 3.40
CA ALA A 159 -12.06 -9.73 2.31
C ALA A 159 -11.10 -8.63 1.90
N GLU A 160 -11.56 -7.37 1.89
CA GLU A 160 -10.67 -6.26 1.57
C GLU A 160 -9.56 -6.11 2.59
N LEU A 161 -9.91 -6.19 3.88
CA LEU A 161 -8.90 -6.06 4.93
C LEU A 161 -7.89 -7.20 4.88
N ALA A 162 -8.29 -8.35 4.34
CA ALA A 162 -7.44 -9.53 4.39
C ALA A 162 -6.19 -9.43 3.53
N ASP A 163 -6.14 -8.47 2.60
CA ASP A 163 -5.00 -8.30 1.70
C ASP A 163 -4.70 -9.61 0.96
N ILE A 164 -5.70 -10.07 0.21
CA ILE A 164 -5.61 -11.34 -0.50
C ILE A 164 -4.83 -11.14 -1.80
N GLU A 165 -3.77 -11.92 -1.97
CA GLU A 165 -3.07 -11.99 -3.25
C GLU A 165 -3.72 -13.05 -4.14
N LEU A 166 -3.55 -12.90 -5.44
CA LEU A 166 -4.18 -13.82 -6.39
C LEU A 166 -3.71 -15.24 -6.14
N GLY A 167 -4.67 -16.15 -5.96
CA GLY A 167 -4.38 -17.54 -5.71
C GLY A 167 -4.13 -17.92 -4.27
N ALA A 168 -4.21 -16.95 -3.35
CA ALA A 168 -3.94 -17.22 -1.96
C ALA A 168 -5.03 -18.10 -1.34
N THR A 169 -4.66 -18.77 -0.26
CA THR A 169 -5.58 -19.62 0.49
C THR A 169 -6.17 -18.81 1.64
N VAL A 170 -7.49 -18.78 1.70
CA VAL A 170 -8.22 -17.95 2.66
C VAL A 170 -9.12 -18.83 3.50
N ALA A 171 -9.08 -18.63 4.82
CA ALA A 171 -10.02 -19.26 5.72
C ALA A 171 -11.02 -18.22 6.20
N VAL A 172 -12.30 -18.60 6.22
CA VAL A 172 -13.37 -17.73 6.71
C VAL A 172 -13.96 -18.41 7.93
N LEU A 173 -13.76 -17.81 9.09
CA LEU A 173 -14.20 -18.38 10.36
C LEU A 173 -15.60 -17.88 10.66
N GLY A 174 -16.59 -18.75 10.49
CA GLY A 174 -17.97 -18.37 10.66
C GLY A 174 -18.67 -18.12 9.34
N ILE A 175 -19.77 -18.81 9.09
CA ILE A 175 -20.47 -18.66 7.81
C ILE A 175 -21.91 -18.25 8.05
N GLY A 176 -22.12 -17.26 8.92
CA GLY A 176 -23.37 -16.56 8.96
C GLY A 176 -23.49 -15.68 7.73
N PRO A 177 -24.52 -14.84 7.67
CA PRO A 177 -24.67 -13.96 6.50
C PRO A 177 -23.43 -13.12 6.21
N VAL A 178 -22.76 -12.61 7.24
CA VAL A 178 -21.53 -11.84 7.01
C VAL A 178 -20.42 -12.76 6.50
N GLY A 179 -20.26 -13.93 7.10
CA GLY A 179 -19.24 -14.85 6.65
C GLY A 179 -19.47 -15.36 5.24
N LEU A 180 -20.74 -15.56 4.87
CA LEU A 180 -21.04 -15.98 3.51
C LEU A 180 -20.65 -14.90 2.51
N MET A 181 -20.85 -13.64 2.86
CA MET A 181 -20.40 -12.57 1.98
C MET A 181 -18.88 -12.42 2.03
N ALA A 182 -18.26 -12.80 3.16
CA ALA A 182 -16.80 -12.84 3.21
C ALA A 182 -16.25 -13.93 2.29
N VAL A 183 -16.94 -15.07 2.21
CA VAL A 183 -16.54 -16.11 1.27
C VAL A 183 -16.64 -15.59 -0.17
N ALA A 184 -17.76 -14.94 -0.49
CA ALA A 184 -17.91 -14.35 -1.82
C ALA A 184 -16.89 -13.24 -2.05
N GLY A 185 -16.61 -12.45 -1.02
CA GLY A 185 -15.62 -11.39 -1.17
C GLY A 185 -14.23 -11.92 -1.47
N ALA A 186 -13.83 -13.00 -0.81
CA ALA A 186 -12.53 -13.62 -1.08
C ALA A 186 -12.47 -14.13 -2.52
N LYS A 187 -13.55 -14.74 -3.00
CA LYS A 187 -13.60 -15.15 -4.40
C LYS A 187 -13.46 -13.96 -5.33
N LEU A 188 -14.02 -12.82 -4.94
CA LEU A 188 -13.89 -11.61 -5.76
C LEU A 188 -12.49 -11.02 -5.71
N ARG A 189 -11.72 -11.32 -4.66
CA ARG A 189 -10.34 -10.89 -4.56
C ARG A 189 -9.37 -11.89 -5.16
N GLY A 190 -9.87 -12.89 -5.89
CA GLY A 190 -9.01 -13.82 -6.57
C GLY A 190 -8.45 -14.93 -5.72
N ALA A 191 -9.09 -15.25 -4.60
CA ALA A 191 -8.63 -16.35 -3.76
C ALA A 191 -8.78 -17.66 -4.51
N GLY A 192 -7.84 -18.57 -4.29
CA GLY A 192 -7.96 -19.90 -4.83
C GLY A 192 -8.75 -20.80 -3.89
N ARG A 193 -8.05 -21.45 -2.98
CA ARG A 193 -8.70 -22.29 -1.98
C ARG A 193 -9.36 -21.41 -0.92
N ILE A 194 -10.63 -21.66 -0.66
CA ILE A 194 -11.37 -20.95 0.39
C ILE A 194 -11.93 -21.99 1.35
N ILE A 195 -11.45 -21.97 2.59
CA ILE A 195 -11.86 -22.90 3.62
C ILE A 195 -12.84 -22.21 4.55
N ALA A 196 -14.07 -22.72 4.60
CA ALA A 196 -15.12 -22.14 5.42
C ALA A 196 -15.35 -22.99 6.66
N VAL A 197 -15.49 -22.32 7.80
CA VAL A 197 -15.69 -22.98 9.10
C VAL A 197 -17.11 -22.71 9.55
N GLY A 198 -17.91 -23.76 9.63
CA GLY A 198 -19.30 -23.63 10.05
C GLY A 198 -19.95 -24.99 10.19
N SER A 199 -21.16 -24.97 10.75
CA SER A 199 -21.84 -26.24 11.02
C SER A 199 -23.24 -26.34 10.46
N ARG A 200 -24.00 -25.24 10.44
CA ARG A 200 -25.40 -25.30 10.03
C ARG A 200 -25.50 -25.70 8.56
N PRO A 201 -26.31 -26.72 8.22
CA PRO A 201 -26.35 -27.20 6.83
C PRO A 201 -26.81 -26.16 5.82
N VAL A 202 -27.76 -25.30 6.18
CA VAL A 202 -28.22 -24.28 5.23
C VAL A 202 -27.11 -23.29 4.94
N CYS A 203 -26.21 -23.04 5.90
CA CYS A 203 -25.09 -22.15 5.67
C CYS A 203 -23.97 -22.85 4.92
N VAL A 204 -23.74 -24.13 5.20
CA VAL A 204 -22.71 -24.88 4.49
C VAL A 204 -23.02 -24.96 3.01
N ASP A 205 -24.30 -25.14 2.67
CA ASP A 205 -24.69 -25.20 1.26
C ASP A 205 -24.47 -23.85 0.58
N ALA A 206 -24.81 -22.75 1.24
CA ALA A 206 -24.59 -21.43 0.67
C ALA A 206 -23.11 -21.10 0.55
N ALA A 207 -22.28 -21.59 1.48
CA ALA A 207 -20.85 -21.33 1.39
C ALA A 207 -20.25 -21.94 0.13
N LYS A 208 -20.65 -23.17 -0.21
CA LYS A 208 -20.20 -23.77 -1.45
C LYS A 208 -20.67 -22.95 -2.64
N TYR A 209 -21.89 -22.41 -2.56
CA TYR A 209 -22.42 -21.61 -3.66
C TYR A 209 -21.58 -20.36 -3.89
N TYR A 210 -21.06 -19.77 -2.82
CA TYR A 210 -20.30 -18.53 -2.93
C TYR A 210 -18.81 -18.75 -3.13
N GLY A 211 -18.35 -20.00 -3.18
CA GLY A 211 -16.99 -20.26 -3.60
C GLY A 211 -16.13 -21.07 -2.67
N ALA A 212 -16.69 -21.54 -1.56
CA ALA A 212 -15.91 -22.31 -0.61
C ALA A 212 -15.50 -23.65 -1.22
N THR A 213 -14.22 -23.96 -1.14
CA THR A 213 -13.71 -25.22 -1.67
C THR A 213 -13.61 -26.30 -0.60
N ASP A 214 -13.55 -25.92 0.67
CA ASP A 214 -13.46 -26.87 1.76
C ASP A 214 -14.35 -26.38 2.90
N ILE A 215 -14.97 -27.33 3.60
CA ILE A 215 -15.82 -27.03 4.74
C ILE A 215 -15.22 -27.73 5.95
N VAL A 216 -15.00 -26.97 7.03
CA VAL A 216 -14.46 -27.51 8.26
C VAL A 216 -15.56 -27.46 9.30
N ASN A 217 -16.01 -28.63 9.73
CA ASN A 217 -17.03 -28.80 10.75
C ASN A 217 -16.36 -29.15 12.07
N TYR A 218 -16.75 -28.46 13.14
CA TYR A 218 -16.17 -28.72 14.45
C TYR A 218 -16.45 -30.15 14.92
N LYS A 219 -17.40 -30.84 14.26
CA LYS A 219 -17.73 -32.22 14.58
C LYS A 219 -16.58 -33.18 14.31
N ASP A 220 -15.58 -32.75 13.54
CA ASP A 220 -14.43 -33.58 13.24
C ASP A 220 -13.23 -33.31 14.12
N GLY A 221 -13.24 -32.24 14.92
CA GLY A 221 -12.12 -31.94 15.78
C GLY A 221 -11.86 -30.46 15.95
N PRO A 222 -10.77 -30.11 16.63
CA PRO A 222 -10.40 -28.69 16.78
C PRO A 222 -10.14 -28.06 15.42
N ILE A 223 -10.57 -26.81 15.28
CA ILE A 223 -10.47 -26.12 13.99
C ILE A 223 -9.01 -25.96 13.57
N GLU A 224 -8.14 -25.59 14.52
CA GLU A 224 -6.73 -25.39 14.18
C GLU A 224 -6.13 -26.63 13.54
N SER A 225 -6.33 -27.80 14.17
CA SER A 225 -5.75 -29.03 13.65
C SER A 225 -6.28 -29.37 12.26
N GLN A 226 -7.59 -29.18 12.05
CA GLN A 226 -8.18 -29.52 10.76
C GLN A 226 -7.61 -28.67 9.64
N ILE A 227 -7.49 -27.36 9.86
CA ILE A 227 -7.01 -26.48 8.80
C ILE A 227 -5.53 -26.71 8.54
N MET A 228 -4.74 -26.92 9.60
CA MET A 228 -3.32 -27.21 9.40
C MET A 228 -3.14 -28.52 8.64
N ASN A 229 -4.01 -29.50 8.88
CA ASN A 229 -3.94 -30.73 8.10
C ASN A 229 -4.34 -30.49 6.65
N LEU A 230 -5.37 -29.66 6.42
CA LEU A 230 -5.80 -29.38 5.06
C LEU A 230 -4.72 -28.67 4.26
N THR A 231 -4.04 -27.72 4.89
CA THR A 231 -2.97 -26.98 4.23
C THR A 231 -1.63 -27.66 4.39
N GLU A 232 -1.60 -28.89 4.88
CA GLU A 232 -0.37 -29.67 5.03
C GLU A 232 0.67 -28.92 5.86
N GLY A 233 0.22 -28.31 6.95
CA GLY A 233 1.08 -27.59 7.86
C GLY A 233 1.46 -26.19 7.44
N LYS A 234 1.07 -25.77 6.22
CA LYS A 234 1.43 -24.43 5.75
C LYS A 234 0.57 -23.34 6.37
N GLY A 235 -0.67 -23.65 6.72
CA GLY A 235 -1.61 -22.63 7.15
C GLY A 235 -2.24 -21.92 5.96
N VAL A 236 -2.94 -20.83 6.28
CA VAL A 236 -3.64 -20.05 5.29
C VAL A 236 -2.93 -18.70 5.15
N ASP A 237 -3.12 -18.07 4.00
CA ASP A 237 -2.53 -16.76 3.76
C ASP A 237 -3.29 -15.67 4.50
N ALA A 238 -4.59 -15.85 4.72
CA ALA A 238 -5.40 -14.87 5.42
C ALA A 238 -6.58 -15.59 6.05
N ALA A 239 -7.01 -15.11 7.21
CA ALA A 239 -8.20 -15.60 7.89
C ALA A 239 -9.15 -14.43 8.12
N ILE A 240 -10.42 -14.62 7.76
CA ILE A 240 -11.46 -13.62 7.96
C ILE A 240 -12.35 -14.09 9.09
N ILE A 241 -12.39 -13.33 10.18
CA ILE A 241 -13.24 -13.65 11.32
C ILE A 241 -14.60 -12.99 11.11
N ALA A 242 -15.66 -13.81 11.06
CA ALA A 242 -17.01 -13.32 10.89
C ALA A 242 -17.97 -13.95 11.89
N GLY A 243 -17.46 -14.47 13.01
CA GLY A 243 -18.30 -15.10 14.01
C GLY A 243 -17.45 -15.79 15.04
N GLY A 244 -18.12 -16.15 16.14
CA GLY A 244 -17.47 -16.86 17.23
C GLY A 244 -17.30 -15.96 18.45
N ASN A 245 -16.67 -16.56 19.47
CA ASN A 245 -16.40 -15.88 20.72
C ASN A 245 -14.99 -15.29 20.67
N ALA A 246 -14.52 -14.77 21.81
CA ALA A 246 -13.19 -14.15 21.85
C ALA A 246 -12.09 -15.15 21.48
N ASP A 247 -12.31 -16.43 21.77
CA ASP A 247 -11.30 -17.44 21.49
C ASP A 247 -11.03 -17.59 20.00
N ILE A 248 -11.96 -17.18 19.14
CA ILE A 248 -11.74 -17.34 17.71
C ILE A 248 -10.58 -16.48 17.22
N MET A 249 -10.24 -15.42 17.95
CA MET A 249 -9.06 -14.63 17.60
C MET A 249 -7.79 -15.46 17.76
N ALA A 250 -7.71 -16.25 18.82
CA ALA A 250 -6.58 -17.15 19.00
C ALA A 250 -6.51 -18.17 17.88
N THR A 251 -7.65 -18.71 17.47
CA THR A 251 -7.68 -19.67 16.37
C THR A 251 -7.17 -19.03 15.08
N ALA A 252 -7.58 -17.79 14.81
CA ALA A 252 -7.16 -17.11 13.59
C ALA A 252 -5.64 -16.94 13.56
N VAL A 253 -5.06 -16.53 14.69
CA VAL A 253 -3.61 -16.34 14.75
C VAL A 253 -2.89 -17.66 14.53
N LYS A 254 -3.45 -18.76 15.03
CA LYS A 254 -2.78 -20.05 14.95
C LYS A 254 -2.78 -20.61 13.54
N ILE A 255 -3.81 -20.32 12.74
CA ILE A 255 -3.92 -20.91 11.41
C ILE A 255 -3.31 -20.05 10.30
N VAL A 256 -3.08 -18.76 10.55
CA VAL A 256 -2.48 -17.89 9.55
C VAL A 256 -0.97 -18.08 9.55
N LYS A 257 -0.38 -18.14 8.36
CA LYS A 257 1.05 -18.32 8.25
C LYS A 257 1.77 -17.01 8.58
N PRO A 258 3.05 -17.08 8.92
CA PRO A 258 3.81 -15.84 9.16
C PRO A 258 3.75 -14.92 7.94
N GLY A 259 3.51 -13.63 8.20
CA GLY A 259 3.32 -12.66 7.16
C GLY A 259 1.89 -12.49 6.69
N GLY A 260 0.97 -13.35 7.13
CA GLY A 260 -0.40 -13.26 6.73
C GLY A 260 -1.16 -12.21 7.51
N THR A 261 -2.48 -12.19 7.28
CA THR A 261 -3.36 -11.17 7.84
C THR A 261 -4.58 -11.83 8.46
N ILE A 262 -4.94 -11.36 9.66
CA ILE A 262 -6.21 -11.70 10.29
C ILE A 262 -7.13 -10.50 10.13
N ALA A 263 -8.22 -10.67 9.40
CA ALA A 263 -9.19 -9.60 9.17
C ALA A 263 -10.46 -9.93 9.94
N ASN A 264 -10.80 -9.09 10.92
CA ASN A 264 -11.97 -9.32 11.76
C ASN A 264 -13.08 -8.35 11.38
N VAL A 265 -14.29 -8.87 11.19
CA VAL A 265 -15.48 -8.04 11.01
C VAL A 265 -16.56 -8.52 11.96
N ASN A 266 -16.16 -9.39 12.90
CA ASN A 266 -17.09 -9.88 13.91
C ASN A 266 -17.26 -8.85 15.01
N TYR A 267 -18.50 -8.68 15.47
CA TYR A 267 -18.82 -7.78 16.57
C TYR A 267 -18.78 -8.60 17.86
N PHE A 268 -17.69 -8.47 18.61
CA PHE A 268 -17.54 -9.18 19.88
C PHE A 268 -18.36 -8.46 20.95
N GLY A 269 -19.38 -9.13 21.48
CA GLY A 269 -20.29 -8.51 22.42
C GLY A 269 -19.96 -8.72 23.89
N GLU A 270 -19.19 -9.76 24.20
CA GLU A 270 -18.86 -10.09 25.57
C GLU A 270 -17.38 -10.37 25.71
N GLY A 271 -16.88 -10.23 26.94
CA GLY A 271 -15.49 -10.44 27.24
C GLY A 271 -14.72 -9.14 27.36
N GLU A 272 -13.80 -9.07 28.32
CA GLU A 272 -13.00 -7.87 28.51
C GLU A 272 -11.81 -7.83 27.56
N VAL A 273 -11.24 -8.98 27.22
CA VAL A 273 -10.00 -9.07 26.47
C VAL A 273 -10.19 -10.03 25.30
N LEU A 274 -9.63 -9.68 24.15
CA LEU A 274 -9.54 -10.58 23.02
C LEU A 274 -8.16 -11.22 23.02
N PRO A 275 -8.05 -12.55 23.17
CA PRO A 275 -6.74 -13.16 23.38
C PRO A 275 -5.94 -13.27 22.08
N VAL A 276 -4.68 -12.86 22.13
CA VAL A 276 -3.71 -13.07 21.07
C VAL A 276 -2.63 -14.00 21.62
N PRO A 277 -2.50 -15.22 21.10
CA PRO A 277 -1.53 -16.16 21.67
C PRO A 277 -0.10 -15.69 21.41
N ARG A 278 0.69 -15.63 22.48
CA ARG A 278 2.05 -15.08 22.35
C ARG A 278 2.90 -15.95 21.44
N LEU A 279 2.99 -17.25 21.74
CA LEU A 279 3.88 -18.13 20.99
C LEU A 279 3.46 -18.23 19.53
N GLU A 280 2.17 -18.42 19.27
CA GLU A 280 1.71 -18.57 17.89
C GLU A 280 1.77 -17.26 17.12
N TRP A 281 1.83 -16.12 17.82
CA TRP A 281 2.05 -14.84 17.18
C TRP A 281 3.54 -14.49 17.06
N GLY A 282 4.40 -15.50 17.15
CA GLY A 282 5.83 -15.25 17.07
C GLY A 282 6.40 -14.47 18.22
N CYS A 283 5.76 -14.54 19.39
CA CYS A 283 6.14 -13.73 20.55
C CYS A 283 6.13 -12.25 20.23
N GLY A 284 5.30 -11.85 19.27
CA GLY A 284 5.22 -10.47 18.83
C GLY A 284 5.94 -10.14 17.55
N MET A 285 6.51 -11.13 16.86
CA MET A 285 7.37 -10.84 15.71
C MET A 285 7.08 -11.74 14.50
N ALA A 286 5.87 -12.31 14.41
CA ALA A 286 5.54 -13.22 13.32
C ALA A 286 5.00 -12.51 12.08
N HIS A 287 4.94 -11.19 12.08
CA HIS A 287 4.38 -10.40 10.98
C HIS A 287 2.95 -10.82 10.63
N LYS A 288 2.18 -11.25 11.63
CA LYS A 288 0.77 -11.60 11.44
C LYS A 288 -0.08 -10.36 11.74
N THR A 289 -0.47 -9.62 10.70
CA THR A 289 -1.24 -8.40 10.87
C THR A 289 -2.68 -8.72 11.29
N ILE A 290 -3.18 -7.97 12.27
CA ILE A 290 -4.55 -8.13 12.76
C ILE A 290 -5.31 -6.84 12.47
N LYS A 291 -6.37 -6.95 11.67
CA LYS A 291 -7.24 -5.82 11.35
C LYS A 291 -8.66 -6.09 11.84
N GLY A 292 -9.35 -5.02 12.21
CA GLY A 292 -10.74 -5.13 12.60
C GLY A 292 -11.48 -3.84 12.35
N GLY A 293 -12.45 -3.85 11.44
CA GLY A 293 -13.07 -2.61 11.00
C GLY A 293 -14.57 -2.74 10.88
N LEU A 294 -15.24 -1.62 11.16
CA LEU A 294 -16.67 -1.49 10.89
C LEU A 294 -16.89 -1.40 9.38
N CYS A 295 -18.06 -1.87 8.93
CA CYS A 295 -18.34 -1.89 7.50
C CYS A 295 -18.39 -0.47 6.95
N PRO A 296 -17.83 -0.24 5.77
CA PRO A 296 -17.95 1.08 5.14
C PRO A 296 -19.37 1.34 4.67
N GLY A 297 -19.74 2.63 4.68
CA GLY A 297 -21.02 3.06 4.18
C GLY A 297 -20.90 4.16 3.15
N GLY A 298 -21.97 4.91 2.95
CA GLY A 298 -21.96 6.01 2.00
C GLY A 298 -22.41 5.59 0.61
N ARG A 299 -22.56 6.60 -0.25
CA ARG A 299 -23.09 6.38 -1.59
C ARG A 299 -22.14 5.54 -2.43
N LEU A 300 -20.86 5.91 -2.47
CA LEU A 300 -19.93 5.24 -3.38
C LEU A 300 -19.82 3.76 -3.07
N ARG A 301 -19.74 3.41 -1.79
CA ARG A 301 -19.69 2.00 -1.40
C ARG A 301 -20.92 1.26 -1.92
N MET A 302 -22.10 1.85 -1.75
CA MET A 302 -23.32 1.21 -2.24
C MET A 302 -23.33 1.12 -3.75
N GLU A 303 -22.89 2.18 -4.44
CA GLU A 303 -22.89 2.15 -5.90
C GLU A 303 -21.95 1.07 -6.42
N ARG A 304 -20.82 0.87 -5.73
CA ARG A 304 -19.86 -0.13 -6.20
C ARG A 304 -20.41 -1.54 -6.02
N LEU A 305 -21.11 -1.78 -4.90
CA LEU A 305 -21.70 -3.09 -4.68
C LEU A 305 -22.92 -3.32 -5.56
N ILE A 306 -23.68 -2.26 -5.85
CA ILE A 306 -24.80 -2.39 -6.78
C ILE A 306 -24.32 -2.83 -8.15
N ASP A 307 -23.19 -2.29 -8.61
CA ASP A 307 -22.63 -2.73 -9.88
C ASP A 307 -22.21 -4.20 -9.83
N LEU A 308 -21.67 -4.64 -8.69
CA LEU A 308 -21.29 -6.04 -8.56
C LEU A 308 -22.51 -6.95 -8.69
N VAL A 309 -23.65 -6.52 -8.15
CA VAL A 309 -24.88 -7.29 -8.31
C VAL A 309 -25.45 -7.11 -9.71
N PHE A 310 -25.39 -5.89 -10.24
CA PHE A 310 -25.97 -5.60 -11.55
C PHE A 310 -25.27 -6.39 -12.65
N TYR A 311 -23.93 -6.40 -12.64
CA TYR A 311 -23.16 -7.14 -13.63
C TYR A 311 -22.95 -8.60 -13.23
N LYS A 312 -23.72 -9.09 -12.26
CA LYS A 312 -23.79 -10.52 -11.93
C LYS A 312 -22.44 -11.05 -11.46
N ARG A 313 -21.74 -10.25 -10.65
CA ARG A 313 -20.52 -10.73 -10.01
C ARG A 313 -20.81 -11.48 -8.72
N VAL A 314 -21.92 -11.19 -8.06
CA VAL A 314 -22.31 -11.87 -6.83
C VAL A 314 -23.82 -11.80 -6.71
N ASP A 315 -24.44 -12.92 -6.33
CA ASP A 315 -25.88 -13.00 -6.16
C ASP A 315 -26.21 -13.17 -4.68
N PRO A 316 -26.58 -12.10 -3.97
CA PRO A 316 -26.87 -12.23 -2.53
C PRO A 316 -28.23 -12.82 -2.22
N SER A 317 -29.04 -13.15 -3.23
CA SER A 317 -30.37 -13.68 -2.97
C SER A 317 -30.33 -15.03 -2.26
N LYS A 318 -29.20 -15.75 -2.36
CA LYS A 318 -29.07 -17.00 -1.63
C LYS A 318 -29.07 -16.79 -0.13
N LEU A 319 -28.73 -15.58 0.34
CA LEU A 319 -28.80 -15.28 1.77
C LEU A 319 -30.23 -15.22 2.26
N VAL A 320 -31.19 -14.89 1.40
CA VAL A 320 -32.57 -14.70 1.82
C VAL A 320 -33.26 -16.05 1.85
N THR A 321 -33.61 -16.51 3.06
CA THR A 321 -34.33 -17.77 3.23
C THR A 321 -35.77 -17.60 3.65
N HIS A 322 -36.13 -16.45 4.22
CA HIS A 322 -37.48 -16.16 4.68
C HIS A 322 -37.91 -14.79 4.21
N VAL A 323 -39.14 -14.69 3.71
CA VAL A 323 -39.71 -13.44 3.21
C VAL A 323 -41.05 -13.20 3.90
N PHE A 324 -41.21 -12.02 4.47
CA PHE A 324 -42.44 -11.58 5.14
C PHE A 324 -42.99 -10.34 4.42
N ARG A 325 -44.17 -9.89 4.87
CA ARG A 325 -44.87 -8.81 4.17
C ARG A 325 -45.44 -7.71 5.07
N GLY A 326 -45.72 -7.96 6.33
CA GLY A 326 -46.38 -6.98 7.17
C GLY A 326 -45.42 -6.16 8.02
N PHE A 327 -45.89 -4.96 8.39
CA PHE A 327 -45.22 -4.21 9.45
C PHE A 327 -45.28 -4.95 10.77
N ASP A 328 -46.38 -5.68 11.01
CA ASP A 328 -46.43 -6.57 12.16
C ASP A 328 -45.44 -7.72 12.01
N ASN A 329 -45.09 -8.09 10.77
CA ASN A 329 -44.14 -9.16 10.56
C ASN A 329 -42.70 -8.72 10.78
N ILE A 330 -42.46 -7.42 10.97
CA ILE A 330 -41.14 -6.95 11.36
C ILE A 330 -40.76 -7.54 12.71
N GLU A 331 -41.72 -7.61 13.63
CA GLU A 331 -41.48 -8.25 14.92
C GLU A 331 -41.16 -9.73 14.75
N LYS A 332 -41.87 -10.41 13.84
CA LYS A 332 -41.64 -11.84 13.65
C LYS A 332 -40.27 -12.12 13.05
N ALA A 333 -39.85 -11.33 12.06
CA ALA A 333 -38.51 -11.47 11.52
C ALA A 333 -37.45 -11.18 12.57
N PHE A 334 -37.73 -10.23 13.47
CA PHE A 334 -36.83 -9.96 14.58
C PHE A 334 -36.73 -11.16 15.50
N MET A 335 -37.87 -11.78 15.81
CA MET A 335 -37.88 -12.95 16.69
C MET A 335 -37.07 -14.11 16.11
N LEU A 336 -37.04 -14.24 14.78
CA LEU A 336 -36.21 -15.27 14.17
C LEU A 336 -34.73 -15.04 14.46
N MET A 337 -34.31 -13.77 14.52
CA MET A 337 -32.92 -13.45 14.81
C MET A 337 -32.58 -13.66 16.28
N LYS A 338 -33.58 -13.60 17.16
CA LYS A 338 -33.34 -13.79 18.59
C LYS A 338 -32.94 -15.23 18.90
N ASP A 339 -33.70 -16.19 18.40
CA ASP A 339 -33.43 -17.61 18.57
C ASP A 339 -33.29 -18.22 17.19
N LYS A 340 -32.06 -18.30 16.70
CA LYS A 340 -31.70 -18.72 15.35
C LYS A 340 -32.16 -20.14 15.04
N PRO A 341 -33.14 -20.32 14.16
CA PRO A 341 -33.46 -21.66 13.69
C PRO A 341 -32.41 -22.16 12.72
N LYS A 342 -32.29 -23.49 12.63
CA LYS A 342 -31.23 -24.09 11.83
C LYS A 342 -31.40 -23.86 10.33
N ASP A 343 -32.60 -23.46 9.87
CA ASP A 343 -32.84 -23.26 8.45
C ASP A 343 -32.85 -21.79 8.04
N LEU A 344 -32.56 -20.88 8.97
CA LEU A 344 -32.59 -19.45 8.70
C LEU A 344 -31.17 -18.94 8.42
N ILE A 345 -31.04 -18.13 7.38
CA ILE A 345 -29.82 -17.36 7.15
C ILE A 345 -30.10 -15.89 7.40
N LYS A 346 -30.96 -15.29 6.57
CA LYS A 346 -31.29 -13.88 6.70
C LYS A 346 -32.75 -13.70 6.30
N PRO A 347 -33.59 -13.10 7.16
CA PRO A 347 -34.98 -12.85 6.77
C PRO A 347 -35.20 -11.45 6.22
N VAL A 348 -36.17 -11.29 5.32
CA VAL A 348 -36.47 -10.01 4.69
C VAL A 348 -37.96 -9.74 4.81
N VAL A 349 -38.31 -8.50 5.15
CA VAL A 349 -39.70 -8.06 5.25
C VAL A 349 -39.96 -7.06 4.13
N ILE A 350 -40.87 -7.41 3.22
CA ILE A 350 -41.28 -6.52 2.14
C ILE A 350 -42.46 -5.70 2.63
N LEU A 351 -42.36 -4.37 2.54
CA LEU A 351 -43.38 -3.51 3.11
C LEU A 351 -44.35 -2.95 2.08
N ALA A 352 -43.86 -2.47 0.95
CA ALA A 352 -44.74 -1.93 -0.08
C ALA A 352 -44.08 -2.01 -1.45
N FME B 1 39.48 -22.39 18.38
CN FME B 1 40.19 -22.89 17.32
O1 FME B 1 40.95 -23.88 17.42
CA FME B 1 38.60 -21.25 18.35
CB FME B 1 37.65 -21.27 17.14
CG FME B 1 36.93 -19.96 16.97
SD FME B 1 35.48 -20.27 15.98
CE FME B 1 34.20 -19.86 17.12
C FME B 1 37.75 -21.18 19.62
O FME B 1 37.04 -22.12 20.00
N LYS B 2 37.83 -20.04 20.30
CA LYS B 2 37.07 -19.82 21.53
C LYS B 2 35.78 -19.06 21.28
N GLY B 3 34.80 -19.28 22.16
CA GLY B 3 33.51 -18.63 22.04
C GLY B 3 32.73 -18.60 23.34
N PHE B 4 32.14 -17.45 23.65
CA PHE B 4 31.26 -17.34 24.81
C PHE B 4 29.91 -17.96 24.47
N ALA B 5 29.54 -19.02 25.21
CA ALA B 5 28.41 -19.84 24.84
C ALA B 5 27.47 -20.06 26.01
N MET B 6 26.24 -20.43 25.68
CA MET B 6 25.24 -20.85 26.65
C MET B 6 25.42 -22.35 26.88
N LEU B 7 25.92 -22.72 28.06
CA LEU B 7 26.14 -24.13 28.34
C LEU B 7 24.81 -24.86 28.53
N SER B 8 23.96 -24.32 29.40
CA SER B 8 22.62 -24.84 29.63
C SER B 8 21.77 -23.69 30.15
N ILE B 9 20.50 -23.99 30.44
CA ILE B 9 19.60 -22.97 30.97
C ILE B 9 20.16 -22.45 32.29
N GLY B 10 20.50 -21.16 32.31
CA GLY B 10 21.01 -20.52 33.50
C GLY B 10 22.51 -20.51 33.66
N LYS B 11 23.25 -21.10 32.71
CA LYS B 11 24.71 -21.19 32.82
C LYS B 11 25.35 -20.79 31.51
N VAL B 12 26.45 -20.04 31.61
CA VAL B 12 27.23 -19.59 30.46
C VAL B 12 28.69 -19.81 30.78
N GLY B 13 29.51 -19.84 29.73
CA GLY B 13 30.93 -20.02 29.90
C GLY B 13 31.62 -20.09 28.56
N TRP B 14 32.95 -19.98 28.62
CA TRP B 14 33.78 -20.06 27.43
C TRP B 14 33.99 -21.51 26.99
N ILE B 15 33.90 -21.75 25.69
CA ILE B 15 34.09 -23.08 25.15
C ILE B 15 35.08 -23.03 23.99
N GLU B 16 35.43 -24.21 23.50
CA GLU B 16 36.32 -24.40 22.36
C GLU B 16 35.59 -25.24 21.32
N LYS B 17 35.61 -24.76 20.08
CA LYS B 17 35.03 -25.49 18.98
C LYS B 17 36.03 -25.44 17.83
N GLU B 18 35.72 -26.15 16.76
CA GLU B 18 36.57 -26.11 15.59
C GLU B 18 36.13 -24.94 14.73
N LYS B 19 37.10 -24.24 14.16
CA LYS B 19 36.80 -23.08 13.35
C LYS B 19 35.89 -23.48 12.18
N PRO B 20 34.75 -22.83 12.01
CA PRO B 20 33.80 -23.26 10.97
C PRO B 20 34.35 -23.05 9.57
N ALA B 21 33.94 -23.93 8.67
CA ALA B 21 34.32 -23.87 7.27
C ALA B 21 33.17 -23.35 6.43
N PRO B 22 33.45 -22.47 5.47
CA PRO B 22 32.38 -21.90 4.65
C PRO B 22 32.01 -22.80 3.48
N GLY B 23 30.71 -22.88 3.20
CA GLY B 23 30.27 -23.47 1.97
C GLY B 23 30.60 -22.58 0.79
N PRO B 24 30.29 -23.05 -0.42
CA PRO B 24 30.63 -22.26 -1.61
C PRO B 24 30.02 -20.87 -1.64
N PHE B 25 28.93 -20.62 -0.94
CA PHE B 25 28.29 -19.31 -0.93
C PHE B 25 28.43 -18.57 0.39
N ASP B 26 29.13 -19.14 1.37
CA ASP B 26 29.18 -18.58 2.70
C ASP B 26 30.48 -17.83 2.92
N ALA B 27 30.59 -17.20 4.09
CA ALA B 27 31.82 -16.50 4.47
C ALA B 27 32.07 -16.70 5.96
N ILE B 28 33.35 -16.73 6.31
CA ILE B 28 33.77 -16.76 7.70
C ILE B 28 34.25 -15.36 8.07
N VAL B 29 33.73 -14.83 9.17
CA VAL B 29 34.02 -13.47 9.59
C VAL B 29 34.62 -13.50 10.99
N ARG B 30 35.67 -12.71 11.19
CA ARG B 30 36.08 -12.52 12.57
C ARG B 30 35.55 -11.18 13.08
N PRO B 31 35.04 -11.13 14.30
CA PRO B 31 34.38 -9.91 14.78
C PRO B 31 35.36 -8.82 15.15
N LEU B 32 35.02 -7.59 14.76
CA LEU B 32 35.75 -6.40 15.19
C LEU B 32 35.07 -5.67 16.33
N ALA B 33 33.74 -5.72 16.38
CA ALA B 33 32.98 -5.14 17.47
C ALA B 33 31.69 -5.94 17.62
N VAL B 34 31.35 -6.27 18.86
CA VAL B 34 30.13 -7.02 19.15
C VAL B 34 29.40 -6.35 20.30
N ALA B 35 28.11 -6.68 20.42
CA ALA B 35 27.27 -6.13 21.46
C ALA B 35 26.31 -7.21 21.94
N PRO B 36 26.09 -7.29 23.26
CA PRO B 36 25.09 -8.22 23.78
C PRO B 36 23.70 -7.61 23.67
N CYS B 37 22.69 -8.49 23.72
CA CYS B 37 21.31 -8.06 23.56
C CYS B 37 20.47 -8.64 24.68
N THR B 38 19.36 -7.94 24.99
CA THR B 38 18.44 -8.44 26.01
C THR B 38 17.85 -9.79 25.61
N SER B 39 17.78 -10.06 24.31
CA SER B 39 17.22 -11.33 23.84
C SER B 39 18.08 -12.51 24.32
N ASP B 40 19.40 -12.35 24.31
CA ASP B 40 20.27 -13.41 24.81
C ASP B 40 20.11 -13.62 26.30
N ILE B 41 19.84 -12.57 27.07
CA ILE B 41 19.57 -12.72 28.48
C ILE B 41 18.31 -13.57 28.68
N HIS B 42 17.25 -13.25 27.94
CA HIS B 42 16.01 -14.03 28.01
C HIS B 42 16.25 -15.47 27.56
N THR B 43 17.11 -15.67 26.56
CA THR B 43 17.37 -17.01 26.06
C THR B 43 18.08 -17.87 27.11
N VAL B 44 19.03 -17.28 27.83
CA VAL B 44 19.84 -18.05 28.76
C VAL B 44 19.09 -18.29 30.08
N PHE B 45 18.59 -17.22 30.69
CA PHE B 45 18.11 -17.30 32.05
C PHE B 45 16.60 -17.51 32.17
N GLU B 46 15.84 -17.24 31.12
CA GLU B 46 14.41 -17.50 31.12
C GLU B 46 13.99 -18.63 30.19
N GLY B 47 14.88 -19.12 29.33
CA GLY B 47 14.51 -20.15 28.38
C GLY B 47 13.39 -19.73 27.47
N ALA B 48 13.46 -18.50 26.93
CA ALA B 48 12.37 -17.96 26.14
C ALA B 48 12.25 -18.59 24.76
N ILE B 49 13.34 -19.16 24.24
CA ILE B 49 13.32 -19.86 22.98
C ILE B 49 13.57 -21.35 23.17
N GLY B 50 13.38 -21.85 24.38
CA GLY B 50 13.60 -23.25 24.66
C GLY B 50 15.00 -23.50 25.19
N GLU B 51 15.32 -24.78 25.32
CA GLU B 51 16.60 -25.19 25.88
C GLU B 51 17.62 -25.34 24.76
N ARG B 52 18.81 -24.80 24.99
CA ARG B 52 19.94 -24.94 24.09
C ARG B 52 21.11 -25.54 24.85
N HIS B 53 22.06 -26.11 24.10
CA HIS B 53 23.22 -26.76 24.68
C HIS B 53 24.48 -26.30 23.96
N ASN B 54 25.34 -25.58 24.69
CA ASN B 54 26.67 -25.22 24.20
C ASN B 54 26.60 -24.41 22.92
N MET B 55 25.70 -23.44 22.89
CA MET B 55 25.50 -22.56 21.74
C MET B 55 26.17 -21.22 22.01
N ILE B 56 27.06 -20.81 21.10
CA ILE B 56 27.73 -19.53 21.23
C ILE B 56 26.70 -18.41 21.06
N LEU B 57 26.78 -17.41 21.94
CA LEU B 57 25.78 -16.36 22.00
C LEU B 57 26.16 -15.20 21.07
N GLY B 58 25.27 -14.21 20.99
CA GLY B 58 25.55 -12.99 20.25
C GLY B 58 25.02 -12.99 18.82
N HIS B 59 24.39 -11.88 18.41
CA HIS B 59 23.91 -11.75 17.04
C HIS B 59 24.15 -10.34 16.49
N GLU B 60 24.87 -9.48 17.18
CA GLU B 60 25.17 -8.14 16.72
C GLU B 60 26.68 -8.01 16.57
N ALA B 61 27.15 -7.87 15.34
CA ALA B 61 28.59 -7.88 15.11
C ALA B 61 28.96 -7.11 13.87
N VAL B 62 30.04 -6.34 13.98
CA VAL B 62 30.79 -5.82 12.85
C VAL B 62 32.08 -6.63 12.79
N GLY B 63 32.46 -7.08 11.60
CA GLY B 63 33.61 -7.95 11.53
C GLY B 63 34.42 -7.75 10.27
N GLU B 64 35.44 -8.58 10.13
CA GLU B 64 36.30 -8.60 8.96
C GLU B 64 36.22 -9.98 8.31
N VAL B 65 35.96 -10.01 7.01
CA VAL B 65 35.91 -11.27 6.27
C VAL B 65 37.30 -11.88 6.24
N VAL B 66 37.39 -13.16 6.62
CA VAL B 66 38.66 -13.87 6.56
C VAL B 66 38.67 -14.98 5.51
N GLU B 67 37.52 -15.54 5.16
CA GLU B 67 37.45 -16.62 4.17
C GLU B 67 36.08 -16.60 3.52
N VAL B 68 36.04 -16.90 2.22
CA VAL B 68 34.78 -16.96 1.48
C VAL B 68 34.76 -18.25 0.65
N GLY B 69 33.54 -18.68 0.31
CA GLY B 69 33.39 -19.81 -0.57
C GLY B 69 33.76 -19.48 -1.99
N SER B 70 33.86 -20.54 -2.81
CA SER B 70 34.29 -20.37 -4.19
C SER B 70 33.30 -19.58 -5.03
N GLU B 71 32.04 -19.47 -4.59
CA GLU B 71 31.00 -18.79 -5.35
C GLU B 71 30.69 -17.39 -4.82
N VAL B 72 31.32 -16.98 -3.72
CA VAL B 72 31.11 -15.63 -3.21
C VAL B 72 31.77 -14.63 -4.15
N LYS B 73 31.01 -13.63 -4.60
CA LYS B 73 31.46 -12.73 -5.64
C LYS B 73 31.73 -11.31 -5.16
N ASP B 74 30.99 -10.81 -4.17
CA ASP B 74 31.07 -9.41 -3.79
C ASP B 74 31.88 -9.17 -2.52
N PHE B 75 32.44 -10.21 -1.91
CA PHE B 75 33.20 -10.06 -0.67
C PHE B 75 34.43 -10.95 -0.74
N LYS B 76 35.55 -10.41 -0.26
CA LYS B 76 36.86 -11.05 -0.26
C LYS B 76 37.49 -10.91 1.12
N PRO B 77 38.49 -11.74 1.42
CA PRO B 77 39.19 -11.60 2.71
C PRO B 77 39.76 -10.19 2.89
N GLY B 78 39.51 -9.62 4.06
CA GLY B 78 39.96 -8.27 4.38
C GLY B 78 38.87 -7.22 4.35
N ASP B 79 37.69 -7.55 3.81
CA ASP B 79 36.60 -6.59 3.76
C ASP B 79 35.97 -6.41 5.14
N ARG B 80 35.81 -5.15 5.55
CA ARG B 80 35.09 -4.84 6.78
C ARG B 80 33.60 -4.78 6.48
N VAL B 81 32.81 -5.52 7.25
CA VAL B 81 31.40 -5.74 6.92
C VAL B 81 30.53 -5.51 8.14
N VAL B 82 29.30 -5.08 7.89
CA VAL B 82 28.21 -5.09 8.86
C VAL B 82 27.42 -6.37 8.65
N VAL B 83 27.23 -7.14 9.72
CA VAL B 83 26.55 -8.43 9.66
C VAL B 83 25.16 -8.25 10.26
N PRO B 84 24.08 -8.46 9.49
CA PRO B 84 22.75 -8.36 10.08
C PRO B 84 22.52 -9.48 11.08
N ALA B 85 21.75 -9.17 12.12
CA ALA B 85 21.37 -10.19 13.09
C ALA B 85 20.53 -11.29 12.45
N ALA B 86 19.74 -10.93 11.44
CA ALA B 86 18.97 -11.89 10.67
C ALA B 86 19.70 -12.17 9.38
N THR B 87 20.11 -13.42 9.18
CA THR B 87 20.83 -13.86 7.98
C THR B 87 20.04 -15.00 7.36
N PRO B 88 18.94 -14.71 6.68
CA PRO B 88 18.04 -15.77 6.24
C PRO B 88 18.58 -16.52 5.03
N ASP B 89 18.03 -17.71 4.84
CA ASP B 89 18.18 -18.41 3.57
CA ASP B 89 18.17 -18.41 3.57
C ASP B 89 17.29 -17.72 2.54
N TRP B 90 17.90 -17.22 1.47
CA TRP B 90 17.18 -16.41 0.51
C TRP B 90 16.52 -17.22 -0.59
N ARG B 91 16.44 -18.54 -0.43
CA ARG B 91 15.88 -19.43 -1.45
C ARG B 91 14.76 -20.27 -0.83
N THR B 92 13.67 -19.61 -0.46
CA THR B 92 12.50 -20.26 0.12
C THR B 92 11.24 -19.63 -0.45
N SER B 93 10.09 -20.25 -0.15
CA SER B 93 8.83 -19.68 -0.61
C SER B 93 8.47 -18.42 0.15
N GLU B 94 8.81 -18.34 1.45
CA GLU B 94 8.51 -17.15 2.23
C GLU B 94 9.27 -15.93 1.72
N VAL B 95 10.41 -16.13 1.06
CA VAL B 95 11.13 -15.01 0.47
C VAL B 95 10.39 -14.47 -0.75
N GLN B 96 9.80 -15.37 -1.55
CA GLN B 96 8.98 -14.94 -2.67
C GLN B 96 7.69 -14.24 -2.21
N ARG B 97 7.26 -14.47 -0.96
CA ARG B 97 6.14 -13.73 -0.38
C ARG B 97 6.55 -12.39 0.21
N GLY B 98 7.84 -12.12 0.33
CA GLY B 98 8.30 -10.85 0.86
C GLY B 98 8.55 -10.81 2.35
N TYR B 99 8.76 -11.97 2.99
CA TYR B 99 9.01 -12.06 4.43
C TYR B 99 10.23 -12.94 4.66
N HIS B 100 11.41 -12.37 4.38
CA HIS B 100 12.66 -13.11 4.58
C HIS B 100 12.90 -13.42 6.06
N GLN B 101 12.37 -12.58 6.96
CA GLN B 101 12.52 -12.83 8.39
C GLN B 101 11.98 -14.20 8.79
N HIS B 102 11.05 -14.75 8.00
CA HIS B 102 10.44 -16.06 8.27
C HIS B 102 10.80 -17.06 7.18
N SER B 103 11.96 -16.90 6.56
CA SER B 103 12.43 -17.79 5.51
C SER B 103 12.73 -19.16 6.10
N GLY B 104 11.86 -20.14 5.82
CA GLY B 104 12.01 -21.47 6.36
C GLY B 104 11.27 -21.74 7.64
N GLY B 105 10.37 -20.85 8.07
CA GLY B 105 9.63 -21.02 9.30
C GLY B 105 9.52 -19.72 10.07
N MET B 106 8.66 -19.69 11.10
CA MET B 106 8.49 -18.47 11.87
C MET B 106 9.78 -18.09 12.57
N LEU B 107 10.22 -16.83 12.34
CA LEU B 107 11.45 -16.27 12.91
C LEU B 107 12.70 -16.99 12.43
N ALA B 108 12.59 -17.80 11.36
CA ALA B 108 13.71 -18.60 10.90
C ALA B 108 14.81 -17.78 10.24
N GLY B 109 14.56 -16.50 9.93
CA GLY B 109 15.63 -15.63 9.47
C GLY B 109 16.65 -15.30 10.54
N TRP B 110 16.28 -15.44 11.81
CA TRP B 110 17.17 -15.19 12.94
C TRP B 110 17.91 -16.49 13.25
N LYS B 111 19.18 -16.57 12.83
CA LYS B 111 19.97 -17.78 13.02
C LYS B 111 21.00 -17.67 14.14
N PHE B 112 21.73 -16.56 14.24
CA PHE B 112 22.75 -16.40 15.26
C PHE B 112 22.17 -16.56 16.67
N SER B 113 22.83 -17.40 17.47
CA SER B 113 22.40 -17.65 18.85
C SER B 113 20.95 -18.10 18.92
N ASN B 114 20.52 -18.86 17.91
CA ASN B 114 19.18 -19.43 17.88
C ASN B 114 19.26 -20.87 17.39
N VAL B 115 19.71 -21.07 16.15
CA VAL B 115 19.90 -22.40 15.59
C VAL B 115 21.34 -22.51 15.08
N LYS B 116 22.18 -21.55 15.45
CA LYS B 116 23.51 -21.43 14.90
C LYS B 116 24.40 -20.71 15.90
N ASP B 117 25.69 -21.08 15.92
CA ASP B 117 26.62 -20.43 16.83
C ASP B 117 26.69 -18.93 16.54
N GLY B 118 26.57 -18.13 17.61
CA GLY B 118 26.51 -16.69 17.47
C GLY B 118 27.81 -16.02 17.14
N VAL B 119 27.90 -14.72 17.40
CA VAL B 119 29.06 -13.93 17.00
C VAL B 119 30.07 -13.74 18.12
N PHE B 120 29.77 -14.25 19.32
CA PHE B 120 30.68 -14.10 20.47
C PHE B 120 31.78 -15.16 20.42
N GLY B 121 32.50 -15.18 19.30
CA GLY B 121 33.61 -16.10 19.14
C GLY B 121 34.66 -15.49 18.25
N GLU B 122 35.84 -16.12 18.24
CA GLU B 122 36.94 -15.59 17.44
C GLU B 122 36.59 -15.56 15.96
N PHE B 123 35.70 -16.46 15.54
CA PHE B 123 35.17 -16.46 14.18
C PHE B 123 33.72 -16.89 14.24
N PHE B 124 32.95 -16.53 13.21
CA PHE B 124 31.60 -17.04 13.08
C PHE B 124 31.28 -17.21 11.60
N HIS B 125 30.22 -17.97 11.33
CA HIS B 125 29.83 -18.37 9.99
C HIS B 125 28.67 -17.51 9.51
N VAL B 126 28.80 -16.97 8.30
CA VAL B 126 27.73 -16.19 7.67
C VAL B 126 27.29 -16.91 6.41
N ASN B 127 26.05 -17.37 6.39
CA ASN B 127 25.50 -18.06 5.23
C ASN B 127 25.10 -17.06 4.16
N ASP B 128 25.38 -17.40 2.90
CA ASP B 128 25.04 -16.58 1.74
C ASP B 128 25.60 -15.16 1.89
N ALA B 129 26.93 -15.08 1.78
CA ALA B 129 27.62 -13.83 2.04
C ALA B 129 27.13 -12.70 1.12
N ASP B 130 27.01 -12.99 -0.18
CA ASP B 130 26.62 -11.96 -1.13
C ASP B 130 25.22 -11.40 -0.84
N MET B 131 24.38 -12.14 -0.14
CA MET B 131 23.04 -11.67 0.18
C MET B 131 22.89 -11.20 1.63
N ASN B 132 23.85 -11.52 2.50
CA ASN B 132 23.69 -11.27 3.93
C ASN B 132 24.85 -10.48 4.54
N LEU B 133 25.65 -9.79 3.72
CA LEU B 133 26.71 -8.94 4.24
C LEU B 133 26.65 -7.60 3.53
N ALA B 134 27.11 -6.56 4.22
CA ALA B 134 27.19 -5.23 3.66
C ALA B 134 28.56 -4.63 3.99
N HIS B 135 29.16 -3.98 3.00
CA HIS B 135 30.45 -3.34 3.23
C HIS B 135 30.30 -2.19 4.22
N LEU B 136 31.26 -2.07 5.13
CA LEU B 136 31.24 -1.01 6.11
C LEU B 136 32.18 0.11 5.67
N PRO B 137 31.68 1.32 5.44
CA PRO B 137 32.59 2.42 5.10
C PRO B 137 33.49 2.77 6.27
N LYS B 138 34.71 3.17 5.95
CA LYS B 138 35.68 3.56 6.97
C LYS B 138 35.20 4.76 7.78
N GLU B 139 34.29 5.58 7.23
CA GLU B 139 33.82 6.78 7.90
C GLU B 139 32.92 6.50 9.10
N ILE B 140 32.42 5.27 9.26
CA ILE B 140 31.50 4.92 10.34
C ILE B 140 32.30 4.21 11.42
N PRO B 141 32.33 4.70 12.65
CA PRO B 141 33.08 4.02 13.71
C PRO B 141 32.39 2.72 14.11
N LEU B 142 33.19 1.85 14.74
CA LEU B 142 32.69 0.52 15.09
C LEU B 142 31.54 0.59 16.08
N GLU B 143 31.63 1.50 17.06
CA GLU B 143 30.59 1.61 18.08
C GLU B 143 29.25 1.93 17.44
N ALA B 144 29.23 2.81 16.45
CA ALA B 144 27.99 3.15 15.77
C ALA B 144 27.54 2.04 14.84
N ALA B 145 28.49 1.42 14.13
CA ALA B 145 28.14 0.42 13.13
C ALA B 145 27.49 -0.81 13.75
N VAL B 146 27.91 -1.18 14.98
CA VAL B 146 27.36 -2.38 15.62
C VAL B 146 25.97 -2.16 16.16
N MET B 147 25.43 -0.95 16.11
CA MET B 147 24.04 -0.72 16.45
C MET B 147 23.11 -0.99 15.26
N ILE B 148 23.65 -1.10 14.06
CA ILE B 148 22.87 -1.34 12.85
C ILE B 148 22.33 -2.77 12.77
N PRO B 149 23.12 -3.81 13.07
CA PRO B 149 22.62 -5.19 12.86
C PRO B 149 21.28 -5.50 13.50
N ASP B 150 20.97 -4.88 14.64
CA ASP B 150 19.80 -5.30 15.39
C ASP B 150 18.97 -4.11 15.90
N MET B 151 19.59 -3.23 16.70
CA MET B 151 18.83 -2.17 17.34
C MET B 151 18.20 -1.24 16.30
N MET B 152 19.01 -0.77 15.35
CA MET B 152 18.49 0.18 14.38
C MET B 152 17.45 -0.45 13.47
N THR B 153 17.74 -1.65 12.95
CA THR B 153 16.81 -2.28 12.02
C THR B 153 15.50 -2.66 12.71
N THR B 154 15.57 -3.01 14.01
CA THR B 154 14.34 -3.34 14.74
C THR B 154 13.52 -2.09 15.02
N GLY B 155 14.14 -1.07 15.62
CA GLY B 155 13.41 0.14 15.93
C GLY B 155 12.85 0.82 14.69
N PHE B 156 13.65 0.90 13.63
CA PHE B 156 13.16 1.49 12.39
C PHE B 156 12.03 0.66 11.80
N HIS B 157 12.06 -0.65 12.02
CA HIS B 157 10.98 -1.49 11.52
C HIS B 157 9.66 -1.16 12.21
N GLY B 158 9.72 -0.89 13.51
CA GLY B 158 8.53 -0.46 14.22
C GLY B 158 7.94 0.81 13.63
N ALA B 159 8.79 1.77 13.27
CA ALA B 159 8.30 2.98 12.64
C ALA B 159 7.72 2.71 11.26
N GLU B 160 8.34 1.80 10.50
CA GLU B 160 7.81 1.42 9.20
C GLU B 160 6.45 0.74 9.32
N LEU B 161 6.33 -0.19 10.27
CA LEU B 161 5.05 -0.89 10.45
C LEU B 161 3.96 0.06 10.90
N ALA B 162 4.34 1.15 11.58
CA ALA B 162 3.38 2.06 12.20
C ALA B 162 2.56 2.85 11.18
N ASP B 163 2.97 2.87 9.91
CA ASP B 163 2.27 3.60 8.85
C ASP B 163 2.09 5.07 9.22
N ILE B 164 3.22 5.73 9.46
CA ILE B 164 3.24 7.12 9.89
C ILE B 164 3.05 8.01 8.67
N GLU B 165 2.04 8.87 8.71
CA GLU B 165 1.85 9.91 7.70
C GLU B 165 2.56 11.19 8.14
N LEU B 166 2.88 12.03 7.16
CA LEU B 166 3.60 13.27 7.45
C LEU B 166 2.84 14.11 8.44
N GLY B 167 3.49 14.46 9.55
CA GLY B 167 2.90 15.27 10.59
C GLY B 167 2.11 14.52 11.63
N ALA B 168 2.03 13.19 11.54
CA ALA B 168 1.23 12.41 12.47
C ALA B 168 1.87 12.41 13.85
N THR B 169 1.04 12.14 14.85
CA THR B 169 1.48 12.03 16.25
C THR B 169 1.74 10.56 16.57
N VAL B 170 2.94 10.27 17.06
CA VAL B 170 3.40 8.90 17.29
C VAL B 170 3.78 8.76 18.76
N ALA B 171 3.32 7.67 19.38
CA ALA B 171 3.75 7.30 20.73
C ALA B 171 4.68 6.10 20.65
N VAL B 172 5.77 6.14 21.42
CA VAL B 172 6.72 5.04 21.49
C VAL B 172 6.72 4.51 22.92
N LEU B 173 6.21 3.29 23.11
CA LEU B 173 6.08 2.69 24.43
C LEU B 173 7.34 1.89 24.73
N GLY B 174 8.18 2.42 25.60
CA GLY B 174 9.46 1.80 25.91
C GLY B 174 10.59 2.50 25.18
N ILE B 175 11.58 2.96 25.92
CA ILE B 175 12.71 3.67 25.31
C ILE B 175 14.03 3.01 25.67
N GLY B 176 14.09 1.70 25.58
CA GLY B 176 15.35 1.01 25.54
C GLY B 176 16.01 1.28 24.21
N PRO B 177 17.14 0.62 23.92
CA PRO B 177 17.82 0.86 22.64
C PRO B 177 16.91 0.68 21.42
N VAL B 178 16.04 -0.34 21.43
CA VAL B 178 15.10 -0.51 20.32
C VAL B 178 14.12 0.64 20.27
N GLY B 179 13.57 1.03 21.42
CA GLY B 179 12.61 2.13 21.44
C GLY B 179 13.24 3.45 21.04
N LEU B 180 14.50 3.67 21.42
CA LEU B 180 15.17 4.89 21.02
C LEU B 180 15.33 4.94 19.50
N MET B 181 15.58 3.79 18.88
CA MET B 181 15.64 3.76 17.42
C MET B 181 14.24 3.86 16.81
N ALA B 182 13.21 3.44 17.54
CA ALA B 182 11.85 3.67 17.06
C ALA B 182 11.51 5.16 17.07
N VAL B 183 11.99 5.89 18.08
CA VAL B 183 11.80 7.34 18.10
C VAL B 183 12.51 7.98 16.91
N ALA B 184 13.77 7.59 16.69
CA ALA B 184 14.50 8.11 15.53
C ALA B 184 13.83 7.66 14.24
N GLY B 185 13.30 6.43 14.22
CA GLY B 185 12.59 5.97 13.03
C GLY B 185 11.32 6.77 12.77
N ALA B 186 10.59 7.12 13.84
CA ALA B 186 9.39 7.94 13.67
C ALA B 186 9.74 9.32 13.12
N LYS B 187 10.84 9.91 13.61
CA LYS B 187 11.32 11.17 13.04
C LYS B 187 11.67 11.03 11.57
N LEU B 188 12.19 9.87 11.17
CA LEU B 188 12.56 9.67 9.77
C LEU B 188 11.34 9.56 8.87
N ARG B 189 10.22 9.05 9.38
CA ARG B 189 9.00 8.93 8.59
CA ARG B 189 8.99 8.93 8.61
C ARG B 189 8.13 10.17 8.65
N GLY B 190 8.68 11.30 9.12
CA GLY B 190 7.95 12.55 9.08
C GLY B 190 6.98 12.79 10.22
N ALA B 191 7.17 12.12 11.35
CA ALA B 191 6.30 12.36 12.50
C ALA B 191 6.50 13.79 13.01
N GLY B 192 5.41 14.39 13.47
CA GLY B 192 5.50 15.68 14.12
C GLY B 192 5.77 15.47 15.59
N ARG B 193 4.70 15.36 16.37
CA ARG B 193 4.81 15.08 17.79
C ARG B 193 5.18 13.63 18.02
N ILE B 194 6.21 13.39 18.83
CA ILE B 194 6.63 12.04 19.22
C ILE B 194 6.60 11.97 20.73
N ILE B 195 5.73 11.14 21.27
CA ILE B 195 5.57 10.98 22.72
C ILE B 195 6.27 9.70 23.13
N ALA B 196 7.31 9.83 23.95
CA ALA B 196 8.10 8.69 24.42
C ALA B 196 7.74 8.37 25.86
N VAL B 197 7.57 7.08 26.15
CA VAL B 197 7.18 6.62 27.47
C VAL B 197 8.37 5.91 28.11
N GLY B 198 8.91 6.48 29.17
CA GLY B 198 10.03 5.89 29.87
C GLY B 198 10.35 6.67 31.12
N SER B 199 11.24 6.10 31.92
CA SER B 199 11.59 6.67 33.22
C SER B 199 13.08 6.87 33.44
N ARG B 200 13.91 5.97 32.92
CA ARG B 200 15.35 6.04 33.18
C ARG B 200 15.94 7.31 32.59
N PRO B 201 16.66 8.11 33.38
CA PRO B 201 17.14 9.41 32.86
C PRO B 201 18.07 9.29 31.66
N VAL B 202 18.91 8.26 31.62
CA VAL B 202 19.81 8.11 30.48
C VAL B 202 19.01 7.82 29.21
N CYS B 203 17.86 7.16 29.34
CA CYS B 203 17.02 6.89 28.18
C CYS B 203 16.21 8.11 27.80
N VAL B 204 15.71 8.85 28.79
CA VAL B 204 14.95 10.06 28.51
C VAL B 204 15.82 11.08 27.79
N ASP B 205 17.08 11.19 28.20
CA ASP B 205 17.99 12.12 27.54
C ASP B 205 18.23 11.70 26.09
N ALA B 206 18.41 10.40 25.86
CA ALA B 206 18.62 9.93 24.49
C ALA B 206 17.34 10.05 23.67
N ALA B 207 16.18 9.88 24.31
CA ALA B 207 14.91 10.00 23.59
C ALA B 207 14.71 11.40 23.06
N LYS B 208 15.00 12.41 23.87
CA LYS B 208 14.94 13.79 23.37
C LYS B 208 15.93 14.00 22.24
N TYR B 209 17.11 13.39 22.34
CA TYR B 209 18.13 13.54 21.31
C TYR B 209 17.64 12.99 19.98
N TYR B 210 16.88 11.90 20.00
CA TYR B 210 16.44 11.28 18.76
C TYR B 210 15.12 11.83 18.24
N GLY B 211 14.51 12.80 18.94
CA GLY B 211 13.38 13.49 18.37
C GLY B 211 12.11 13.53 19.21
N ALA B 212 12.15 12.98 20.41
CA ALA B 212 10.96 12.97 21.25
C ALA B 212 10.59 14.38 21.66
N THR B 213 9.32 14.73 21.49
CA THR B 213 8.82 16.04 21.91
C THR B 213 8.18 16.02 23.28
N ASP B 214 7.75 14.85 23.76
CA ASP B 214 7.15 14.71 25.08
C ASP B 214 7.64 13.41 25.71
N ILE B 215 7.82 13.45 27.03
CA ILE B 215 8.25 12.28 27.81
C ILE B 215 7.16 11.98 28.82
N VAL B 216 6.72 10.71 28.86
CA VAL B 216 5.70 10.29 29.82
C VAL B 216 6.36 9.35 30.80
N ASN B 217 6.44 9.78 32.05
CA ASN B 217 6.98 9.01 33.16
C ASN B 217 5.82 8.43 33.96
N TYR B 218 5.88 7.12 34.23
CA TYR B 218 4.83 6.48 35.02
C TYR B 218 4.76 7.03 36.45
N LYS B 219 5.80 7.74 36.90
CA LYS B 219 5.79 8.33 38.23
C LYS B 219 4.76 9.44 38.37
N ASP B 220 4.25 9.98 37.27
CA ASP B 220 3.25 11.03 37.30
C ASP B 220 1.82 10.52 37.16
N GLY B 221 1.63 9.24 36.84
CA GLY B 221 0.31 8.68 36.73
C GLY B 221 0.22 7.58 35.68
N PRO B 222 -0.99 7.08 35.46
CA PRO B 222 -1.17 6.05 34.42
C PRO B 222 -0.83 6.57 33.04
N ILE B 223 -0.20 5.72 32.23
CA ILE B 223 0.27 6.11 30.91
C ILE B 223 -0.90 6.48 30.01
N GLU B 224 -1.98 5.69 30.06
CA GLU B 224 -3.14 5.95 29.21
CA GLU B 224 -3.14 5.95 29.21
C GLU B 224 -3.72 7.34 29.47
N SER B 225 -3.91 7.68 30.75
CA SER B 225 -4.49 8.98 31.09
C SER B 225 -3.56 10.12 30.68
N GLN B 226 -2.25 9.96 30.92
CA GLN B 226 -1.31 11.02 30.58
C GLN B 226 -1.32 11.31 29.08
N ILE B 227 -1.32 10.26 28.26
CA ILE B 227 -1.24 10.45 26.81
C ILE B 227 -2.54 11.04 26.27
N MET B 228 -3.69 10.58 26.77
CA MET B 228 -4.96 11.16 26.35
C MET B 228 -5.07 12.63 26.74
N ASN B 229 -4.50 12.99 27.90
CA ASN B 229 -4.48 14.40 28.30
C ASN B 229 -3.56 15.22 27.40
N LEU B 230 -2.41 14.66 27.00
CA LEU B 230 -1.51 15.38 26.12
C LEU B 230 -2.14 15.63 24.75
N THR B 231 -2.83 14.63 24.22
CA THR B 231 -3.48 14.74 22.91
C THR B 231 -4.88 15.32 23.00
N GLU B 232 -5.27 15.84 24.17
CA GLU B 232 -6.59 16.46 24.36
C GLU B 232 -7.72 15.52 23.97
N GLY B 233 -7.59 14.25 24.37
CA GLY B 233 -8.62 13.27 24.09
C GLY B 233 -8.59 12.69 22.70
N LYS B 234 -7.73 13.18 21.81
CA LYS B 234 -7.70 12.69 20.44
C LYS B 234 -6.97 11.35 20.32
N GLY B 235 -6.00 11.10 21.19
CA GLY B 235 -5.14 9.95 21.04
C GLY B 235 -4.02 10.21 20.04
N VAL B 236 -3.32 9.13 19.70
CA VAL B 236 -2.20 9.22 18.77
C VAL B 236 -2.56 8.53 17.47
N ASP B 237 -1.86 8.92 16.40
CA ASP B 237 -2.06 8.29 15.10
C ASP B 237 -1.42 6.91 15.02
N ALA B 238 -0.33 6.68 15.76
CA ALA B 238 0.32 5.39 15.76
C ALA B 238 1.07 5.21 17.07
N ALA B 239 1.12 3.97 17.55
CA ALA B 239 1.89 3.61 18.74
C ALA B 239 2.87 2.51 18.38
N ILE B 240 4.12 2.68 18.78
CA ILE B 240 5.18 1.69 18.57
C ILE B 240 5.51 1.05 19.90
N ILE B 241 5.26 -0.25 20.02
CA ILE B 241 5.56 -1.00 21.24
C ILE B 241 6.99 -1.49 21.15
N ALA B 242 7.84 -1.04 22.07
CA ALA B 242 9.24 -1.45 22.07
C ALA B 242 9.73 -1.87 23.44
N GLY B 243 8.81 -2.26 24.33
CA GLY B 243 9.19 -2.69 25.66
C GLY B 243 7.98 -2.90 26.56
N GLY B 244 8.19 -3.59 27.66
CA GLY B 244 7.13 -3.88 28.62
C GLY B 244 6.70 -5.34 28.54
N ASN B 245 5.70 -5.65 29.36
CA ASN B 245 5.12 -6.98 29.40
C ASN B 245 3.87 -7.01 28.53
N ALA B 246 3.12 -8.11 28.60
CA ALA B 246 1.94 -8.29 27.76
C ALA B 246 0.91 -7.19 27.97
N ASP B 247 0.84 -6.63 29.18
CA ASP B 247 -0.15 -5.60 29.47
C ASP B 247 0.04 -4.33 28.65
N ILE B 248 1.24 -4.09 28.13
CA ILE B 248 1.48 -2.88 27.35
C ILE B 248 0.70 -2.89 26.04
N MET B 249 0.30 -4.07 25.56
CA MET B 249 -0.53 -4.14 24.36
C MET B 249 -1.89 -3.48 24.59
N ALA B 250 -2.48 -3.70 25.78
CA ALA B 250 -3.74 -3.04 26.11
C ALA B 250 -3.59 -1.53 26.14
N THR B 251 -2.47 -1.04 26.68
CA THR B 251 -2.22 0.40 26.72
C THR B 251 -2.14 0.98 25.32
N ALA B 252 -1.46 0.29 24.40
CA ALA B 252 -1.30 0.80 23.05
C ALA B 252 -2.65 0.95 22.34
N VAL B 253 -3.52 -0.04 22.49
CA VAL B 253 -4.83 0.03 21.84
C VAL B 253 -5.63 1.21 22.40
N LYS B 254 -5.48 1.49 23.70
CA LYS B 254 -6.26 2.54 24.34
C LYS B 254 -5.86 3.93 23.87
N ILE B 255 -4.58 4.13 23.51
CA ILE B 255 -4.12 5.47 23.15
C ILE B 255 -4.16 5.74 21.66
N VAL B 256 -4.25 4.71 20.82
CA VAL B 256 -4.32 4.92 19.38
C VAL B 256 -5.74 5.27 18.99
N LYS B 257 -5.89 6.25 18.12
CA LYS B 257 -7.21 6.67 17.65
C LYS B 257 -7.76 5.66 16.66
N PRO B 258 -9.08 5.66 16.45
CA PRO B 258 -9.66 4.78 15.42
C PRO B 258 -9.03 5.03 14.07
N GLY B 259 -8.67 3.94 13.38
CA GLY B 259 -7.98 4.01 12.12
C GLY B 259 -6.47 4.02 12.23
N GLY B 260 -5.91 4.14 13.44
CA GLY B 260 -4.48 4.16 13.62
C GLY B 260 -3.90 2.77 13.62
N THR B 261 -2.61 2.69 13.92
CA THR B 261 -1.85 1.44 13.86
C THR B 261 -1.05 1.25 15.13
N ILE B 262 -1.09 0.04 15.66
CA ILE B 262 -0.20 -0.39 16.74
C ILE B 262 0.88 -1.27 16.11
N ALA B 263 2.13 -0.80 16.15
CA ALA B 263 3.26 -1.53 15.59
C ALA B 263 4.12 -2.05 16.74
N ASN B 264 4.24 -3.37 16.84
CA ASN B 264 4.99 -4.00 17.91
C ASN B 264 6.30 -4.57 17.38
N VAL B 265 7.40 -4.27 18.08
CA VAL B 265 8.69 -4.89 17.80
C VAL B 265 9.29 -5.42 19.09
N ASN B 266 8.48 -5.43 20.16
CA ASN B 266 8.93 -5.95 21.45
C ASN B 266 8.88 -7.47 21.45
N TYR B 267 9.93 -8.08 22.03
CA TYR B 267 10.00 -9.53 22.16
C TYR B 267 9.38 -9.92 23.49
N PHE B 268 8.14 -10.40 23.45
CA PHE B 268 7.46 -10.85 24.65
C PHE B 268 7.98 -12.23 25.03
N GLY B 269 8.63 -12.33 26.19
CA GLY B 269 9.27 -13.57 26.57
C GLY B 269 8.42 -14.47 27.46
N GLU B 270 7.43 -13.89 28.14
CA GLU B 270 6.58 -14.63 29.06
C GLU B 270 5.12 -14.28 28.83
N GLY B 271 4.24 -15.16 29.29
CA GLY B 271 2.81 -14.99 29.15
C GLY B 271 2.23 -15.80 28.01
N GLU B 272 1.04 -16.37 28.24
CA GLU B 272 0.39 -17.17 27.21
C GLU B 272 -0.38 -16.31 26.23
N VAL B 273 -0.95 -15.19 26.68
CA VAL B 273 -1.85 -14.38 25.87
C VAL B 273 -1.42 -12.92 25.93
N LEU B 274 -1.49 -12.24 24.78
CA LEU B 274 -1.33 -10.79 24.73
C LEU B 274 -2.71 -10.15 24.70
N PRO B 275 -3.08 -9.35 25.71
CA PRO B 275 -4.46 -8.88 25.82
C PRO B 275 -4.75 -7.74 24.86
N VAL B 276 -5.88 -7.86 24.14
CA VAL B 276 -6.41 -6.79 23.31
C VAL B 276 -7.76 -6.38 23.92
N PRO B 277 -7.89 -5.15 24.43
CA PRO B 277 -9.15 -4.75 25.08
C PRO B 277 -10.29 -4.69 24.08
N ARG B 278 -11.39 -5.36 24.40
CA ARG B 278 -12.50 -5.44 23.45
C ARG B 278 -13.10 -4.07 23.17
N LEU B 279 -13.51 -3.36 24.23
CA LEU B 279 -14.20 -2.08 24.05
C LEU B 279 -13.30 -1.04 23.37
N GLU B 280 -12.05 -0.93 23.82
CA GLU B 280 -11.15 0.07 23.25
C GLU B 280 -10.69 -0.30 21.85
N TRP B 281 -10.85 -1.55 21.44
CA TRP B 281 -10.60 -1.96 20.07
C TRP B 281 -11.86 -1.84 19.21
N GLY B 282 -12.83 -1.05 19.64
CA GLY B 282 -14.08 -0.90 18.91
C GLY B 282 -14.91 -2.16 18.86
N CYS B 283 -14.77 -3.04 19.85
CA CYS B 283 -15.41 -4.35 19.87
C CYS B 283 -15.06 -5.16 18.62
N GLY B 284 -13.88 -4.88 18.06
CA GLY B 284 -13.42 -5.53 16.86
C GLY B 284 -13.55 -4.70 15.59
N MET B 285 -13.98 -3.44 15.70
CA MET B 285 -14.33 -2.68 14.50
C MET B 285 -13.76 -1.26 14.51
N ALA B 286 -12.72 -1.00 15.31
CA ALA B 286 -12.18 0.34 15.43
C ALA B 286 -11.13 0.67 14.37
N HIS B 287 -10.88 -0.24 13.43
CA HIS B 287 -9.82 -0.06 12.42
C HIS B 287 -8.47 0.23 13.07
N LYS B 288 -8.24 -0.32 14.26
CA LYS B 288 -6.94 -0.20 14.92
C LYS B 288 -6.12 -1.41 14.54
N THR B 289 -5.27 -1.25 13.52
CA THR B 289 -4.44 -2.34 13.03
C THR B 289 -3.33 -2.66 14.02
N ILE B 290 -3.10 -3.95 14.26
CA ILE B 290 -2.03 -4.42 15.13
C ILE B 290 -1.04 -5.19 14.27
N LYS B 291 0.19 -4.70 14.21
CA LYS B 291 1.28 -5.36 13.51
C LYS B 291 2.40 -5.72 14.48
N GLY B 292 3.09 -6.82 14.20
CA GLY B 292 4.23 -7.22 15.01
C GLY B 292 5.21 -8.05 14.21
N GLY B 293 6.43 -7.55 14.01
CA GLY B 293 7.37 -8.18 13.11
C GLY B 293 8.78 -8.23 13.65
N LEU B 294 9.49 -9.29 13.26
CA LEU B 294 10.92 -9.40 13.50
C LEU B 294 11.68 -8.41 12.62
N CYS B 295 12.85 -7.99 13.10
CA CYS B 295 13.63 -6.98 12.40
C CYS B 295 14.06 -7.50 11.02
N PRO B 296 14.04 -6.67 10.00
CA PRO B 296 14.56 -7.09 8.69
C PRO B 296 16.07 -7.28 8.74
N GLY B 297 16.55 -8.22 7.94
CA GLY B 297 17.96 -8.46 7.81
C GLY B 297 18.38 -8.46 6.37
N GLY B 298 19.53 -9.05 6.07
CA GLY B 298 20.02 -9.13 4.72
C GLY B 298 20.88 -7.94 4.33
N ARG B 299 21.49 -8.06 3.16
CA ARG B 299 22.44 -7.06 2.68
C ARG B 299 21.76 -5.72 2.43
N LEU B 300 20.64 -5.73 1.69
CA LEU B 300 20.01 -4.48 1.30
C LEU B 300 19.56 -3.66 2.50
N ARG B 301 18.96 -4.32 3.49
CA ARG B 301 18.53 -3.61 4.69
C ARG B 301 19.72 -2.94 5.38
N MET B 302 20.83 -3.67 5.51
CA MET B 302 22.02 -3.09 6.13
C MET B 302 22.58 -1.95 5.31
N GLU B 303 22.61 -2.10 3.99
CA GLU B 303 23.17 -1.05 3.14
C GLU B 303 22.37 0.24 3.25
N ARG B 304 21.03 0.13 3.36
CA ARG B 304 20.21 1.34 3.47
C ARG B 304 20.37 1.99 4.84
N LEU B 305 20.51 1.19 5.90
CA LEU B 305 20.74 1.79 7.21
C LEU B 305 22.14 2.36 7.34
N ILE B 306 23.12 1.75 6.66
CA ILE B 306 24.45 2.33 6.61
C ILE B 306 24.40 3.70 5.95
N ASP B 307 23.62 3.83 4.87
CA ASP B 307 23.48 5.13 4.21
C ASP B 307 22.84 6.15 5.13
N LEU B 308 21.88 5.73 5.95
CA LEU B 308 21.27 6.67 6.90
C LEU B 308 22.30 7.21 7.87
N VAL B 309 23.24 6.36 8.30
CA VAL B 309 24.31 6.82 9.18
C VAL B 309 25.34 7.62 8.40
N PHE B 310 25.67 7.16 7.20
CA PHE B 310 26.71 7.83 6.41
C PHE B 310 26.31 9.26 6.07
N TYR B 311 25.09 9.45 5.59
CA TYR B 311 24.59 10.78 5.27
C TYR B 311 24.01 11.50 6.48
N LYS B 312 24.28 11.00 7.69
CA LYS B 312 24.01 11.71 8.94
C LYS B 312 22.53 11.99 9.12
N ARG B 313 21.69 11.01 8.79
CA ARG B 313 20.28 11.08 9.10
C ARG B 313 19.99 10.59 10.52
N VAL B 314 20.83 9.72 11.05
N VAL B 314 20.83 9.72 11.05
CA VAL B 314 20.66 9.15 12.40
CA VAL B 314 20.68 9.20 12.41
C VAL B 314 22.04 8.81 12.94
C VAL B 314 22.07 8.86 12.94
N ASP B 315 22.31 9.19 14.20
CA ASP B 315 23.57 8.86 14.86
C ASP B 315 23.31 7.85 15.97
N PRO B 316 23.55 6.56 15.74
CA PRO B 316 23.28 5.56 16.78
C PRO B 316 24.32 5.50 17.88
N SER B 317 25.39 6.31 17.80
CA SER B 317 26.43 6.25 18.82
C SER B 317 25.90 6.68 20.19
N LYS B 318 24.78 7.41 20.24
CA LYS B 318 24.20 7.78 21.52
C LYS B 318 23.67 6.57 22.28
N LEU B 319 23.43 5.45 21.59
CA LEU B 319 22.97 4.25 22.26
C LEU B 319 24.08 3.59 23.08
N VAL B 320 25.34 3.80 22.69
CA VAL B 320 26.46 3.11 23.32
C VAL B 320 26.84 3.89 24.58
N THR B 321 26.65 3.27 25.74
CA THR B 321 27.00 3.88 27.01
C THR B 321 28.23 3.27 27.65
N HIS B 322 28.58 2.03 27.29
CA HIS B 322 29.73 1.33 27.83
C HIS B 322 30.51 0.72 26.68
N VAL B 323 31.83 0.88 26.71
CA VAL B 323 32.72 0.31 25.69
C VAL B 323 33.81 -0.47 26.41
N PHE B 324 34.00 -1.72 26.00
CA PHE B 324 35.04 -2.57 26.55
C PHE B 324 36.01 -2.96 25.44
N ARG B 325 37.10 -3.60 25.87
CA ARG B 325 38.21 -3.92 24.98
C ARG B 325 38.67 -5.34 25.25
N GLY B 326 38.71 -6.17 24.23
N GLY B 326 38.82 -6.12 24.20
CA GLY B 326 39.19 -7.52 24.36
CA GLY B 326 39.49 -7.41 24.33
C GLY B 326 38.05 -8.54 24.47
C GLY B 326 38.75 -8.56 23.69
N PHE B 327 38.38 -9.78 24.10
N PHE B 327 38.11 -9.36 24.53
CA PHE B 327 37.38 -10.85 24.07
CA PHE B 327 37.40 -10.58 24.16
C PHE B 327 36.89 -11.21 25.47
C PHE B 327 36.92 -11.23 25.44
N ASP B 328 37.77 -11.16 26.47
CA ASP B 328 37.39 -11.61 27.81
C ASP B 328 36.26 -10.75 28.38
N ASN B 329 36.16 -9.50 27.93
CA ASN B 329 35.13 -8.59 28.41
C ASN B 329 33.76 -8.85 27.80
N ILE B 330 33.65 -9.80 26.86
CA ILE B 330 32.33 -10.18 26.37
C ILE B 330 31.48 -10.71 27.51
N GLU B 331 32.08 -11.49 28.41
CA GLU B 331 31.33 -11.97 29.56
C GLU B 331 30.91 -10.81 30.46
N LYS B 332 31.81 -9.85 30.71
CA LYS B 332 31.46 -8.70 31.53
C LYS B 332 30.34 -7.89 30.91
N ALA B 333 30.44 -7.63 29.59
CA ALA B 333 29.39 -6.89 28.92
C ALA B 333 28.08 -7.67 28.87
N PHE B 334 28.16 -8.99 28.77
CA PHE B 334 26.95 -9.81 28.79
C PHE B 334 26.26 -9.70 30.15
N MET B 335 27.02 -9.86 31.23
CA MET B 335 26.45 -9.75 32.57
C MET B 335 25.90 -8.35 32.83
N LEU B 336 26.49 -7.33 32.19
CA LEU B 336 25.96 -5.97 32.30
C LEU B 336 24.52 -5.88 31.81
N MET B 337 24.16 -6.67 30.79
CA MET B 337 22.79 -6.68 30.29
C MET B 337 21.84 -7.41 31.22
N LYS B 338 22.35 -8.37 32.00
CA LYS B 338 21.47 -9.12 32.89
C LYS B 338 20.96 -8.25 34.02
N ASP B 339 21.85 -7.58 34.74
CA ASP B 339 21.48 -6.67 35.81
C ASP B 339 21.69 -5.25 35.30
N LYS B 340 20.71 -4.76 34.52
CA LYS B 340 20.84 -3.45 33.90
C LYS B 340 20.98 -2.31 34.90
N PRO B 341 22.14 -1.64 34.92
CA PRO B 341 22.26 -0.41 35.70
C PRO B 341 21.50 0.71 35.02
N LYS B 342 21.11 1.69 35.83
CA LYS B 342 20.26 2.78 35.35
C LYS B 342 20.96 3.67 34.33
N ASP B 343 22.28 3.57 34.20
CA ASP B 343 23.04 4.38 33.25
C ASP B 343 23.40 3.61 31.99
N LEU B 344 22.93 2.37 31.85
CA LEU B 344 23.24 1.52 30.71
C LEU B 344 22.13 1.60 29.67
N ILE B 345 22.52 1.78 28.41
CA ILE B 345 21.61 1.60 27.29
C ILE B 345 22.08 0.37 26.51
N LYS B 346 23.26 0.46 25.92
CA LYS B 346 23.80 -0.62 25.12
C LYS B 346 25.31 -0.67 25.29
N PRO B 347 25.89 -1.83 25.65
CA PRO B 347 27.35 -1.94 25.72
C PRO B 347 27.97 -2.51 24.46
N VAL B 348 29.20 -2.13 24.15
CA VAL B 348 29.91 -2.59 22.96
C VAL B 348 31.29 -3.08 23.37
N VAL B 349 31.72 -4.19 22.80
CA VAL B 349 33.04 -4.75 23.03
C VAL B 349 33.86 -4.60 21.76
N ILE B 350 34.95 -3.84 21.83
CA ILE B 350 35.83 -3.63 20.68
C ILE B 350 36.90 -4.69 20.68
N LEU B 351 37.03 -5.40 19.56
CA LEU B 351 37.98 -6.50 19.46
CA LEU B 351 37.95 -6.52 19.39
C LEU B 351 39.19 -6.07 18.63
N ALA B 352 39.97 -7.04 18.15
CA ALA B 352 41.18 -6.80 17.37
C ALA B 352 42.13 -5.88 18.13
N FME C 1 -14.38 46.11 -4.11
CN FME C 1 -14.85 47.40 -4.24
O1 FME C 1 -15.99 47.68 -4.65
CA FME C 1 -13.05 45.82 -3.64
CB FME C 1 -12.98 44.52 -2.81
CG FME C 1 -13.54 43.33 -3.54
SD FME C 1 -12.87 41.90 -2.73
CE FME C 1 -12.65 40.76 -4.05
C FME C 1 -12.04 45.69 -4.77
O FME C 1 -12.36 45.44 -5.93
N LYS C 2 -10.78 45.88 -4.41
CA LYS C 2 -9.68 45.77 -5.38
C LYS C 2 -9.12 44.36 -5.46
N GLY C 3 -8.59 44.01 -6.62
CA GLY C 3 -7.97 42.71 -6.80
C GLY C 3 -7.06 42.64 -8.01
N PHE C 4 -5.86 42.07 -7.85
CA PHE C 4 -4.96 41.84 -8.98
C PHE C 4 -5.44 40.62 -9.75
N ALA C 5 -5.81 40.81 -11.02
CA ALA C 5 -6.51 39.78 -11.75
C ALA C 5 -5.89 39.53 -13.12
N MET C 6 -6.21 38.36 -13.66
CA MET C 6 -5.88 38.00 -15.04
C MET C 6 -7.00 38.49 -15.94
N LEU C 7 -6.73 39.51 -16.75
CA LEU C 7 -7.76 40.04 -17.64
C LEU C 7 -8.04 39.06 -18.76
N SER C 8 -6.99 38.60 -19.45
CA SER C 8 -7.07 37.56 -20.46
C SER C 8 -5.69 36.93 -20.56
N ILE C 9 -5.55 35.96 -21.46
CA ILE C 9 -4.25 35.32 -21.66
C ILE C 9 -3.25 36.37 -22.09
N GLY C 10 -2.21 36.58 -21.27
CA GLY C 10 -1.19 37.54 -21.55
C GLY C 10 -1.39 38.91 -20.94
N LYS C 11 -2.47 39.11 -20.18
CA LYS C 11 -2.82 40.40 -19.62
C LYS C 11 -3.14 40.28 -18.14
N VAL C 12 -2.59 41.21 -17.35
CA VAL C 12 -2.87 41.28 -15.91
C VAL C 12 -3.06 42.76 -15.55
N GLY C 13 -3.75 42.97 -14.44
CA GLY C 13 -3.99 44.32 -13.96
C GLY C 13 -4.94 44.29 -12.78
N TRP C 14 -5.04 45.44 -12.13
CA TRP C 14 -5.95 45.60 -11.01
C TRP C 14 -7.37 45.81 -11.52
N ILE C 15 -8.34 45.12 -10.89
CA ILE C 15 -9.74 45.25 -11.25
C ILE C 15 -10.55 45.53 -9.99
N GLU C 16 -11.84 45.74 -10.18
CA GLU C 16 -12.77 45.98 -9.09
C GLU C 16 -13.91 44.97 -9.19
N LYS C 17 -14.21 44.32 -8.07
CA LYS C 17 -15.29 43.34 -8.00
C LYS C 17 -16.09 43.59 -6.73
N GLU C 18 -17.15 42.80 -6.56
CA GLU C 18 -17.98 42.88 -5.39
C GLU C 18 -17.38 42.02 -4.28
N LYS C 19 -17.42 42.54 -3.07
CA LYS C 19 -16.91 41.79 -1.93
C LYS C 19 -17.70 40.50 -1.79
N PRO C 20 -17.05 39.35 -1.72
CA PRO C 20 -17.80 38.08 -1.68
C PRO C 20 -18.57 37.94 -0.37
N ALA C 21 -19.73 37.29 -0.47
CA ALA C 21 -20.59 37.00 0.65
C ALA C 21 -20.47 35.53 1.03
N PRO C 22 -20.42 35.19 2.32
CA PRO C 22 -20.26 33.79 2.70
C PRO C 22 -21.59 33.07 2.75
N GLY C 23 -21.60 31.83 2.26
CA GLY C 23 -22.70 30.94 2.47
C GLY C 23 -22.74 30.45 3.90
N PRO C 24 -23.74 29.64 4.23
CA PRO C 24 -23.87 29.18 5.62
C PRO C 24 -22.65 28.40 6.11
N PHE C 25 -21.88 27.78 5.23
CA PHE C 25 -20.71 27.01 5.60
C PHE C 25 -19.40 27.66 5.20
N ASP C 26 -19.43 28.87 4.62
CA ASP C 26 -18.25 29.51 4.07
C ASP C 26 -17.74 30.58 5.02
N ALA C 27 -16.59 31.17 4.66
CA ALA C 27 -16.01 32.25 5.44
C ALA C 27 -15.37 33.25 4.49
N ILE C 28 -15.39 34.52 4.89
CA ILE C 28 -14.68 35.59 4.19
C ILE C 28 -13.42 35.89 4.98
N VAL C 29 -12.28 35.91 4.28
CA VAL C 29 -10.98 36.08 4.91
C VAL C 29 -10.32 37.31 4.31
N ARG C 30 -9.74 38.16 5.17
CA ARG C 30 -8.88 39.15 4.54
C ARG C 30 -7.43 38.71 4.64
N PRO C 31 -6.63 38.90 3.59
CA PRO C 31 -5.26 38.37 3.61
C PRO C 31 -4.34 39.20 4.50
N LEU C 32 -3.51 38.50 5.26
CA LEU C 32 -2.44 39.13 6.03
C LEU C 32 -1.08 39.01 5.35
N ALA C 33 -0.85 37.93 4.61
CA ALA C 33 0.36 37.73 3.83
C ALA C 33 0.01 36.85 2.65
N VAL C 34 0.53 37.20 1.48
CA VAL C 34 0.28 36.43 0.26
C VAL C 34 1.61 36.23 -0.46
N ALA C 35 1.61 35.27 -1.38
CA ALA C 35 2.78 34.96 -2.17
C ALA C 35 2.33 34.61 -3.57
N PRO C 36 3.03 35.09 -4.59
CA PRO C 36 2.73 34.66 -5.96
C PRO C 36 3.35 33.32 -6.27
N CYS C 37 2.83 32.68 -7.31
CA CYS C 37 3.24 31.34 -7.68
C CYS C 37 3.57 31.27 -9.16
N THR C 38 4.50 30.37 -9.50
CA THR C 38 4.82 30.14 -10.91
C THR C 38 3.60 29.62 -11.67
N SER C 39 2.68 28.95 -10.97
CA SER C 39 1.50 28.39 -11.63
C SER C 39 0.63 29.49 -12.24
N ASP C 40 0.51 30.63 -11.55
CA ASP C 40 -0.23 31.75 -12.12
C ASP C 40 0.45 32.30 -13.36
N ILE C 41 1.79 32.25 -13.41
CA ILE C 41 2.50 32.68 -14.61
C ILE C 41 2.13 31.79 -15.79
N HIS C 42 2.11 30.47 -15.57
CA HIS C 42 1.73 29.55 -16.63
C HIS C 42 0.28 29.77 -17.06
N THR C 43 -0.59 30.08 -16.09
CA THR C 43 -2.01 30.28 -16.41
C THR C 43 -2.22 31.54 -17.22
N VAL C 44 -1.51 32.62 -16.88
CA VAL C 44 -1.74 33.90 -17.54
C VAL C 44 -1.06 33.96 -18.90
N PHE C 45 0.24 33.69 -18.93
CA PHE C 45 1.06 33.97 -20.11
C PHE C 45 1.24 32.77 -21.03
N GLU C 46 0.97 31.55 -20.56
CA GLU C 46 1.04 30.37 -21.40
C GLU C 46 -0.33 29.77 -21.70
N GLY C 47 -1.37 30.20 -21.02
CA GLY C 47 -2.70 29.62 -21.22
C GLY C 47 -2.76 28.13 -20.99
N ALA C 48 -2.14 27.65 -19.92
CA ALA C 48 -2.03 26.21 -19.70
C ALA C 48 -3.35 25.58 -19.27
N ILE C 49 -4.25 26.35 -18.65
CA ILE C 49 -5.56 25.86 -18.26
C ILE C 49 -6.67 26.58 -19.02
N GLY C 50 -6.35 27.22 -20.13
CA GLY C 50 -7.33 27.94 -20.91
C GLY C 50 -7.41 29.41 -20.54
N GLU C 51 -8.38 30.08 -21.17
CA GLU C 51 -8.56 31.51 -21.01
C GLU C 51 -9.51 31.83 -19.88
N ARG C 52 -9.14 32.83 -19.08
CA ARG C 52 -9.96 33.35 -18.00
C ARG C 52 -10.23 34.82 -18.23
N HIS C 53 -11.25 35.34 -17.57
CA HIS C 53 -11.66 36.74 -17.70
C HIS C 53 -11.85 37.34 -16.31
N ASN C 54 -10.98 38.28 -15.96
CA ASN C 54 -11.08 39.03 -14.70
C ASN C 54 -11.15 38.09 -13.51
N MET C 55 -10.25 37.13 -13.48
CA MET C 55 -10.12 36.20 -12.38
C MET C 55 -8.97 36.69 -11.51
N ILE C 56 -9.28 37.13 -10.30
CA ILE C 56 -8.25 37.58 -9.36
CA ILE C 56 -8.21 37.61 -9.43
C ILE C 56 -7.29 36.44 -9.10
N LEU C 57 -5.99 36.72 -9.17
CA LEU C 57 -4.95 35.69 -9.08
C LEU C 57 -4.59 35.41 -7.63
N GLY C 58 -3.69 34.45 -7.43
CA GLY C 58 -3.16 34.14 -6.13
C GLY C 58 -3.88 33.00 -5.44
N HIS C 59 -3.12 32.07 -4.86
CA HIS C 59 -3.72 31.00 -4.08
C HIS C 59 -2.92 30.65 -2.83
N GLU C 60 -1.92 31.46 -2.45
CA GLU C 60 -1.12 31.20 -1.26
C GLU C 60 -1.30 32.37 -0.31
N ALA C 61 -1.98 32.14 0.81
CA ALA C 61 -2.29 33.25 1.68
C ALA C 61 -2.53 32.79 3.10
N VAL C 62 -2.05 33.58 4.06
CA VAL C 62 -2.46 33.50 5.44
CA VAL C 62 -2.44 33.51 5.46
C VAL C 62 -3.25 34.75 5.76
N GLY C 63 -4.44 34.57 6.34
CA GLY C 63 -5.36 35.67 6.49
C GLY C 63 -6.04 35.70 7.85
N GLU C 64 -6.94 36.68 7.98
CA GLU C 64 -7.76 36.85 9.16
C GLU C 64 -9.23 36.71 8.76
N VAL C 65 -9.96 35.87 9.48
CA VAL C 65 -11.39 35.72 9.21
C VAL C 65 -12.10 37.00 9.58
N VAL C 66 -12.92 37.50 8.65
CA VAL C 66 -13.72 38.69 8.89
C VAL C 66 -15.21 38.38 8.97
N GLU C 67 -15.68 37.31 8.34
CA GLU C 67 -17.08 36.95 8.37
C GLU C 67 -17.21 35.46 8.15
N VAL C 68 -18.18 34.84 8.82
CA VAL C 68 -18.44 33.41 8.68
C VAL C 68 -19.93 33.20 8.48
N GLY C 69 -20.27 32.06 7.88
CA GLY C 69 -21.65 31.66 7.75
C GLY C 69 -22.24 31.22 9.07
N SER C 70 -23.57 31.07 9.06
CA SER C 70 -24.29 30.70 10.27
C SER C 70 -23.96 29.30 10.75
N GLU C 71 -23.44 28.44 9.88
CA GLU C 71 -23.12 27.05 10.23
C GLU C 71 -21.64 26.82 10.48
N VAL C 72 -20.80 27.84 10.32
CA VAL C 72 -19.38 27.68 10.62
C VAL C 72 -19.22 27.59 12.12
N LYS C 73 -18.54 26.53 12.59
CA LYS C 73 -18.47 26.23 14.01
C LYS C 73 -17.09 26.43 14.62
N ASP C 74 -16.01 26.21 13.88
CA ASP C 74 -14.67 26.23 14.44
C ASP C 74 -13.90 27.51 14.15
N PHE C 75 -14.49 28.46 13.43
CA PHE C 75 -13.79 29.69 13.06
C PHE C 75 -14.73 30.87 13.23
N LYS C 76 -14.20 31.95 13.76
CA LYS C 76 -14.95 33.16 14.06
C LYS C 76 -14.20 34.36 13.51
N PRO C 77 -14.89 35.50 13.33
CA PRO C 77 -14.18 36.71 12.89
C PRO C 77 -13.04 37.06 13.84
N GLY C 78 -11.87 37.32 13.26
CA GLY C 78 -10.69 37.64 14.03
C GLY C 78 -9.69 36.52 14.14
N ASP C 79 -10.05 35.30 13.77
CA ASP C 79 -9.12 34.17 13.83
C ASP C 79 -8.11 34.28 12.71
N ARG C 80 -6.83 34.11 13.04
CA ARG C 80 -5.75 34.06 12.05
C ARG C 80 -5.61 32.63 11.56
N VAL C 81 -5.71 32.43 10.26
CA VAL C 81 -5.82 31.09 9.69
C VAL C 81 -4.84 30.93 8.54
N VAL C 82 -4.40 29.69 8.34
CA VAL C 82 -3.67 29.30 7.14
C VAL C 82 -4.69 28.73 6.15
N VAL C 83 -4.71 29.26 4.94
CA VAL C 83 -5.68 28.88 3.92
C VAL C 83 -4.95 28.02 2.90
N PRO C 84 -5.33 26.75 2.74
CA PRO C 84 -4.68 25.92 1.73
C PRO C 84 -5.01 26.39 0.33
N ALA C 85 -4.05 26.21 -0.58
CA ALA C 85 -4.29 26.55 -1.98
C ALA C 85 -5.41 25.71 -2.56
N ALA C 86 -5.54 24.46 -2.12
CA ALA C 86 -6.62 23.58 -2.54
C ALA C 86 -7.70 23.58 -1.47
N THR C 87 -8.89 24.07 -1.82
CA THR C 87 -10.05 24.14 -0.93
C THR C 87 -11.20 23.39 -1.60
N PRO C 88 -11.19 22.07 -1.56
CA PRO C 88 -12.18 21.31 -2.33
C PRO C 88 -13.56 21.30 -1.69
N ASP C 89 -14.55 21.01 -2.53
CA ASP C 89 -15.86 20.61 -2.04
C ASP C 89 -15.75 19.20 -1.44
N TRP C 90 -16.05 19.07 -0.16
CA TRP C 90 -15.85 17.81 0.53
C TRP C 90 -17.04 16.85 0.43
N ARG C 91 -18.07 17.21 -0.33
CA ARG C 91 -19.27 16.40 -0.47
CA ARG C 91 -19.28 16.41 -0.48
C ARG C 91 -19.44 16.01 -1.94
N THR C 92 -18.50 15.20 -2.45
CA THR C 92 -18.55 14.71 -3.82
C THR C 92 -18.17 13.24 -3.85
N SER C 93 -18.35 12.61 -5.01
CA SER C 93 -17.96 11.22 -5.17
C SER C 93 -16.44 11.05 -5.22
N GLU C 94 -15.72 12.03 -5.78
CA GLU C 94 -14.27 11.95 -5.84
CA GLU C 94 -14.27 11.95 -5.84
C GLU C 94 -13.63 12.04 -4.46
N VAL C 95 -14.32 12.65 -3.49
CA VAL C 95 -13.82 12.66 -2.12
C VAL C 95 -13.97 11.28 -1.48
N GLN C 96 -15.07 10.58 -1.79
CA GLN C 96 -15.26 9.23 -1.29
C GLN C 96 -14.26 8.24 -1.89
N ARG C 97 -13.66 8.57 -3.06
CA ARG C 97 -12.59 7.76 -3.63
C ARG C 97 -11.23 8.07 -3.04
N GLY C 98 -11.12 9.14 -2.25
CA GLY C 98 -9.85 9.49 -1.63
C GLY C 98 -8.98 10.46 -2.42
N TYR C 99 -9.57 11.23 -3.34
CA TYR C 99 -8.83 12.20 -4.15
C TYR C 99 -9.60 13.53 -4.10
N HIS C 100 -9.47 14.22 -2.97
CA HIS C 100 -10.15 15.49 -2.80
C HIS C 100 -9.61 16.56 -3.76
N GLN C 101 -8.36 16.42 -4.20
CA GLN C 101 -7.81 17.37 -5.16
C GLN C 101 -8.62 17.43 -6.45
N HIS C 102 -9.36 16.38 -6.77
CA HIS C 102 -10.17 16.33 -7.97
C HIS C 102 -11.65 16.24 -7.65
N SER C 103 -12.04 16.80 -6.50
CA SER C 103 -13.43 16.79 -6.06
C SER C 103 -14.27 17.64 -7.00
N GLY C 104 -15.10 16.99 -7.81
CA GLY C 104 -15.92 17.67 -8.79
C GLY C 104 -15.33 17.79 -10.17
N GLY C 105 -14.22 17.12 -10.45
CA GLY C 105 -13.56 17.20 -11.74
C GLY C 105 -12.05 17.26 -11.61
N MET C 106 -11.35 17.07 -12.72
CA MET C 106 -9.90 17.09 -12.68
C MET C 106 -9.40 18.45 -12.22
N LEU C 107 -8.58 18.44 -11.17
CA LEU C 107 -7.99 19.62 -10.54
C LEU C 107 -9.04 20.53 -9.91
N ALA C 108 -10.29 20.05 -9.74
CA ALA C 108 -11.37 20.90 -9.27
C ALA C 108 -11.26 21.23 -7.79
N GLY C 109 -10.39 20.56 -7.03
CA GLY C 109 -10.12 20.98 -5.67
C GLY C 109 -9.33 22.27 -5.58
N TRP C 110 -8.61 22.60 -6.65
CA TRP C 110 -7.86 23.85 -6.75
C TRP C 110 -8.81 24.90 -7.34
N LYS C 111 -9.32 25.77 -6.48
CA LYS C 111 -10.30 26.77 -6.91
C LYS C 111 -9.71 28.16 -7.08
N PHE C 112 -8.88 28.61 -6.13
CA PHE C 112 -8.29 29.94 -6.19
C PHE C 112 -7.46 30.11 -7.46
N SER C 113 -7.74 31.18 -8.21
CA SER C 113 -7.03 31.50 -9.44
C SER C 113 -7.09 30.32 -10.43
N ASN C 114 -8.21 29.61 -10.43
CA ASN C 114 -8.47 28.54 -11.39
C ASN C 114 -9.90 28.62 -11.87
N VAL C 115 -10.85 28.42 -10.94
CA VAL C 115 -12.27 28.54 -11.26
C VAL C 115 -12.93 29.49 -10.26
N LYS C 116 -12.11 30.24 -9.53
CA LYS C 116 -12.61 31.06 -8.43
C LYS C 116 -11.66 32.22 -8.21
N ASP C 117 -12.20 33.34 -7.78
CA ASP C 117 -11.37 34.52 -7.50
C ASP C 117 -10.36 34.18 -6.43
N GLY C 118 -9.09 34.51 -6.71
CA GLY C 118 -7.98 34.17 -5.83
C GLY C 118 -7.89 35.04 -4.59
N VAL C 119 -6.70 35.04 -3.99
CA VAL C 119 -6.47 35.71 -2.71
C VAL C 119 -5.82 37.07 -2.88
N PHE C 120 -5.47 37.49 -4.09
CA PHE C 120 -4.86 38.79 -4.32
C PHE C 120 -5.93 39.89 -4.39
N GLY C 121 -6.71 39.97 -3.31
CA GLY C 121 -7.75 40.96 -3.20
C GLY C 121 -7.96 41.35 -1.75
N GLU C 122 -8.75 42.40 -1.55
CA GLU C 122 -9.00 42.88 -0.19
C GLU C 122 -9.70 41.82 0.64
N PHE C 123 -10.50 40.97 0.01
CA PHE C 123 -11.14 39.84 0.67
C PHE C 123 -11.22 38.68 -0.33
N PHE C 124 -11.36 37.47 0.20
CA PHE C 124 -11.61 36.33 -0.65
C PHE C 124 -12.52 35.35 0.07
N HIS C 125 -13.10 34.45 -0.71
CA HIS C 125 -14.11 33.51 -0.25
C HIS C 125 -13.49 32.14 -0.01
N VAL C 126 -13.77 31.55 1.14
CA VAL C 126 -13.30 30.20 1.46
C VAL C 126 -14.53 29.32 1.65
N ASN C 127 -14.69 28.33 0.77
CA ASN C 127 -15.80 27.39 0.88
C ASN C 127 -15.52 26.36 1.95
N ASP C 128 -16.54 26.04 2.73
CA ASP C 128 -16.47 25.03 3.79
C ASP C 128 -15.32 25.34 4.75
N ALA C 129 -15.51 26.40 5.53
CA ALA C 129 -14.46 26.92 6.40
C ALA C 129 -13.98 25.86 7.39
N ASP C 130 -14.91 25.17 8.05
CA ASP C 130 -14.54 24.17 9.05
C ASP C 130 -13.72 23.02 8.45
N MET C 131 -13.81 22.80 7.15
CA MET C 131 -13.07 21.74 6.50
C MET C 131 -11.86 22.23 5.70
N ASN C 132 -11.77 23.53 5.44
CA ASN C 132 -10.75 24.06 4.54
C ASN C 132 -9.94 25.20 5.17
N LEU C 133 -9.96 25.34 6.50
CA LEU C 133 -9.16 26.34 7.18
C LEU C 133 -8.45 25.68 8.35
N ALA C 134 -7.29 26.22 8.71
CA ALA C 134 -6.54 25.75 9.86
C ALA C 134 -6.07 26.95 10.67
N HIS C 135 -6.17 26.83 11.99
CA HIS C 135 -5.71 27.89 12.87
C HIS C 135 -4.20 28.05 12.78
N LEU C 136 -3.74 29.29 12.80
CA LEU C 136 -2.31 29.57 12.73
C LEU C 136 -1.79 29.83 14.13
N PRO C 137 -0.85 29.02 14.63
CA PRO C 137 -0.27 29.29 15.94
C PRO C 137 0.55 30.57 15.92
N LYS C 138 0.54 31.28 17.05
CA LYS C 138 1.33 32.50 17.17
C LYS C 138 2.82 32.23 17.01
N GLU C 139 3.26 31.00 17.24
CA GLU C 139 4.68 30.67 17.18
C GLU C 139 5.23 30.67 15.76
N ILE C 140 4.37 30.63 14.75
CA ILE C 140 4.79 30.57 13.35
C ILE C 140 4.65 31.96 12.74
N PRO C 141 5.72 32.58 12.25
CA PRO C 141 5.58 33.91 11.63
C PRO C 141 4.89 33.84 10.29
N LEU C 142 4.40 35.00 9.84
CA LEU C 142 3.60 35.04 8.62
C LEU C 142 4.42 34.63 7.40
N GLU C 143 5.68 35.05 7.32
CA GLU C 143 6.51 34.72 6.15
C GLU C 143 6.67 33.21 6.01
N ALA C 144 6.84 32.51 7.13
CA ALA C 144 6.98 31.06 7.08
C ALA C 144 5.63 30.40 6.85
N ALA C 145 4.57 30.91 7.48
CA ALA C 145 3.28 30.25 7.41
C ALA C 145 2.73 30.24 5.99
N VAL C 146 3.01 31.29 5.20
CA VAL C 146 2.47 31.37 3.84
C VAL C 146 3.19 30.43 2.88
N MET C 147 4.23 29.73 3.34
CA MET C 147 4.85 28.67 2.55
C MET C 147 4.11 27.35 2.67
N ILE C 148 3.24 27.21 3.67
CA ILE C 148 2.50 25.99 3.92
C ILE C 148 1.37 25.77 2.91
N PRO C 149 0.57 26.79 2.55
CA PRO C 149 -0.61 26.53 1.69
C PRO C 149 -0.31 25.81 0.39
N ASP C 150 0.87 26.01 -0.20
CA ASP C 150 1.13 25.51 -1.54
C ASP C 150 2.50 24.85 -1.64
N MET C 151 3.56 25.59 -1.32
CA MET C 151 4.91 25.09 -1.54
C MET C 151 5.19 23.85 -0.69
N MET C 152 4.90 23.92 0.60
CA MET C 152 5.21 22.80 1.48
C MET C 152 4.34 21.58 1.17
N THR C 153 3.04 21.78 0.98
CA THR C 153 2.17 20.65 0.71
C THR C 153 2.45 20.01 -0.64
N THR C 154 2.86 20.80 -1.64
CA THR C 154 3.18 20.24 -2.94
C THR C 154 4.50 19.46 -2.88
N GLY C 155 5.55 20.09 -2.36
CA GLY C 155 6.83 19.42 -2.27
C GLY C 155 6.77 18.16 -1.43
N PHE C 156 6.09 18.22 -0.28
CA PHE C 156 5.93 17.02 0.54
C PHE C 156 5.10 15.97 -0.19
N HIS C 157 4.15 16.40 -1.03
CA HIS C 157 3.35 15.43 -1.78
C HIS C 157 4.22 14.68 -2.77
N GLY C 158 5.19 15.36 -3.39
CA GLY C 158 6.11 14.65 -4.26
C GLY C 158 6.86 13.56 -3.55
N ALA C 159 7.32 13.84 -2.32
CA ALA C 159 8.00 12.82 -1.54
C ALA C 159 7.05 11.70 -1.13
N GLU C 160 5.80 12.04 -0.81
CA GLU C 160 4.81 11.02 -0.47
C GLU C 160 4.54 10.11 -1.66
N LEU C 161 4.38 10.70 -2.85
CA LEU C 161 4.13 9.91 -4.05
C LEU C 161 5.32 9.02 -4.39
N ALA C 162 6.52 9.42 -4.00
CA ALA C 162 7.74 8.72 -4.42
C ALA C 162 7.87 7.33 -3.81
N ASP C 163 7.08 6.98 -2.80
CA ASP C 163 7.15 5.68 -2.14
C ASP C 163 8.57 5.38 -1.67
N ILE C 164 9.10 6.29 -0.86
CA ILE C 164 10.48 6.21 -0.40
C ILE C 164 10.58 5.22 0.76
N GLU C 165 11.50 4.27 0.64
CA GLU C 165 11.85 3.38 1.75
CA GLU C 165 11.83 3.40 1.76
C GLU C 165 13.03 3.97 2.53
N LEU C 166 13.14 3.55 3.78
CA LEU C 166 14.19 4.06 4.66
C LEU C 166 15.57 3.81 4.06
N GLY C 167 16.35 4.88 3.93
CA GLY C 167 17.68 4.79 3.37
C GLY C 167 17.76 4.85 1.86
N ALA C 168 16.63 5.01 1.17
CA ALA C 168 16.64 5.01 -0.29
C ALA C 168 17.32 6.27 -0.83
N THR C 169 17.80 6.16 -2.07
CA THR C 169 18.43 7.27 -2.76
C THR C 169 17.39 7.97 -3.62
N VAL C 170 17.24 9.28 -3.41
CA VAL C 170 16.19 10.06 -4.05
C VAL C 170 16.84 11.18 -4.83
N ALA C 171 16.40 11.36 -6.07
CA ALA C 171 16.78 12.51 -6.89
C ALA C 171 15.61 13.48 -6.96
N VAL C 172 15.91 14.77 -6.84
CA VAL C 172 14.92 15.83 -6.95
C VAL C 172 15.30 16.69 -8.14
N LEU C 173 14.51 16.62 -9.21
CA LEU C 173 14.80 17.34 -10.45
C LEU C 173 14.13 18.70 -10.37
N GLY C 174 14.93 19.74 -10.14
CA GLY C 174 14.41 21.09 -9.99
C GLY C 174 14.35 21.50 -8.53
N ILE C 175 14.99 22.61 -8.18
CA ILE C 175 15.01 23.06 -6.79
C ILE C 175 14.52 24.49 -6.68
N GLY C 176 13.40 24.79 -7.33
CA GLY C 176 12.62 25.95 -7.00
C GLY C 176 11.95 25.72 -5.65
N PRO C 177 11.08 26.63 -5.23
CA PRO C 177 10.43 26.45 -3.91
C PRO C 177 9.75 25.10 -3.74
N VAL C 178 9.09 24.58 -4.77
CA VAL C 178 8.47 23.25 -4.66
C VAL C 178 9.54 22.18 -4.55
N GLY C 179 10.58 22.26 -5.38
CA GLY C 179 11.64 21.26 -5.32
C GLY C 179 12.39 21.26 -4.00
N LEU C 180 12.59 22.44 -3.42
CA LEU C 180 13.26 22.52 -2.13
C LEU C 180 12.43 21.83 -1.04
N MET C 181 11.11 21.95 -1.11
CA MET C 181 10.26 21.23 -0.17
C MET C 181 10.20 19.75 -0.49
N ALA C 182 10.43 19.36 -1.76
CA ALA C 182 10.57 17.95 -2.07
C ALA C 182 11.84 17.38 -1.44
N VAL C 183 12.90 18.18 -1.39
CA VAL C 183 14.12 17.77 -0.69
C VAL C 183 13.83 17.59 0.79
N ALA C 184 13.16 18.56 1.41
CA ALA C 184 12.79 18.43 2.81
C ALA C 184 11.82 17.28 3.02
N GLY C 185 10.88 17.10 2.10
CA GLY C 185 9.94 15.98 2.23
C GLY C 185 10.63 14.64 2.13
N ALA C 186 11.59 14.51 1.22
CA ALA C 186 12.33 13.26 1.10
C ALA C 186 13.10 12.96 2.38
N LYS C 187 13.71 13.98 2.98
CA LYS C 187 14.36 13.80 4.27
C LYS C 187 13.35 13.37 5.32
N LEU C 188 12.13 13.90 5.26
CA LEU C 188 11.07 13.52 6.18
C LEU C 188 10.49 12.15 5.89
N ARG C 189 10.90 11.50 4.80
CA ARG C 189 10.48 10.13 4.54
CA ARG C 189 10.48 10.12 4.52
C ARG C 189 11.62 9.14 4.73
N GLY C 190 12.71 9.57 5.36
CA GLY C 190 13.82 8.68 5.67
C GLY C 190 14.78 8.44 4.54
N ALA C 191 14.82 9.32 3.54
CA ALA C 191 15.76 9.15 2.45
C ALA C 191 17.19 9.29 2.97
N GLY C 192 18.09 8.52 2.38
CA GLY C 192 19.50 8.67 2.69
C GLY C 192 20.13 9.72 1.80
N ARG C 193 20.64 9.29 0.65
CA ARG C 193 21.22 10.22 -0.30
C ARG C 193 20.12 11.00 -1.02
N ILE C 194 20.27 12.31 -1.07
CA ILE C 194 19.34 13.17 -1.81
C ILE C 194 20.15 13.96 -2.82
N ILE C 195 19.91 13.71 -4.11
CA ILE C 195 20.62 14.36 -5.20
C ILE C 195 19.71 15.46 -5.74
N ALA C 196 20.14 16.72 -5.63
CA ALA C 196 19.35 17.85 -6.08
C ALA C 196 19.91 18.37 -7.40
N VAL C 197 19.01 18.61 -8.36
CA VAL C 197 19.40 19.08 -9.69
C VAL C 197 18.94 20.52 -9.84
N GLY C 198 19.91 21.42 -9.96
CA GLY C 198 19.62 22.83 -10.12
C GLY C 198 20.89 23.59 -10.38
N SER C 199 20.74 24.86 -10.70
CA SER C 199 21.89 25.68 -11.05
C SER C 199 22.00 26.96 -10.24
N ARG C 200 20.86 27.57 -9.88
CA ARG C 200 20.87 28.85 -9.20
C ARG C 200 21.51 28.71 -7.81
N PRO C 201 22.52 29.53 -7.49
CA PRO C 201 23.22 29.36 -6.20
C PRO C 201 22.33 29.55 -4.99
N VAL C 202 21.38 30.48 -5.05
CA VAL C 202 20.50 30.68 -3.92
C VAL C 202 19.63 29.44 -3.70
N CYS C 203 19.32 28.72 -4.77
CA CYS C 203 18.57 27.48 -4.63
C CYS C 203 19.45 26.34 -4.19
N VAL C 204 20.68 26.27 -4.70
CA VAL C 204 21.62 25.24 -4.30
C VAL C 204 21.92 25.36 -2.81
N ASP C 205 22.05 26.58 -2.30
CA ASP C 205 22.30 26.78 -0.88
C ASP C 205 21.12 26.28 -0.05
N ALA C 206 19.89 26.58 -0.48
CA ALA C 206 18.72 26.11 0.25
C ALA C 206 18.56 24.59 0.14
N ALA C 207 18.93 24.00 -0.99
CA ALA C 207 18.84 22.55 -1.13
C ALA C 207 19.74 21.85 -0.13
N LYS C 208 20.96 22.35 0.04
CA LYS C 208 21.84 21.80 1.06
C LYS C 208 21.25 21.98 2.45
N TYR C 209 20.59 23.12 2.70
CA TYR C 209 19.99 23.35 4.01
C TYR C 209 18.87 22.35 4.29
N TYR C 210 18.09 21.99 3.27
CA TYR C 210 16.95 21.09 3.48
C TYR C 210 17.31 19.62 3.35
N GLY C 211 18.57 19.29 3.07
CA GLY C 211 18.98 17.91 3.14
C GLY C 211 19.66 17.33 1.91
N ALA C 212 19.90 18.14 0.89
CA ALA C 212 20.55 17.63 -0.31
C ALA C 212 21.98 17.24 0.01
N THR C 213 22.37 16.04 -0.39
CA THR C 213 23.73 15.55 -0.19
C THR C 213 24.60 15.74 -1.42
N ASP C 214 24.01 15.89 -2.59
CA ASP C 214 24.73 16.09 -3.84
C ASP C 214 24.00 17.11 -4.69
N ILE C 215 24.76 17.92 -5.42
CA ILE C 215 24.22 18.93 -6.31
C ILE C 215 24.67 18.60 -7.73
N VAL C 216 23.71 18.50 -8.64
CA VAL C 216 23.95 18.27 -10.06
C VAL C 216 23.49 19.50 -10.83
N ASN C 217 24.41 20.16 -11.52
CA ASN C 217 24.07 21.33 -12.32
C ASN C 217 23.84 20.89 -13.75
N TYR C 218 22.61 21.07 -14.26
CA TYR C 218 22.33 20.65 -15.63
C TYR C 218 23.05 21.52 -16.66
N LYS C 219 23.43 22.74 -16.29
CA LYS C 219 24.27 23.56 -17.16
C LYS C 219 25.71 23.06 -17.17
N ASP C 220 26.06 22.14 -16.28
CA ASP C 220 27.40 21.56 -16.18
C ASP C 220 27.53 20.27 -17.00
N GLY C 221 26.44 19.78 -17.56
CA GLY C 221 26.46 18.58 -18.38
C GLY C 221 25.15 17.83 -18.33
N PRO C 222 25.09 16.68 -19.00
CA PRO C 222 23.83 15.91 -18.99
C PRO C 222 23.49 15.42 -17.60
N ILE C 223 22.21 15.54 -17.25
CA ILE C 223 21.75 15.12 -15.93
C ILE C 223 21.92 13.61 -15.76
N GLU C 224 21.49 12.85 -16.78
CA GLU C 224 21.52 11.39 -16.68
C GLU C 224 22.91 10.88 -16.39
N SER C 225 23.89 11.27 -17.20
CA SER C 225 25.25 10.77 -17.03
C SER C 225 25.81 11.14 -15.65
N GLN C 226 25.57 12.37 -15.21
CA GLN C 226 26.09 12.80 -13.91
C GLN C 226 25.48 11.98 -12.79
N ILE C 227 24.16 11.76 -12.83
CA ILE C 227 23.51 11.01 -11.76
C ILE C 227 23.90 9.54 -11.82
N MET C 228 23.99 8.97 -13.02
CA MET C 228 24.42 7.59 -13.14
C MET C 228 25.85 7.41 -12.64
N ASN C 229 26.70 8.42 -12.84
CA ASN C 229 28.06 8.35 -12.28
C ASN C 229 28.04 8.44 -10.77
N LEU C 230 27.17 9.28 -10.21
CA LEU C 230 27.09 9.42 -8.76
C LEU C 230 26.63 8.14 -8.10
N THR C 231 25.64 7.47 -8.68
CA THR C 231 25.10 6.24 -8.12
C THR C 231 25.84 5.00 -8.61
N GLU C 232 26.98 5.17 -9.29
CA GLU C 232 27.79 4.05 -9.76
C GLU C 232 26.97 3.10 -10.64
N GLY C 233 26.16 3.67 -11.53
CA GLY C 233 25.35 2.90 -12.44
C GLY C 233 24.06 2.34 -11.87
N LYS C 234 23.82 2.48 -10.57
CA LYS C 234 22.62 1.92 -9.97
C LYS C 234 21.38 2.74 -10.27
N GLY C 235 21.52 4.04 -10.46
CA GLY C 235 20.37 4.90 -10.55
C GLY C 235 19.83 5.23 -9.17
N VAL C 236 18.68 5.87 -9.15
CA VAL C 236 18.05 6.28 -7.91
C VAL C 236 16.79 5.44 -7.70
N ASP C 237 16.38 5.32 -6.43
CA ASP C 237 15.17 4.57 -6.11
C ASP C 237 13.93 5.35 -6.48
N ALA C 238 14.01 6.68 -6.45
CA ALA C 238 12.87 7.51 -6.80
C ALA C 238 13.39 8.84 -7.29
N ALA C 239 12.67 9.41 -8.26
CA ALA C 239 12.95 10.74 -8.76
C ALA C 239 11.68 11.57 -8.59
N ILE C 240 11.86 12.76 -8.00
CA ILE C 240 10.76 13.70 -7.80
C ILE C 240 10.95 14.82 -8.81
N ILE C 241 9.99 14.98 -9.72
CA ILE C 241 10.03 16.04 -10.71
C ILE C 241 9.35 17.28 -10.14
N ALA C 242 10.10 18.38 -10.04
CA ALA C 242 9.57 19.63 -9.51
C ALA C 242 9.93 20.82 -10.40
N GLY C 243 10.24 20.58 -11.67
CA GLY C 243 10.58 21.67 -12.55
C GLY C 243 11.10 21.12 -13.86
N GLY C 244 11.16 22.01 -14.84
CA GLY C 244 11.66 21.69 -16.17
C GLY C 244 10.54 21.60 -17.18
N ASN C 245 10.95 21.28 -18.41
CA ASN C 245 10.02 21.16 -19.52
C ASN C 245 9.59 19.70 -19.68
N ALA C 246 8.90 19.40 -20.78
CA ALA C 246 8.41 18.03 -21.00
C ALA C 246 9.53 17.03 -21.05
N ASP C 247 10.72 17.44 -21.49
CA ASP C 247 11.85 16.52 -21.61
C ASP C 247 12.30 15.97 -20.27
N ILE C 248 12.00 16.65 -19.16
CA ILE C 248 12.45 16.19 -17.85
C ILE C 248 11.81 14.86 -17.47
N MET C 249 10.66 14.53 -18.06
CA MET C 249 10.03 13.22 -17.82
C MET C 249 10.92 12.10 -18.35
N ALA C 250 11.49 12.27 -19.53
CA ALA C 250 12.42 11.28 -20.06
C ALA C 250 13.65 11.16 -19.16
N THR C 251 14.15 12.30 -18.66
CA THR C 251 15.30 12.27 -17.76
C THR C 251 14.99 11.49 -16.49
N ALA C 252 13.79 11.69 -15.92
CA ALA C 252 13.44 10.99 -14.70
C ALA C 252 13.39 9.48 -14.92
N VAL C 253 12.78 9.05 -16.02
CA VAL C 253 12.68 7.62 -16.29
C VAL C 253 14.07 7.01 -16.47
N LYS C 254 14.99 7.75 -17.08
CA LYS C 254 16.30 7.20 -17.36
C LYS C 254 17.13 7.00 -16.10
N ILE C 255 16.94 7.83 -15.08
CA ILE C 255 17.78 7.74 -13.88
C ILE C 255 17.18 6.85 -12.79
N VAL C 256 15.89 6.55 -12.84
CA VAL C 256 15.27 5.70 -11.83
C VAL C 256 15.55 4.24 -12.17
N LYS C 257 15.88 3.45 -11.14
CA LYS C 257 16.15 2.04 -11.35
C LYS C 257 14.85 1.27 -11.60
N PRO C 258 14.93 0.09 -12.20
CA PRO C 258 13.72 -0.73 -12.38
C PRO C 258 13.03 -0.98 -11.05
N GLY C 259 11.71 -0.80 -11.04
CA GLY C 259 10.94 -0.94 -9.82
C GLY C 259 10.79 0.34 -9.02
N GLY C 260 11.50 1.40 -9.39
CA GLY C 260 11.43 2.66 -8.68
C GLY C 260 10.22 3.46 -9.09
N THR C 261 10.16 4.70 -8.61
CA THR C 261 9.01 5.55 -8.81
C THR C 261 9.42 6.92 -9.32
N ILE C 262 8.70 7.42 -10.32
CA ILE C 262 8.80 8.80 -10.76
C ILE C 262 7.60 9.53 -10.19
N ALA C 263 7.84 10.48 -9.31
CA ALA C 263 6.78 11.26 -8.66
C ALA C 263 6.84 12.68 -9.22
N ASN C 264 5.80 13.09 -9.94
CA ASN C 264 5.74 14.41 -10.53
C ASN C 264 4.78 15.30 -9.75
N VAL C 265 5.23 16.50 -9.42
CA VAL C 265 4.39 17.54 -8.85
C VAL C 265 4.59 18.81 -9.66
N ASN C 266 5.30 18.68 -10.78
CA ASN C 266 5.54 19.82 -11.65
C ASN C 266 4.32 20.10 -12.51
N TYR C 267 3.99 21.38 -12.65
CA TYR C 267 2.88 21.84 -13.48
C TYR C 267 3.43 22.16 -14.86
N PHE C 268 3.23 21.25 -15.81
CA PHE C 268 3.68 21.45 -17.19
C PHE C 268 2.73 22.41 -17.90
N GLY C 269 3.26 23.56 -18.31
CA GLY C 269 2.42 24.59 -18.92
C GLY C 269 2.37 24.56 -20.43
N GLU C 270 3.35 23.94 -21.07
CA GLU C 270 3.44 23.92 -22.52
C GLU C 270 3.73 22.51 -23.02
N GLY C 271 3.39 22.27 -24.28
CA GLY C 271 3.61 20.97 -24.89
C GLY C 271 2.35 20.12 -24.93
N GLU C 272 2.16 19.38 -26.02
CA GLU C 272 0.97 18.53 -26.11
C GLU C 272 1.17 17.19 -25.41
N VAL C 273 2.39 16.65 -25.41
CA VAL C 273 2.66 15.32 -24.88
C VAL C 273 3.87 15.37 -23.95
N LEU C 274 3.82 14.60 -22.87
CA LEU C 274 4.99 14.39 -22.02
C LEU C 274 5.65 13.09 -22.44
N PRO C 275 6.89 13.12 -22.94
CA PRO C 275 7.48 11.90 -23.52
C PRO C 275 7.97 10.94 -22.45
N VAL C 276 7.62 9.66 -22.63
CA VAL C 276 8.15 8.56 -21.82
C VAL C 276 9.02 7.70 -22.74
N PRO C 277 10.33 7.64 -22.51
CA PRO C 277 11.20 6.88 -23.43
C PRO C 277 10.88 5.39 -23.36
N ARG C 278 10.65 4.78 -24.53
CA ARG C 278 10.23 3.39 -24.58
C ARG C 278 11.30 2.46 -24.01
N LEU C 279 12.52 2.54 -24.52
CA LEU C 279 13.57 1.61 -24.12
C LEU C 279 13.91 1.74 -22.64
N GLU C 280 14.06 2.99 -22.16
CA GLU C 280 14.42 3.19 -20.77
C GLU C 280 13.27 2.90 -19.81
N TRP C 281 12.04 2.85 -20.31
CA TRP C 281 10.89 2.39 -19.53
C TRP C 281 10.68 0.88 -19.66
N GLY C 282 11.72 0.15 -20.06
CA GLY C 282 11.62 -1.29 -20.23
C GLY C 282 10.69 -1.73 -21.32
N CYS C 283 10.49 -0.89 -22.34
CA CYS C 283 9.51 -1.15 -23.40
C CYS C 283 8.11 -1.37 -22.83
N GLY C 284 7.84 -0.76 -21.67
CA GLY C 284 6.58 -0.89 -20.97
C GLY C 284 6.58 -1.85 -19.80
N MET C 285 7.73 -2.41 -19.42
CA MET C 285 7.74 -3.49 -18.44
C MET C 285 8.82 -3.33 -17.38
N ALA C 286 9.33 -2.11 -17.17
CA ALA C 286 10.42 -1.90 -16.23
C ALA C 286 9.94 -1.66 -14.81
N HIS C 287 8.64 -1.74 -14.56
CA HIS C 287 8.06 -1.44 -13.24
C HIS C 287 8.48 -0.06 -12.74
N LYS C 288 8.68 0.88 -13.65
CA LYS C 288 8.98 2.25 -13.27
C LYS C 288 7.65 2.99 -13.19
N THR C 289 7.11 3.09 -11.97
CA THR C 289 5.82 3.73 -11.77
C THR C 289 5.94 5.24 -11.93
N ILE C 290 4.99 5.82 -12.66
CA ILE C 290 4.94 7.25 -12.89
C ILE C 290 3.69 7.78 -12.21
N LYS C 291 3.89 8.69 -11.26
CA LYS C 291 2.80 9.35 -10.55
C LYS C 291 2.86 10.85 -10.81
N GLY C 292 1.69 11.48 -10.81
CA GLY C 292 1.64 12.92 -10.94
C GLY C 292 0.38 13.46 -10.30
N GLY C 293 0.52 14.25 -9.23
CA GLY C 293 -0.65 14.65 -8.45
C GLY C 293 -0.62 16.10 -8.06
N LEU C 294 -1.82 16.69 -8.01
CA LEU C 294 -2.01 18.01 -7.44
C LEU C 294 -1.83 17.97 -5.94
N CYS C 295 -1.37 19.07 -5.37
CA CYS C 295 -1.08 19.10 -3.94
C CYS C 295 -2.36 18.90 -3.14
N PRO C 296 -2.30 18.14 -2.05
CA PRO C 296 -3.47 18.02 -1.17
C PRO C 296 -3.74 19.32 -0.44
N GLY C 297 -5.02 19.55 -0.16
CA GLY C 297 -5.44 20.70 0.61
C GLY C 297 -6.31 20.30 1.77
N GLY C 298 -7.10 21.25 2.26
CA GLY C 298 -8.00 20.99 3.35
C GLY C 298 -7.39 21.29 4.71
N ARG C 299 -8.25 21.22 5.73
CA ARG C 299 -7.84 21.58 7.09
C ARG C 299 -6.79 20.61 7.63
N LEU C 300 -7.05 19.30 7.52
CA LEU C 300 -6.16 18.32 8.14
C LEU C 300 -4.75 18.40 7.56
N ARG C 301 -4.63 18.55 6.23
CA ARG C 301 -3.32 18.68 5.62
C ARG C 301 -2.57 19.88 6.18
N MET C 302 -3.25 21.03 6.29
CA MET C 302 -2.62 22.22 6.83
C MET C 302 -2.22 22.00 8.29
N GLU C 303 -3.08 21.35 9.07
CA GLU C 303 -2.79 21.13 10.49
C GLU C 303 -1.55 20.26 10.67
N ARG C 304 -1.38 19.26 9.83
CA ARG C 304 -0.22 18.37 9.99
C ARG C 304 1.07 19.06 9.58
N LEU C 305 1.02 19.90 8.53
CA LEU C 305 2.22 20.64 8.15
C LEU C 305 2.55 21.72 9.16
N ILE C 306 1.52 22.33 9.77
CA ILE C 306 1.75 23.29 10.85
C ILE C 306 2.43 22.59 12.02
N ASP C 307 2.02 21.35 12.31
CA ASP C 307 2.66 20.60 13.38
C ASP C 307 4.12 20.30 13.05
N LEU C 308 4.41 20.01 11.78
CA LEU C 308 5.79 19.78 11.37
C LEU C 308 6.64 21.02 11.60
N VAL C 309 6.07 22.20 11.35
CA VAL C 309 6.80 23.44 11.61
C VAL C 309 6.86 23.72 13.10
N PHE C 310 5.77 23.46 13.82
CA PHE C 310 5.72 23.76 15.24
C PHE C 310 6.75 22.94 16.02
N TYR C 311 6.83 21.64 15.74
CA TYR C 311 7.80 20.78 16.40
C TYR C 311 9.16 20.79 15.72
N LYS C 312 9.40 21.75 14.82
CA LYS C 312 10.72 22.03 14.25
C LYS C 312 11.26 20.85 13.45
N ARG C 313 10.39 20.22 12.66
CA ARG C 313 10.86 19.23 11.70
C ARG C 313 11.32 19.87 10.40
N VAL C 314 10.68 20.97 10.01
CA VAL C 314 11.04 21.72 8.81
CA VAL C 314 11.05 21.73 8.82
C VAL C 314 10.87 23.21 9.12
N ASP C 315 11.79 24.02 8.60
CA ASP C 315 11.67 25.48 8.68
C ASP C 315 11.58 26.02 7.26
N PRO C 316 10.38 26.37 6.79
CA PRO C 316 10.23 26.86 5.42
C PRO C 316 10.68 28.30 5.22
N SER C 317 11.17 28.97 6.27
CA SER C 317 11.51 30.39 6.15
C SER C 317 12.60 30.62 5.12
N LYS C 318 13.49 29.65 4.92
CA LYS C 318 14.58 29.86 3.98
CA LYS C 318 14.59 29.82 3.98
C LYS C 318 14.12 29.86 2.53
N LEU C 319 12.85 29.52 2.27
CA LEU C 319 12.31 29.67 0.92
C LEU C 319 12.08 31.13 0.57
N VAL C 320 11.87 31.97 1.58
CA VAL C 320 11.51 33.37 1.36
C VAL C 320 12.77 34.19 1.18
N THR C 321 12.94 34.77 -0.02
CA THR C 321 14.08 35.63 -0.31
C THR C 321 13.71 37.10 -0.40
N HIS C 322 12.45 37.42 -0.65
CA HIS C 322 11.99 38.80 -0.77
C HIS C 322 10.73 38.97 0.07
N VAL C 323 10.67 40.05 0.83
CA VAL C 323 9.47 40.41 1.58
C VAL C 323 9.15 41.86 1.28
N PHE C 324 7.92 42.11 0.83
CA PHE C 324 7.45 43.46 0.58
C PHE C 324 6.22 43.74 1.44
N ARG C 325 5.77 44.98 1.40
CA ARG C 325 4.71 45.44 2.28
C ARG C 325 3.71 46.25 1.47
N GLY C 326 2.45 45.80 1.43
CA GLY C 326 1.40 46.59 0.81
C GLY C 326 0.73 45.95 -0.38
N PHE C 327 -0.53 46.30 -0.62
CA PHE C 327 -1.26 45.73 -1.74
C PHE C 327 -0.60 46.07 -3.08
N ASP C 328 -0.06 47.27 -3.22
CA ASP C 328 0.55 47.67 -4.48
C ASP C 328 1.73 46.79 -4.84
N ASN C 329 2.41 46.23 -3.85
CA ASN C 329 3.56 45.36 -4.11
C ASN C 329 3.16 43.95 -4.50
N ILE C 330 1.87 43.62 -4.47
CA ILE C 330 1.44 42.33 -5.01
C ILE C 330 1.80 42.23 -6.48
N GLU C 331 1.62 43.34 -7.22
CA GLU C 331 2.02 43.37 -8.62
C GLU C 331 3.52 43.21 -8.77
N LYS C 332 4.29 43.92 -7.94
CA LYS C 332 5.75 43.82 -8.01
CA LYS C 332 5.76 43.81 -8.00
C LYS C 332 6.21 42.38 -7.73
N ALA C 333 5.65 41.76 -6.69
CA ALA C 333 6.02 40.39 -6.37
C ALA C 333 5.54 39.42 -7.44
N PHE C 334 4.38 39.69 -8.04
CA PHE C 334 3.92 38.85 -9.15
C PHE C 334 4.86 38.94 -10.34
N MET C 335 5.21 40.17 -10.73
CA MET C 335 6.14 40.34 -11.84
C MET C 335 7.49 39.73 -11.54
N LEU C 336 7.88 39.71 -10.26
CA LEU C 336 9.13 39.06 -9.87
C LEU C 336 9.13 37.58 -10.21
N MET C 337 7.97 36.93 -10.14
CA MET C 337 7.88 35.52 -10.52
C MET C 337 7.93 35.36 -12.04
N LYS C 338 7.51 36.39 -12.78
CA LYS C 338 7.56 36.32 -14.24
C LYS C 338 8.99 36.37 -14.75
N ASP C 339 9.74 37.39 -14.37
CA ASP C 339 11.13 37.54 -14.82
CA ASP C 339 11.13 37.56 -14.80
C ASP C 339 12.07 37.12 -13.69
N LYS C 340 12.11 35.81 -13.45
CA LYS C 340 12.85 35.16 -12.38
C LYS C 340 14.29 35.66 -12.28
N PRO C 341 14.62 36.48 -11.30
CA PRO C 341 16.03 36.82 -11.07
C PRO C 341 16.75 35.66 -10.37
N LYS C 342 18.07 35.63 -10.55
CA LYS C 342 18.85 34.50 -10.06
C LYS C 342 18.88 34.39 -8.54
N ASP C 343 18.49 35.43 -7.80
CA ASP C 343 18.51 35.40 -6.35
C ASP C 343 17.13 35.18 -5.73
N LEU C 344 16.11 34.92 -6.55
CA LEU C 344 14.74 34.76 -6.07
C LEU C 344 14.41 33.29 -5.85
N ILE C 345 13.82 32.99 -4.70
CA ILE C 345 13.18 31.70 -4.51
C ILE C 345 11.69 31.96 -4.40
N LYS C 346 11.26 32.64 -3.33
CA LYS C 346 9.86 32.89 -3.12
C LYS C 346 9.67 34.28 -2.51
N PRO C 347 8.85 35.14 -3.11
CA PRO C 347 8.58 36.45 -2.50
C PRO C 347 7.31 36.45 -1.68
N VAL C 348 7.25 37.29 -0.66
CA VAL C 348 6.10 37.38 0.24
C VAL C 348 5.70 38.84 0.37
N VAL C 349 4.40 39.10 0.33
CA VAL C 349 3.86 40.45 0.52
C VAL C 349 3.10 40.44 1.83
N ILE C 350 3.55 41.28 2.77
CA ILE C 350 2.91 41.43 4.07
C ILE C 350 1.87 42.53 3.98
N LEU C 351 0.63 42.22 4.36
CA LEU C 351 -0.46 43.18 4.32
C LEU C 351 -0.86 43.64 5.72
N ALA C 352 -0.01 43.42 6.71
CA ALA C 352 -0.25 43.91 8.05
C ALA C 352 -0.03 45.43 8.12
N FME D 1 21.45 -32.14 -29.34
CN FME D 1 22.28 -33.24 -29.23
O1 FME D 1 21.89 -34.42 -29.26
CA FME D 1 20.02 -32.19 -29.50
CB FME D 1 19.27 -31.81 -28.21
CG FME D 1 19.87 -30.58 -27.61
SD FME D 1 18.68 -29.86 -26.53
CE FME D 1 19.13 -28.17 -26.57
C FME D 1 19.54 -31.26 -30.60
O FME D 1 20.28 -30.46 -31.18
N LYS D 2 18.25 -31.34 -30.90
CA LYS D 2 17.64 -30.45 -31.88
C LYS D 2 16.89 -29.31 -31.19
N GLY D 3 16.84 -28.16 -31.87
CA GLY D 3 16.14 -27.02 -31.32
C GLY D 3 15.76 -26.00 -32.38
N PHE D 4 14.52 -25.52 -32.32
CA PHE D 4 14.08 -24.46 -33.22
C PHE D 4 14.67 -23.14 -32.74
N ALA D 5 15.49 -22.52 -33.57
CA ALA D 5 16.31 -21.41 -33.11
C ALA D 5 16.20 -20.22 -34.03
N MET D 6 16.57 -19.06 -33.49
CA MET D 6 16.69 -17.83 -34.27
C MET D 6 18.09 -17.82 -34.88
N LEU D 7 18.15 -18.01 -36.19
CA LEU D 7 19.44 -18.06 -36.88
C LEU D 7 20.08 -16.68 -36.95
N SER D 8 19.34 -15.70 -37.44
CA SER D 8 19.74 -14.31 -37.48
C SER D 8 18.47 -13.48 -37.54
N ILE D 9 18.62 -12.16 -37.58
CA ILE D 9 17.44 -11.31 -37.70
C ILE D 9 16.72 -11.65 -38.99
N GLY D 10 15.48 -12.14 -38.86
CA GLY D 10 14.66 -12.49 -39.99
C GLY D 10 14.70 -13.95 -40.43
N LYS D 11 15.51 -14.80 -39.78
CA LYS D 11 15.63 -16.19 -40.18
C LYS D 11 15.57 -17.12 -38.97
N VAL D 12 14.82 -18.21 -39.11
CA VAL D 12 14.70 -19.25 -38.09
C VAL D 12 14.79 -20.61 -38.76
N GLY D 13 15.13 -21.62 -37.97
CA GLY D 13 15.23 -22.98 -38.48
C GLY D 13 15.75 -23.91 -37.41
N TRP D 14 15.62 -25.20 -37.68
CA TRP D 14 16.10 -26.21 -36.75
C TRP D 14 17.62 -26.37 -36.85
N ILE D 15 18.27 -26.42 -35.70
CA ILE D 15 19.72 -26.55 -35.61
C ILE D 15 20.03 -27.69 -34.63
N GLU D 16 21.32 -27.97 -34.48
CA GLU D 16 21.80 -28.99 -33.57
C GLU D 16 22.73 -28.33 -32.57
N LYS D 17 22.49 -28.58 -31.29
CA LYS D 17 23.29 -28.01 -30.22
C LYS D 17 23.61 -29.11 -29.23
N GLU D 18 24.40 -28.79 -28.22
CA GLU D 18 24.73 -29.75 -27.19
C GLU D 18 23.67 -29.71 -26.11
N LYS D 19 23.29 -30.89 -25.63
CA LYS D 19 22.30 -30.97 -24.57
C LYS D 19 22.81 -30.25 -23.33
N PRO D 20 22.06 -29.32 -22.76
CA PRO D 20 22.56 -28.56 -21.62
C PRO D 20 22.70 -29.44 -20.39
N ALA D 21 23.71 -29.12 -19.58
CA ALA D 21 24.00 -29.81 -18.34
C ALA D 21 23.57 -28.96 -17.15
N PRO D 22 22.95 -29.57 -16.14
CA PRO D 22 22.46 -28.79 -15.00
C PRO D 22 23.56 -28.53 -13.98
N GLY D 23 23.56 -27.31 -13.46
CA GLY D 23 24.37 -27.02 -12.30
C GLY D 23 23.78 -27.68 -11.06
N PRO D 24 24.47 -27.54 -9.93
CA PRO D 24 24.00 -28.19 -8.70
C PRO D 24 22.60 -27.76 -8.28
N PHE D 25 22.14 -26.58 -8.70
CA PHE D 25 20.82 -26.09 -8.34
C PHE D 25 19.85 -26.08 -9.51
N ASP D 26 20.26 -26.56 -10.69
CA ASP D 26 19.46 -26.45 -11.90
C ASP D 26 18.78 -27.77 -12.22
N ALA D 27 17.96 -27.75 -13.28
CA ALA D 27 17.28 -28.93 -13.77
C ALA D 27 17.24 -28.89 -15.28
N ILE D 28 17.26 -30.07 -15.90
CA ILE D 28 17.05 -30.23 -17.32
C ILE D 28 15.63 -30.75 -17.52
N VAL D 29 14.87 -30.08 -18.39
CA VAL D 29 13.47 -30.38 -18.60
C VAL D 29 13.25 -30.73 -20.07
N ARG D 30 12.50 -31.79 -20.32
CA ARG D 30 12.07 -31.95 -21.70
C ARG D 30 10.63 -31.46 -21.85
N PRO D 31 10.31 -30.75 -22.93
CA PRO D 31 8.97 -30.14 -23.03
C PRO D 31 7.90 -31.17 -23.38
N LEU D 32 6.76 -31.06 -22.70
CA LEU D 32 5.57 -31.84 -23.03
C LEU D 32 4.57 -31.06 -23.85
N ALA D 33 4.49 -29.74 -23.63
CA ALA D 33 3.65 -28.85 -24.42
C ALA D 33 4.32 -27.49 -24.43
N VAL D 34 4.33 -26.84 -25.60
CA VAL D 34 4.92 -25.52 -25.74
C VAL D 34 3.98 -24.62 -26.54
N ALA D 35 4.21 -23.31 -26.44
CA ALA D 35 3.41 -22.31 -27.13
C ALA D 35 4.31 -21.18 -27.59
N PRO D 36 4.11 -20.68 -28.81
CA PRO D 36 4.86 -19.50 -29.25
C PRO D 36 4.22 -18.22 -28.73
N CYS D 37 5.03 -17.15 -28.73
CA CYS D 37 4.60 -15.87 -28.22
C CYS D 37 4.91 -14.78 -29.25
N THR D 38 4.12 -13.71 -29.21
CA THR D 38 4.35 -12.57 -30.10
C THR D 38 5.73 -11.95 -29.83
N SER D 39 6.24 -12.10 -28.61
CA SER D 39 7.55 -11.53 -28.27
C SER D 39 8.67 -12.16 -29.09
N ASP D 40 8.59 -13.47 -29.33
CA ASP D 40 9.61 -14.11 -30.16
C ASP D 40 9.54 -13.61 -31.60
N ILE D 41 8.35 -13.29 -32.08
CA ILE D 41 8.23 -12.68 -33.41
C ILE D 41 8.97 -11.36 -33.44
N HIS D 42 8.78 -10.54 -32.40
CA HIS D 42 9.49 -9.27 -32.32
C HIS D 42 11.00 -9.46 -32.27
N THR D 43 11.45 -10.52 -31.59
CA THR D 43 12.89 -10.76 -31.47
C THR D 43 13.50 -11.15 -32.81
N VAL D 44 12.80 -12.00 -33.57
CA VAL D 44 13.36 -12.53 -34.81
C VAL D 44 13.26 -11.51 -35.93
N PHE D 45 12.05 -11.00 -36.18
CA PHE D 45 11.80 -10.21 -37.37
C PHE D 45 11.90 -8.71 -37.16
N GLU D 46 11.88 -8.24 -35.91
CA GLU D 46 12.06 -6.83 -35.62
C GLU D 46 13.39 -6.52 -34.94
N GLY D 47 14.12 -7.53 -34.50
CA GLY D 47 15.35 -7.30 -33.77
C GLY D 47 15.14 -6.48 -32.52
N ALA D 48 14.10 -6.80 -31.75
CA ALA D 48 13.73 -5.95 -30.62
C ALA D 48 14.70 -6.09 -29.45
N ILE D 49 15.38 -7.22 -29.33
CA ILE D 49 16.37 -7.40 -28.28
C ILE D 49 17.78 -7.56 -28.86
N GLY D 50 17.96 -7.15 -30.12
CA GLY D 50 19.24 -7.27 -30.77
C GLY D 50 19.35 -8.56 -31.56
N GLU D 51 20.53 -8.77 -32.12
CA GLU D 51 20.76 -9.92 -32.98
C GLU D 51 21.25 -11.11 -32.16
N ARG D 52 20.70 -12.27 -32.47
CA ARG D 52 21.11 -13.53 -31.86
C ARG D 52 21.53 -14.50 -32.96
N HIS D 53 22.32 -15.50 -32.57
CA HIS D 53 22.83 -16.50 -33.51
C HIS D 53 22.64 -17.88 -32.88
N ASN D 54 21.77 -18.69 -33.49
CA ASN D 54 21.53 -20.06 -33.06
C ASN D 54 21.05 -20.10 -31.62
N MET D 55 20.12 -19.21 -31.28
CA MET D 55 19.50 -19.17 -29.97
C MET D 55 18.13 -19.82 -30.08
N ILE D 56 17.92 -20.90 -29.33
CA ILE D 56 16.64 -21.59 -29.36
C ILE D 56 15.56 -20.66 -28.82
N LEU D 57 14.42 -20.63 -29.50
CA LEU D 57 13.34 -19.71 -29.18
C LEU D 57 12.35 -20.35 -28.20
N GLY D 58 11.36 -19.56 -27.77
CA GLY D 58 10.30 -20.09 -26.94
C GLY D 58 10.50 -19.87 -25.44
N HIS D 59 9.44 -19.45 -24.74
CA HIS D 59 9.54 -19.31 -23.30
C HIS D 59 8.29 -19.81 -22.57
N GLU D 60 7.39 -20.49 -23.26
CA GLU D 60 6.18 -21.05 -22.64
C GLU D 60 6.20 -22.56 -22.80
N ALA D 61 6.34 -23.28 -21.69
CA ALA D 61 6.48 -24.72 -21.77
C ALA D 61 6.00 -25.37 -20.49
N VAL D 62 5.32 -26.49 -20.65
CA VAL D 62 5.08 -27.47 -19.60
C VAL D 62 5.91 -28.69 -19.95
N GLY D 63 6.70 -29.18 -18.99
CA GLY D 63 7.65 -30.22 -19.28
C GLY D 63 7.71 -31.28 -18.21
N GLU D 64 8.62 -32.23 -18.44
CA GLU D 64 8.93 -33.29 -17.50
C GLU D 64 10.40 -33.17 -17.11
N VAL D 65 10.67 -33.17 -15.81
CA VAL D 65 12.05 -33.11 -15.35
C VAL D 65 12.74 -34.40 -15.72
N VAL D 66 13.92 -34.29 -16.33
CA VAL D 66 14.71 -35.46 -16.66
C VAL D 66 16.00 -35.54 -15.86
N GLU D 67 16.53 -34.42 -15.39
CA GLU D 67 17.78 -34.42 -14.64
C GLU D 67 17.80 -33.20 -13.71
N VAL D 68 18.37 -33.39 -12.52
CA VAL D 68 18.49 -32.29 -11.55
C VAL D 68 19.90 -32.28 -11.00
N GLY D 69 20.31 -31.12 -10.50
CA GLY D 69 21.58 -30.98 -9.83
C GLY D 69 21.57 -31.64 -8.46
N SER D 70 22.77 -31.73 -7.87
CA SER D 70 22.92 -32.40 -6.60
C SER D 70 22.22 -31.70 -5.44
N GLU D 71 21.90 -30.41 -5.59
CA GLU D 71 21.29 -29.64 -4.52
C GLU D 71 19.79 -29.42 -4.69
N VAL D 72 19.20 -29.88 -5.80
CA VAL D 72 17.77 -29.74 -6.00
C VAL D 72 17.04 -30.67 -5.04
N LYS D 73 16.08 -30.11 -4.30
CA LYS D 73 15.42 -30.86 -3.23
C LYS D 73 13.98 -31.22 -3.51
N ASP D 74 13.24 -30.37 -4.23
CA ASP D 74 11.80 -30.56 -4.41
C ASP D 74 11.41 -31.11 -5.77
N PHE D 75 12.37 -31.41 -6.65
CA PHE D 75 12.05 -31.92 -7.97
C PHE D 75 13.02 -33.02 -8.35
N LYS D 76 12.49 -34.09 -8.93
CA LYS D 76 13.24 -35.27 -9.33
C LYS D 76 12.87 -35.65 -10.75
N PRO D 77 13.70 -36.46 -11.42
CA PRO D 77 13.37 -36.89 -12.79
C PRO D 77 12.01 -37.57 -12.85
N GLY D 78 11.21 -37.16 -13.83
CA GLY D 78 9.87 -37.67 -14.02
C GLY D 78 8.77 -36.75 -13.57
N ASP D 79 9.08 -35.69 -12.82
CA ASP D 79 8.07 -34.77 -12.35
C ASP D 79 7.57 -33.89 -13.48
N ARG D 80 6.26 -33.87 -13.70
CA ARG D 80 5.65 -32.96 -14.66
CA ARG D 80 5.66 -32.96 -14.66
C ARG D 80 5.51 -31.59 -14.02
N VAL D 81 6.08 -30.56 -14.66
CA VAL D 81 6.18 -29.24 -14.05
C VAL D 81 5.70 -28.17 -15.02
N VAL D 82 5.21 -27.08 -14.45
CA VAL D 82 4.96 -25.84 -15.19
C VAL D 82 6.18 -24.96 -15.01
N VAL D 83 6.74 -24.49 -16.13
CA VAL D 83 7.97 -23.70 -16.14
C VAL D 83 7.59 -22.25 -16.41
N PRO D 84 7.84 -21.32 -15.50
CA PRO D 84 7.51 -19.92 -15.75
C PRO D 84 8.37 -19.35 -16.88
N ALA D 85 7.78 -18.43 -17.64
CA ALA D 85 8.55 -17.74 -18.67
C ALA D 85 9.67 -16.92 -18.05
N ALA D 86 9.46 -16.38 -16.86
CA ALA D 86 10.49 -15.66 -16.12
C ALA D 86 11.08 -16.60 -15.08
N THR D 87 12.38 -16.91 -15.22
CA THR D 87 13.11 -17.77 -14.29
C THR D 87 14.30 -16.98 -13.78
N PRO D 88 14.08 -16.06 -12.86
CA PRO D 88 15.15 -15.14 -12.47
C PRO D 88 16.16 -15.79 -11.54
N ASP D 89 17.30 -15.10 -11.41
CA ASP D 89 18.27 -15.40 -10.37
CA ASP D 89 18.26 -15.40 -10.37
C ASP D 89 17.72 -14.85 -9.05
N TRP D 90 17.50 -15.73 -8.07
CA TRP D 90 16.85 -15.31 -6.85
C TRP D 90 17.80 -14.80 -5.79
N ARG D 91 19.05 -14.53 -6.16
CA ARG D 91 20.06 -14.06 -5.20
C ARG D 91 20.70 -12.79 -5.75
N THR D 92 19.90 -11.72 -5.83
CA THR D 92 20.37 -10.41 -6.26
C THR D 92 19.75 -9.35 -5.38
N SER D 93 20.20 -8.10 -5.56
CA SER D 93 19.66 -7.00 -4.78
C SER D 93 18.23 -6.66 -5.19
N GLU D 94 17.88 -6.86 -6.46
CA GLU D 94 16.53 -6.52 -6.91
C GLU D 94 15.49 -7.47 -6.32
N VAL D 95 15.90 -8.68 -5.95
CA VAL D 95 14.97 -9.58 -5.28
C VAL D 95 14.66 -9.09 -3.87
N GLN D 96 15.66 -8.54 -3.18
CA GLN D 96 15.42 -7.97 -1.86
C GLN D 96 14.53 -6.73 -1.91
N ARG D 97 14.47 -6.05 -3.06
CA ARG D 97 13.55 -4.93 -3.24
C ARG D 97 12.15 -5.36 -3.65
N GLY D 98 11.96 -6.63 -3.99
CA GLY D 98 10.66 -7.13 -4.37
C GLY D 98 10.37 -7.10 -5.85
N TYR D 99 11.39 -7.05 -6.70
CA TYR D 99 11.22 -7.01 -8.15
C TYR D 99 12.12 -8.08 -8.77
N HIS D 100 11.71 -9.34 -8.64
CA HIS D 100 12.50 -10.43 -9.20
C HIS D 100 12.53 -10.38 -10.73
N GLN D 101 11.51 -9.77 -11.35
CA GLN D 101 11.50 -9.64 -12.81
C GLN D 101 12.73 -8.91 -13.32
N HIS D 102 13.36 -8.09 -12.48
CA HIS D 102 14.53 -7.31 -12.87
C HIS D 102 15.76 -7.73 -12.06
N SER D 103 15.78 -9.00 -11.66
CA SER D 103 16.90 -9.54 -10.88
C SER D 103 18.15 -9.58 -11.76
N GLY D 104 19.10 -8.69 -11.49
CA GLY D 104 20.31 -8.61 -12.26
C GLY D 104 20.29 -7.64 -13.42
N GLY D 105 19.26 -6.79 -13.51
CA GLY D 105 19.15 -5.83 -14.60
C GLY D 105 17.71 -5.72 -15.08
N MET D 106 17.42 -4.70 -15.88
CA MET D 106 16.07 -4.51 -16.37
C MET D 106 15.63 -5.69 -17.23
N LEU D 107 14.49 -6.27 -16.86
CA LEU D 107 13.89 -7.43 -17.54
C LEU D 107 14.77 -8.67 -17.48
N ALA D 108 15.77 -8.70 -16.59
CA ALA D 108 16.71 -9.81 -16.54
C ALA D 108 16.09 -11.10 -15.99
N GLY D 109 14.87 -11.03 -15.42
CA GLY D 109 14.17 -12.25 -15.07
C GLY D 109 13.72 -13.06 -16.25
N TRP D 110 13.61 -12.43 -17.42
CA TRP D 110 13.24 -13.09 -18.67
C TRP D 110 14.53 -13.61 -19.31
N LYS D 111 14.79 -14.91 -19.17
CA LYS D 111 16.01 -15.52 -19.70
C LYS D 111 15.77 -16.33 -20.97
N PHE D 112 14.70 -17.13 -21.02
CA PHE D 112 14.41 -17.97 -22.18
C PHE D 112 14.26 -17.13 -23.45
N SER D 113 14.97 -17.54 -24.50
CA SER D 113 14.95 -16.86 -25.80
C SER D 113 15.28 -15.37 -25.67
N ASN D 114 16.18 -15.06 -24.74
CA ASN D 114 16.67 -13.69 -24.55
C ASN D 114 18.17 -13.72 -24.33
N VAL D 115 18.61 -14.33 -23.24
CA VAL D 115 20.02 -14.48 -22.94
C VAL D 115 20.31 -15.96 -22.70
N LYS D 116 19.36 -16.80 -23.09
CA LYS D 116 19.43 -18.22 -22.79
C LYS D 116 18.60 -18.96 -23.83
N ASP D 117 19.03 -20.18 -24.16
CA ASP D 117 18.28 -20.99 -25.11
C ASP D 117 16.88 -21.26 -24.59
N GLY D 118 15.88 -21.05 -25.44
CA GLY D 118 14.49 -21.18 -25.05
C GLY D 118 14.02 -22.62 -24.91
N VAL D 119 12.71 -22.83 -24.96
CA VAL D 119 12.13 -24.14 -24.66
C VAL D 119 11.81 -24.93 -25.92
N PHE D 120 12.00 -24.36 -27.12
CA PHE D 120 11.70 -25.05 -28.37
C PHE D 120 12.84 -26.00 -28.76
N GLY D 121 13.14 -26.92 -27.85
CA GLY D 121 14.18 -27.91 -28.10
C GLY D 121 13.86 -29.19 -27.38
N GLU D 122 14.61 -30.24 -27.74
CA GLU D 122 14.38 -31.54 -27.12
C GLU D 122 14.60 -31.50 -25.62
N PHE D 123 15.45 -30.61 -25.15
CA PHE D 123 15.65 -30.38 -23.73
C PHE D 123 15.93 -28.89 -23.53
N PHE D 124 15.69 -28.41 -22.31
CA PHE D 124 16.10 -27.06 -21.99
C PHE D 124 16.51 -27.00 -20.53
N HIS D 125 17.21 -25.92 -20.19
CA HIS D 125 17.83 -25.72 -18.89
C HIS D 125 16.99 -24.76 -18.06
N VAL D 126 16.69 -25.13 -16.82
CA VAL D 126 15.97 -24.27 -15.89
C VAL D 126 16.88 -24.00 -14.70
N ASN D 127 17.25 -22.74 -14.52
CA ASN D 127 18.12 -22.36 -13.41
C ASN D 127 17.32 -22.31 -12.10
N ASP D 128 17.94 -22.79 -11.03
CA ASP D 128 17.36 -22.78 -9.69
C ASP D 128 15.97 -23.43 -9.67
N ALA D 129 15.99 -24.76 -9.83
CA ALA D 129 14.75 -25.52 -10.01
C ALA D 129 13.80 -25.35 -8.82
N ASP D 130 14.32 -25.44 -7.60
CA ASP D 130 13.46 -25.34 -6.42
C ASP D 130 12.76 -23.99 -6.32
N MET D 131 13.28 -22.95 -6.97
CA MET D 131 12.68 -21.63 -6.93
C MET D 131 11.93 -21.27 -8.21
N ASN D 132 12.14 -22.03 -9.30
CA ASN D 132 11.62 -21.64 -10.60
C ASN D 132 10.83 -22.76 -11.28
N LEU D 133 10.36 -23.76 -10.54
CA LEU D 133 9.50 -24.79 -11.08
C LEU D 133 8.33 -25.00 -10.15
N ALA D 134 7.20 -25.44 -10.71
CA ALA D 134 6.03 -25.78 -9.93
C ALA D 134 5.47 -27.10 -10.46
N HIS D 135 5.06 -27.97 -9.54
CA HIS D 135 4.49 -29.25 -9.93
C HIS D 135 3.16 -29.07 -10.64
N LEU D 136 2.92 -29.88 -11.66
CA LEU D 136 1.69 -29.81 -12.44
C LEU D 136 0.71 -30.88 -11.97
N PRO D 137 -0.46 -30.51 -11.47
CA PRO D 137 -1.45 -31.52 -11.09
C PRO D 137 -1.98 -32.26 -12.31
N LYS D 138 -2.29 -33.54 -12.10
CA LYS D 138 -2.86 -34.37 -13.17
C LYS D 138 -4.21 -33.84 -13.64
N GLU D 139 -4.92 -33.08 -12.80
CA GLU D 139 -6.25 -32.59 -13.16
C GLU D 139 -6.21 -31.48 -14.20
N ILE D 140 -5.05 -30.88 -14.46
CA ILE D 140 -4.94 -29.77 -15.40
C ILE D 140 -4.36 -30.32 -16.71
N PRO D 141 -5.09 -30.23 -17.82
CA PRO D 141 -4.55 -30.72 -19.10
C PRO D 141 -3.44 -29.82 -19.61
N LEU D 142 -2.65 -30.38 -20.54
CA LEU D 142 -1.46 -29.69 -21.02
C LEU D 142 -1.80 -28.39 -21.74
N GLU D 143 -2.86 -28.38 -22.54
CA GLU D 143 -3.21 -27.18 -23.30
C GLU D 143 -3.51 -26.02 -22.37
N ALA D 144 -4.19 -26.28 -21.26
CA ALA D 144 -4.53 -25.21 -20.32
C ALA D 144 -3.31 -24.76 -19.52
N ALA D 145 -2.47 -25.71 -19.09
CA ALA D 145 -1.35 -25.39 -18.22
C ALA D 145 -0.31 -24.51 -18.92
N VAL D 146 -0.11 -24.70 -20.23
CA VAL D 146 0.92 -23.97 -20.95
C VAL D 146 0.50 -22.53 -21.18
N MET D 147 -0.73 -22.16 -20.78
CA MET D 147 -1.12 -20.76 -20.79
C MET D 147 -0.67 -20.04 -19.53
N ILE D 148 -0.28 -20.77 -18.49
CA ILE D 148 0.12 -20.22 -17.20
C ILE D 148 1.51 -19.56 -17.24
N PRO D 149 2.53 -20.16 -17.86
CA PRO D 149 3.88 -19.56 -17.77
C PRO D 149 3.98 -18.11 -18.19
N ASP D 150 3.13 -17.65 -19.12
CA ASP D 150 3.29 -16.31 -19.66
C ASP D 150 1.96 -15.57 -19.76
N MET D 151 0.99 -16.16 -20.46
CA MET D 151 -0.26 -15.44 -20.73
C MET D 151 -1.00 -15.10 -19.45
N MET D 152 -1.20 -16.10 -18.58
CA MET D 152 -1.99 -15.86 -17.37
C MET D 152 -1.25 -14.94 -16.41
N THR D 153 0.04 -15.19 -16.16
CA THR D 153 0.78 -14.36 -15.21
C THR D 153 0.92 -12.93 -15.71
N THR D 154 1.02 -12.71 -17.02
CA THR D 154 1.09 -11.35 -17.55
C THR D 154 -0.26 -10.66 -17.45
N GLY D 155 -1.32 -11.31 -17.95
CA GLY D 155 -2.64 -10.70 -17.89
C GLY D 155 -3.07 -10.43 -16.47
N PHE D 156 -2.87 -11.38 -15.57
CA PHE D 156 -3.22 -11.17 -14.17
C PHE D 156 -2.36 -10.07 -13.55
N HIS D 157 -1.12 -9.92 -14.00
CA HIS D 157 -0.27 -8.85 -13.48
C HIS D 157 -0.83 -7.49 -13.86
N GLY D 158 -1.38 -7.36 -15.06
CA GLY D 158 -2.04 -6.12 -15.42
C GLY D 158 -3.19 -5.79 -14.48
N ALA D 159 -3.98 -6.79 -14.12
CA ALA D 159 -5.06 -6.57 -13.16
C ALA D 159 -4.51 -6.24 -11.78
N GLU D 160 -3.42 -6.89 -11.36
CA GLU D 160 -2.81 -6.57 -10.07
C GLU D 160 -2.28 -5.15 -10.06
N LEU D 161 -1.59 -4.74 -11.12
CA LEU D 161 -1.03 -3.40 -11.18
C LEU D 161 -2.12 -2.35 -11.18
N ALA D 162 -3.33 -2.69 -11.65
CA ALA D 162 -4.39 -1.72 -11.82
C ALA D 162 -4.95 -1.19 -10.50
N ASP D 163 -4.69 -1.84 -9.37
CA ASP D 163 -5.20 -1.41 -8.08
C ASP D 163 -6.72 -1.27 -8.11
N ILE D 164 -7.36 -2.37 -8.47
CA ILE D 164 -8.81 -2.40 -8.65
C ILE D 164 -9.50 -2.51 -7.30
N GLU D 165 -10.40 -1.58 -7.03
CA GLU D 165 -11.27 -1.67 -5.87
C GLU D 165 -12.56 -2.42 -6.24
N LEU D 166 -13.20 -2.98 -5.21
CA LEU D 166 -14.39 -3.79 -5.44
C LEU D 166 -15.48 -3.00 -6.16
N GLY D 167 -15.94 -3.55 -7.28
CA GLY D 167 -16.98 -2.91 -8.07
C GLY D 167 -16.49 -1.87 -9.05
N ALA D 168 -15.19 -1.66 -9.16
CA ALA D 168 -14.66 -0.63 -10.03
C ALA D 168 -14.89 -0.98 -11.50
N THR D 169 -14.89 0.06 -12.34
CA THR D 169 -15.04 -0.09 -13.78
C THR D 169 -13.65 -0.14 -14.41
N VAL D 170 -13.37 -1.19 -15.17
CA VAL D 170 -12.05 -1.44 -15.72
C VAL D 170 -12.16 -1.53 -17.23
N ALA D 171 -11.26 -0.85 -17.93
CA ALA D 171 -11.13 -0.99 -19.37
C ALA D 171 -9.87 -1.79 -19.67
N VAL D 172 -9.98 -2.72 -20.62
CA VAL D 172 -8.86 -3.54 -21.05
C VAL D 172 -8.60 -3.22 -22.51
N LEU D 173 -7.48 -2.56 -22.80
CA LEU D 173 -7.15 -2.11 -24.15
C LEU D 173 -6.35 -3.22 -24.83
N GLY D 174 -7.01 -3.94 -25.74
CA GLY D 174 -6.41 -5.06 -26.41
C GLY D 174 -6.85 -6.38 -25.81
N ILE D 175 -7.42 -7.25 -26.63
CA ILE D 175 -7.91 -8.53 -26.13
C ILE D 175 -7.27 -9.67 -26.91
N GLY D 176 -5.95 -9.62 -27.09
CA GLY D 176 -5.19 -10.78 -27.44
C GLY D 176 -5.13 -11.70 -26.23
N PRO D 177 -4.33 -12.77 -26.31
CA PRO D 177 -4.27 -13.69 -25.16
C PRO D 177 -3.95 -13.02 -23.85
N VAL D 178 -3.01 -12.06 -23.84
CA VAL D 178 -2.69 -11.35 -22.60
C VAL D 178 -3.88 -10.51 -22.16
N GLY D 179 -4.51 -9.80 -23.09
CA GLY D 179 -5.66 -8.97 -22.75
C GLY D 179 -6.83 -9.80 -22.25
N LEU D 180 -7.03 -10.99 -22.82
CA LEU D 180 -8.10 -11.86 -22.35
C LEU D 180 -7.85 -12.31 -20.91
N MET D 181 -6.59 -12.55 -20.55
CA MET D 181 -6.28 -12.86 -19.15
C MET D 181 -6.35 -11.63 -18.26
N ALA D 182 -6.14 -10.43 -18.82
CA ALA D 182 -6.37 -9.21 -18.05
C ALA D 182 -7.84 -9.05 -17.73
N VAL D 183 -8.72 -9.41 -18.67
CA VAL D 183 -10.15 -9.40 -18.41
C VAL D 183 -10.49 -10.38 -17.28
N ALA D 184 -9.96 -11.60 -17.36
CA ALA D 184 -10.18 -12.56 -16.29
C ALA D 184 -9.57 -12.07 -14.99
N GLY D 185 -8.39 -11.46 -15.05
CA GLY D 185 -7.78 -10.93 -13.85
C GLY D 185 -8.61 -9.82 -13.22
N ALA D 186 -9.18 -8.95 -14.04
CA ALA D 186 -10.02 -7.88 -13.51
C ALA D 186 -11.23 -8.44 -12.77
N LYS D 187 -11.84 -9.49 -13.33
CA LYS D 187 -12.93 -10.18 -12.64
C LYS D 187 -12.43 -10.80 -11.33
N LEU D 188 -11.19 -11.29 -11.34
CA LEU D 188 -10.62 -11.89 -10.13
C LEU D 188 -10.25 -10.84 -9.07
N ARG D 189 -10.33 -9.55 -9.38
CA ARG D 189 -10.11 -8.52 -8.38
CA ARG D 189 -10.10 -8.50 -8.39
C ARG D 189 -11.38 -7.76 -8.03
N GLY D 190 -12.54 -8.36 -8.28
CA GLY D 190 -13.81 -7.76 -7.92
C GLY D 190 -14.27 -6.63 -8.80
N ALA D 191 -13.78 -6.54 -10.04
CA ALA D 191 -14.26 -5.49 -10.93
C ALA D 191 -15.72 -5.73 -11.26
N GLY D 192 -16.48 -4.65 -11.37
CA GLY D 192 -17.85 -4.77 -11.83
C GLY D 192 -17.91 -4.72 -13.33
N ARG D 193 -18.07 -3.52 -13.87
CA ARG D 193 -18.10 -3.35 -15.32
C ARG D 193 -16.68 -3.50 -15.87
N ILE D 194 -16.55 -4.34 -16.89
CA ILE D 194 -15.28 -4.55 -17.58
C ILE D 194 -15.50 -4.28 -19.07
N ILE D 195 -14.85 -3.25 -19.59
CA ILE D 195 -14.97 -2.84 -20.97
C ILE D 195 -13.75 -3.34 -21.73
N ALA D 196 -13.97 -4.23 -22.70
CA ALA D 196 -12.88 -4.82 -23.48
C ALA D 196 -12.86 -4.19 -24.87
N VAL D 197 -11.67 -3.83 -25.33
CA VAL D 197 -11.49 -3.15 -26.60
C VAL D 197 -10.79 -4.10 -27.57
N GLY D 198 -11.49 -4.50 -28.62
CA GLY D 198 -10.96 -5.39 -29.63
C GLY D 198 -11.94 -5.53 -30.77
N SER D 199 -11.47 -6.17 -31.85
CA SER D 199 -12.29 -6.25 -33.05
C SER D 199 -12.47 -7.68 -33.55
N ARG D 200 -11.46 -8.52 -33.37
CA ARG D 200 -11.53 -9.87 -33.92
C ARG D 200 -12.63 -10.67 -33.22
N PRO D 201 -13.56 -11.27 -33.97
CA PRO D 201 -14.69 -11.95 -33.32
C PRO D 201 -14.29 -13.07 -32.38
N VAL D 202 -13.22 -13.82 -32.70
CA VAL D 202 -12.81 -14.89 -31.79
C VAL D 202 -12.32 -14.32 -30.47
N CYS D 203 -11.72 -13.11 -30.50
CA CYS D 203 -11.27 -12.49 -29.25
C CYS D 203 -12.43 -11.86 -28.50
N VAL D 204 -13.37 -11.26 -29.22
CA VAL D 204 -14.55 -10.68 -28.58
C VAL D 204 -15.35 -11.76 -27.87
N ASP D 205 -15.47 -12.93 -28.49
CA ASP D 205 -16.20 -14.04 -27.86
C ASP D 205 -15.53 -14.51 -26.59
N ALA D 206 -14.21 -14.66 -26.62
CA ALA D 206 -13.49 -15.08 -25.42
C ALA D 206 -13.50 -14.01 -24.35
N ALA D 207 -13.51 -12.73 -24.74
CA ALA D 207 -13.56 -11.66 -23.76
C ALA D 207 -14.86 -11.70 -22.97
N LYS D 208 -15.98 -11.92 -23.65
CA LYS D 208 -17.25 -12.07 -22.95
C LYS D 208 -17.22 -13.27 -22.02
N TYR D 209 -16.56 -14.35 -22.43
CA TYR D 209 -16.47 -15.54 -21.59
C TYR D 209 -15.71 -15.26 -20.31
N TYR D 210 -14.68 -14.43 -20.37
CA TYR D 210 -13.85 -14.16 -19.21
C TYR D 210 -14.35 -13.00 -18.37
N GLY D 211 -15.47 -12.37 -18.74
CA GLY D 211 -16.12 -11.42 -17.86
C GLY D 211 -16.40 -10.06 -18.45
N ALA D 212 -16.08 -9.84 -19.73
CA ALA D 212 -16.30 -8.54 -20.32
C ALA D 212 -17.79 -8.25 -20.42
N THR D 213 -18.19 -7.07 -19.95
CA THR D 213 -19.58 -6.63 -20.01
C THR D 213 -19.88 -5.74 -21.20
N ASP D 214 -18.87 -5.13 -21.80
CA ASP D 214 -19.03 -4.28 -22.97
C ASP D 214 -17.86 -4.53 -23.91
N ILE D 215 -18.14 -4.46 -25.21
CA ILE D 215 -17.12 -4.62 -26.25
C ILE D 215 -17.06 -3.32 -27.04
N VAL D 216 -15.85 -2.78 -27.18
CA VAL D 216 -15.62 -1.56 -27.95
C VAL D 216 -14.76 -1.91 -29.15
N ASN D 217 -15.28 -1.69 -30.35
CA ASN D 217 -14.55 -1.92 -31.58
C ASN D 217 -13.97 -0.59 -32.05
N TYR D 218 -12.65 -0.56 -32.26
CA TYR D 218 -12.02 0.67 -32.73
C TYR D 218 -12.43 1.02 -34.15
N LYS D 219 -12.97 0.05 -34.91
CA LYS D 219 -13.47 0.31 -36.24
C LYS D 219 -14.74 1.14 -36.26
N ASP D 220 -15.39 1.31 -35.11
CA ASP D 220 -16.61 2.10 -35.03
C ASP D 220 -16.36 3.56 -34.65
N GLY D 221 -15.13 3.91 -34.31
CA GLY D 221 -14.79 5.27 -33.98
C GLY D 221 -13.68 5.34 -32.96
N PRO D 222 -13.32 6.54 -32.52
CA PRO D 222 -12.26 6.68 -31.52
C PRO D 222 -12.64 5.99 -30.22
N ILE D 223 -11.67 5.30 -29.64
CA ILE D 223 -11.91 4.54 -28.42
C ILE D 223 -12.28 5.46 -27.27
N GLU D 224 -11.63 6.63 -27.20
CA GLU D 224 -11.90 7.57 -26.12
C GLU D 224 -13.35 8.00 -26.11
N SER D 225 -13.88 8.38 -27.27
CA SER D 225 -15.25 8.85 -27.35
C SER D 225 -16.24 7.74 -26.98
N GLN D 226 -15.97 6.52 -27.46
CA GLN D 226 -16.87 5.42 -27.19
C GLN D 226 -16.93 5.11 -25.70
N ILE D 227 -15.78 5.07 -25.03
CA ILE D 227 -15.73 4.70 -23.62
C ILE D 227 -16.33 5.80 -22.76
N MET D 228 -16.07 7.06 -23.10
CA MET D 228 -16.68 8.16 -22.35
C MET D 228 -18.20 8.16 -22.49
N ASN D 229 -18.72 7.78 -23.66
CA ASN D 229 -20.17 7.66 -23.81
C ASN D 229 -20.73 6.50 -22.98
N LEU D 230 -20.00 5.38 -22.93
CA LEU D 230 -20.45 4.25 -22.13
C LEU D 230 -20.48 4.59 -20.64
N THR D 231 -19.46 5.30 -20.17
CA THR D 231 -19.36 5.66 -18.77
C THR D 231 -20.06 6.97 -18.44
N GLU D 232 -20.82 7.53 -19.38
CA GLU D 232 -21.59 8.76 -19.16
C GLU D 232 -20.69 9.90 -18.69
N GLY D 233 -19.50 10.01 -19.30
CA GLY D 233 -18.55 11.05 -18.99
C GLY D 233 -17.70 10.82 -17.77
N LYS D 234 -17.97 9.75 -17.00
CA LYS D 234 -17.20 9.53 -15.78
C LYS D 234 -15.82 8.95 -16.05
N GLY D 235 -15.66 8.19 -17.14
CA GLY D 235 -14.43 7.47 -17.36
C GLY D 235 -14.40 6.16 -16.59
N VAL D 236 -13.24 5.52 -16.60
CA VAL D 236 -13.05 4.22 -15.95
C VAL D 236 -12.13 4.41 -14.74
N ASP D 237 -12.27 3.49 -13.78
CA ASP D 237 -11.42 3.55 -12.60
C ASP D 237 -10.01 3.08 -12.90
N ALA D 238 -9.85 2.19 -13.88
CA ALA D 238 -8.54 1.70 -14.25
C ALA D 238 -8.56 1.23 -15.69
N ALA D 239 -7.43 1.41 -16.37
CA ALA D 239 -7.25 0.91 -17.73
C ALA D 239 -6.03 0.01 -17.76
N ILE D 240 -6.20 -1.18 -18.33
CA ILE D 240 -5.14 -2.16 -18.48
C ILE D 240 -4.75 -2.20 -19.95
N ILE D 241 -3.50 -1.82 -20.25
CA ILE D 241 -3.00 -1.85 -21.61
C ILE D 241 -2.41 -3.23 -21.88
N ALA D 242 -2.96 -3.93 -22.87
CA ALA D 242 -2.47 -5.25 -23.24
C ALA D 242 -2.29 -5.38 -24.75
N GLY D 243 -2.17 -4.27 -25.45
CA GLY D 243 -2.00 -4.32 -26.90
C GLY D 243 -2.11 -2.92 -27.48
N GLY D 244 -1.70 -2.81 -28.73
CA GLY D 244 -1.76 -1.56 -29.48
C GLY D 244 -0.38 -0.95 -29.66
N ASN D 245 -0.38 0.22 -30.31
CA ASN D 245 0.83 0.96 -30.60
C ASN D 245 1.07 1.97 -29.49
N ALA D 246 2.07 2.85 -29.68
CA ALA D 246 2.41 3.81 -28.64
C ALA D 246 1.25 4.76 -28.33
N ASP D 247 0.42 5.04 -29.33
CA ASP D 247 -0.70 5.96 -29.14
C ASP D 247 -1.73 5.43 -28.14
N ILE D 248 -1.73 4.12 -27.87
CA ILE D 248 -2.70 3.57 -26.93
C ILE D 248 -2.46 4.09 -25.52
N MET D 249 -1.25 4.54 -25.21
CA MET D 249 -0.99 5.15 -23.91
C MET D 249 -1.78 6.44 -23.73
N ALA D 250 -1.84 7.25 -24.79
CA ALA D 250 -2.67 8.46 -24.75
C ALA D 250 -4.14 8.11 -24.55
N THR D 251 -4.60 7.05 -25.22
CA THR D 251 -5.98 6.61 -25.06
C THR D 251 -6.27 6.21 -23.62
N ALA D 252 -5.35 5.48 -22.99
CA ALA D 252 -5.55 5.06 -21.62
C ALA D 252 -5.65 6.23 -20.67
N VAL D 253 -4.77 7.23 -20.83
CA VAL D 253 -4.80 8.38 -19.94
C VAL D 253 -6.11 9.15 -20.10
N LYS D 254 -6.62 9.22 -21.33
CA LYS D 254 -7.82 10.00 -21.57
C LYS D 254 -9.07 9.34 -20.98
N ILE D 255 -9.09 8.01 -20.90
CA ILE D 255 -10.30 7.33 -20.42
C ILE D 255 -10.27 7.06 -18.91
N VAL D 256 -9.10 7.15 -18.28
CA VAL D 256 -9.01 6.92 -16.84
C VAL D 256 -9.41 8.20 -16.12
N LYS D 257 -10.21 8.06 -15.06
CA LYS D 257 -10.63 9.20 -14.27
C LYS D 257 -9.49 9.69 -13.40
N PRO D 258 -9.56 10.94 -12.93
CA PRO D 258 -8.53 11.43 -12.00
C PRO D 258 -8.43 10.53 -10.78
N GLY D 259 -7.20 10.20 -10.40
CA GLY D 259 -6.95 9.30 -9.31
C GLY D 259 -6.88 7.84 -9.70
N GLY D 260 -7.20 7.51 -10.96
CA GLY D 260 -7.16 6.14 -11.42
C GLY D 260 -5.76 5.70 -11.78
N THR D 261 -5.68 4.49 -12.35
CA THR D 261 -4.42 3.85 -12.65
C THR D 261 -4.42 3.33 -14.07
N ILE D 262 -3.32 3.56 -14.79
CA ILE D 262 -3.06 2.92 -16.07
C ILE D 262 -2.01 1.84 -15.83
N ALA D 263 -2.39 0.58 -16.03
CA ALA D 263 -1.49 -0.56 -15.84
C ALA D 263 -1.15 -1.14 -17.19
N ASN D 264 0.13 -1.09 -17.56
CA ASN D 264 0.57 -1.58 -18.86
C ASN D 264 1.32 -2.89 -18.72
N VAL D 265 0.94 -3.87 -19.53
CA VAL D 265 1.69 -5.12 -19.63
C VAL D 265 1.97 -5.39 -21.10
N ASN D 266 1.72 -4.41 -21.95
CA ASN D 266 1.99 -4.53 -23.38
C ASN D 266 3.47 -4.32 -23.65
N TYR D 267 4.02 -5.14 -24.54
CA TYR D 267 5.42 -5.01 -24.95
C TYR D 267 5.48 -4.13 -26.18
N PHE D 268 5.85 -2.85 -25.99
CA PHE D 268 5.98 -1.91 -27.08
C PHE D 268 7.29 -2.18 -27.82
N GLY D 269 7.19 -2.61 -29.07
CA GLY D 269 8.36 -2.98 -29.83
C GLY D 269 8.90 -1.89 -30.71
N GLU D 270 8.07 -0.89 -31.00
CA GLU D 270 8.42 0.18 -31.92
C GLU D 270 8.07 1.53 -31.30
N GLY D 271 8.76 2.57 -31.79
CA GLY D 271 8.56 3.91 -31.29
C GLY D 271 9.62 4.33 -30.29
N GLU D 272 10.06 5.60 -30.36
CA GLU D 272 11.06 6.05 -29.41
C GLU D 272 10.43 6.49 -28.09
N VAL D 273 9.23 7.07 -28.11
CA VAL D 273 8.59 7.65 -26.94
C VAL D 273 7.16 7.14 -26.86
N LEU D 274 6.71 6.88 -25.63
CA LEU D 274 5.30 6.60 -25.38
C LEU D 274 4.61 7.88 -24.94
N PRO D 275 3.65 8.39 -25.70
CA PRO D 275 3.11 9.73 -25.42
C PRO D 275 2.14 9.72 -24.23
N VAL D 276 2.34 10.66 -23.32
CA VAL D 276 1.42 10.92 -22.23
C VAL D 276 0.82 12.31 -22.48
N PRO D 277 -0.49 12.41 -22.76
CA PRO D 277 -1.08 13.72 -23.09
C PRO D 277 -1.05 14.64 -21.88
N ARG D 278 -0.52 15.85 -22.08
CA ARG D 278 -0.34 16.77 -20.97
C ARG D 278 -1.68 17.18 -20.37
N LEU D 279 -2.60 17.69 -21.19
CA LEU D 279 -3.86 18.20 -20.67
C LEU D 279 -4.68 17.10 -20.00
N GLU D 280 -4.78 15.94 -20.65
CA GLU D 280 -5.55 14.83 -20.09
C GLU D 280 -4.87 14.18 -18.91
N TRP D 281 -3.57 14.39 -18.72
CA TRP D 281 -2.88 13.96 -17.51
C TRP D 281 -2.90 15.02 -16.42
N GLY D 282 -3.84 15.96 -16.52
CA GLY D 282 -3.93 17.05 -15.55
C GLY D 282 -2.76 18.00 -15.56
N CYS D 283 -2.10 18.16 -16.71
CA CYS D 283 -0.86 18.93 -16.83
C CYS D 283 0.20 18.42 -15.84
N GLY D 284 0.11 17.13 -15.51
CA GLY D 284 1.00 16.50 -14.56
C GLY D 284 0.44 16.29 -13.17
N MET D 285 -0.84 16.60 -12.94
CA MET D 285 -1.39 16.64 -11.59
C MET D 285 -2.72 15.92 -11.46
N ALA D 286 -3.05 15.01 -12.38
CA ALA D 286 -4.33 14.34 -12.37
C ALA D 286 -4.36 13.09 -11.51
N HIS D 287 -3.28 12.77 -10.81
CA HIS D 287 -3.18 11.55 -10.01
C HIS D 287 -3.50 10.33 -10.86
N LYS D 288 -3.17 10.37 -12.14
CA LYS D 288 -3.35 9.21 -13.01
C LYS D 288 -2.03 8.44 -13.00
N THR D 289 -1.96 7.43 -12.14
CA THR D 289 -0.75 6.64 -11.99
C THR D 289 -0.56 5.75 -13.21
N ILE D 290 0.66 5.70 -13.73
CA ILE D 290 1.00 4.87 -14.88
C ILE D 290 1.97 3.80 -14.42
N LYS D 291 1.57 2.54 -14.54
CA LYS D 291 2.42 1.41 -14.20
C LYS D 291 2.67 0.57 -15.44
N GLY D 292 3.85 -0.05 -15.47
CA GLY D 292 4.18 -0.96 -16.54
C GLY D 292 5.18 -1.99 -16.10
N GLY D 293 4.79 -3.26 -16.08
CA GLY D 293 5.63 -4.29 -15.48
C GLY D 293 5.68 -5.55 -16.30
N LEU D 294 6.86 -6.19 -16.26
CA LEU D 294 7.03 -7.53 -16.81
C LEU D 294 6.29 -8.53 -15.94
N CYS D 295 5.87 -9.64 -16.55
CA CYS D 295 5.10 -10.64 -15.82
C CYS D 295 5.93 -11.24 -14.69
N PRO D 296 5.33 -11.49 -13.53
CA PRO D 296 6.03 -12.20 -12.47
C PRO D 296 6.30 -13.64 -12.85
N GLY D 297 7.41 -14.17 -12.35
CA GLY D 297 7.75 -15.57 -12.55
C GLY D 297 8.06 -16.27 -11.25
N GLY D 298 8.77 -17.38 -11.34
CA GLY D 298 9.14 -18.13 -10.16
C GLY D 298 8.11 -19.17 -9.77
N ARG D 299 8.49 -19.97 -8.78
CA ARG D 299 7.65 -21.08 -8.35
C ARG D 299 6.34 -20.60 -7.72
N LEU D 300 6.42 -19.66 -6.78
CA LEU D 300 5.23 -19.26 -6.05
C LEU D 300 4.17 -18.66 -6.96
N ARG D 301 4.59 -17.86 -7.94
CA ARG D 301 3.66 -17.32 -8.92
C ARG D 301 2.96 -18.43 -9.67
N MET D 302 3.72 -19.42 -10.15
CA MET D 302 3.12 -20.54 -10.87
C MET D 302 2.19 -21.35 -9.98
N GLU D 303 2.60 -21.60 -8.73
CA GLU D 303 1.77 -22.40 -7.83
C GLU D 303 0.42 -21.74 -7.56
N ARG D 304 0.42 -20.41 -7.42
CA ARG D 304 -0.83 -19.72 -7.13
C ARG D 304 -1.74 -19.68 -8.35
N LEU D 305 -1.17 -19.53 -9.55
CA LEU D 305 -1.99 -19.57 -10.75
C LEU D 305 -2.48 -20.99 -11.02
N ILE D 306 -1.68 -21.99 -10.67
CA ILE D 306 -2.14 -23.38 -10.77
C ILE D 306 -3.32 -23.61 -9.84
N ASP D 307 -3.27 -23.06 -8.63
CA ASP D 307 -4.38 -23.19 -7.70
C ASP D 307 -5.63 -22.49 -8.24
N LEU D 308 -5.45 -21.34 -8.90
CA LEU D 308 -6.58 -20.65 -9.51
C LEU D 308 -7.25 -21.51 -10.57
N VAL D 309 -6.46 -22.26 -11.34
CA VAL D 309 -7.02 -23.17 -12.33
C VAL D 309 -7.57 -24.42 -11.64
N PHE D 310 -6.85 -24.94 -10.64
CA PHE D 310 -7.27 -26.18 -10.00
C PHE D 310 -8.62 -26.01 -9.33
N TYR D 311 -8.81 -24.93 -8.58
CA TYR D 311 -10.08 -24.67 -7.91
C TYR D 311 -11.07 -23.96 -8.82
N LYS D 312 -10.81 -23.96 -10.13
CA LYS D 312 -11.78 -23.53 -11.14
C LYS D 312 -12.18 -22.08 -10.97
N ARG D 313 -11.21 -21.22 -10.66
CA ARG D 313 -11.44 -19.79 -10.67
C ARG D 313 -11.29 -19.21 -12.06
N VAL D 314 -10.54 -19.87 -12.94
CA VAL D 314 -10.36 -19.44 -14.32
C VAL D 314 -9.98 -20.67 -15.13
N ASP D 315 -10.47 -20.70 -16.38
CA ASP D 315 -10.13 -21.76 -17.32
C ASP D 315 -9.44 -21.14 -18.52
N PRO D 316 -8.11 -21.20 -18.60
CA PRO D 316 -7.40 -20.57 -19.72
C PRO D 316 -7.47 -21.34 -21.02
N SER D 317 -8.13 -22.49 -21.04
CA SER D 317 -8.17 -23.31 -22.25
C SER D 317 -8.85 -22.62 -23.41
N LYS D 318 -9.76 -21.68 -23.13
CA LYS D 318 -10.40 -20.92 -24.19
C LYS D 318 -9.43 -20.01 -24.95
N LEU D 319 -8.22 -19.82 -24.43
CA LEU D 319 -7.20 -19.09 -25.17
C LEU D 319 -6.66 -19.90 -26.33
N VAL D 320 -6.72 -21.23 -26.23
CA VAL D 320 -6.11 -22.12 -27.21
C VAL D 320 -7.10 -22.36 -28.34
N THR D 321 -6.73 -21.91 -29.53
CA THR D 321 -7.54 -22.09 -30.73
C THR D 321 -6.98 -23.11 -31.71
N HIS D 322 -5.67 -23.38 -31.65
CA HIS D 322 -5.03 -24.33 -32.54
C HIS D 322 -4.14 -25.24 -31.71
N VAL D 323 -4.22 -26.55 -31.96
CA VAL D 323 -3.34 -27.51 -31.30
C VAL D 323 -2.73 -28.41 -32.36
N PHE D 324 -1.40 -28.49 -32.37
CA PHE D 324 -0.66 -29.35 -33.26
C PHE D 324 0.14 -30.34 -32.44
N ARG D 325 0.79 -31.29 -33.11
CA ARG D 325 1.41 -32.40 -32.41
C ARG D 325 2.81 -32.64 -32.96
N GLY D 326 3.80 -32.62 -32.07
CA GLY D 326 5.14 -33.01 -32.44
C GLY D 326 6.06 -31.82 -32.68
N PHE D 327 7.37 -32.11 -32.64
CA PHE D 327 8.36 -31.04 -32.76
C PHE D 327 8.27 -30.31 -34.10
N ASP D 328 7.97 -31.04 -35.17
CA ASP D 328 7.99 -30.43 -36.50
C ASP D 328 6.96 -29.30 -36.61
N ASN D 329 5.87 -29.39 -35.86
CA ASN D 329 4.84 -28.36 -35.89
C ASN D 329 5.14 -27.15 -35.03
N ILE D 330 6.26 -27.15 -34.28
CA ILE D 330 6.67 -25.94 -33.58
C ILE D 330 6.92 -24.82 -34.59
N GLU D 331 7.53 -25.16 -35.72
CA GLU D 331 7.74 -24.20 -36.80
C GLU D 331 6.41 -23.70 -37.35
N LYS D 332 5.46 -24.62 -37.56
CA LYS D 332 4.14 -24.24 -38.05
C LYS D 332 3.42 -23.33 -37.08
N ALA D 333 3.50 -23.64 -35.78
CA ALA D 333 2.84 -22.80 -34.79
C ALA D 333 3.53 -21.45 -34.64
N PHE D 334 4.86 -21.41 -34.77
CA PHE D 334 5.59 -20.16 -34.69
C PHE D 334 5.20 -19.21 -35.82
N MET D 335 5.23 -19.70 -37.06
CA MET D 335 4.85 -18.86 -38.19
C MET D 335 3.39 -18.44 -38.09
N LEU D 336 2.56 -19.26 -37.45
CA LEU D 336 1.17 -18.89 -37.23
C LEU D 336 1.06 -17.60 -36.43
N MET D 337 2.00 -17.35 -35.51
CA MET D 337 1.96 -16.11 -34.75
C MET D 337 2.37 -14.90 -35.58
N LYS D 338 3.24 -15.10 -36.58
CA LYS D 338 3.65 -13.97 -37.42
C LYS D 338 2.52 -13.54 -38.33
N ASP D 339 1.96 -14.48 -39.09
CA ASP D 339 0.78 -14.23 -39.93
C ASP D 339 -0.45 -14.55 -39.10
N LYS D 340 -1.00 -13.53 -38.48
CA LYS D 340 -2.11 -13.62 -37.55
C LYS D 340 -3.41 -13.86 -38.29
N PRO D 341 -3.98 -15.06 -38.29
CA PRO D 341 -5.32 -15.22 -38.86
C PRO D 341 -6.36 -14.72 -37.88
N LYS D 342 -7.52 -14.33 -38.42
CA LYS D 342 -8.55 -13.74 -37.58
C LYS D 342 -9.13 -14.72 -36.56
N ASP D 343 -8.87 -16.01 -36.72
CA ASP D 343 -9.39 -17.03 -35.80
C ASP D 343 -8.34 -17.52 -34.81
N LEU D 344 -7.13 -16.95 -34.80
CA LEU D 344 -6.06 -17.40 -33.93
C LEU D 344 -6.01 -16.56 -32.67
N ILE D 345 -5.93 -17.22 -31.52
CA ILE D 345 -5.59 -16.55 -30.28
C ILE D 345 -4.22 -17.06 -29.84
N LYS D 346 -4.15 -18.35 -29.49
CA LYS D 346 -2.91 -18.93 -29.03
C LYS D 346 -2.79 -20.37 -29.52
N PRO D 347 -1.68 -20.72 -30.18
CA PRO D 347 -1.50 -22.12 -30.61
C PRO D 347 -0.66 -22.92 -29.62
N VAL D 348 -0.89 -24.23 -29.53
CA VAL D 348 -0.20 -25.11 -28.61
C VAL D 348 0.32 -26.31 -29.39
N VAL D 349 1.55 -26.72 -29.09
CA VAL D 349 2.15 -27.90 -29.70
C VAL D 349 2.31 -28.97 -28.62
N ILE D 350 1.65 -30.10 -28.81
CA ILE D 350 1.74 -31.22 -27.89
C ILE D 350 2.87 -32.13 -28.36
N LEU D 351 3.82 -32.40 -27.47
CA LEU D 351 5.00 -33.20 -27.79
C LEU D 351 4.88 -34.61 -27.23
N ALA D 352 3.71 -35.22 -27.33
CA ALA D 352 3.52 -36.60 -26.92
C ALA D 352 4.06 -37.54 -27.98
ZN ZN E . -26.21 -5.36 11.08
PA NAP F . -23.91 -15.17 13.12
O1A NAP F . -23.78 -14.56 14.47
O2A NAP F . -24.89 -16.28 13.17
O5B NAP F . -22.38 -15.77 12.63
C5B NAP F . -21.65 -16.61 13.56
C4B NAP F . -20.90 -17.71 12.78
O4B NAP F . -19.83 -18.08 13.45
C3B NAP F . -21.76 -18.98 12.65
O3B NAP F . -21.45 -19.66 11.52
C2B NAP F . -21.36 -19.80 13.89
O2B NAP F . -21.63 -21.27 13.68
C1B NAP F . -20.07 -19.59 13.96
N9A NAP F . -19.57 -19.75 15.35
C8A NAP F . -20.12 -19.57 16.56
N7A NAP F . -19.20 -19.85 17.48
C5A NAP F . -18.07 -20.21 16.84
C6A NAP F . -16.82 -20.61 17.31
N6A NAP F . -16.24 -20.79 18.71
N1A NAP F . -15.87 -20.91 16.46
C2A NAP F . -16.11 -20.84 15.10
N3A NAP F . -17.33 -20.46 14.65
C4A NAP F . -18.30 -20.14 15.52
O3 NAP F . -24.42 -14.02 12.05
PN NAP F . -23.40 -12.94 11.30
O1N NAP F . -24.14 -11.60 11.07
O2N NAP F . -22.91 -13.50 9.92
O5D NAP F . -22.08 -12.68 12.27
C5D NAP F . -21.28 -11.55 12.05
C4D NAP F . -20.93 -10.98 13.46
O4D NAP F . -20.48 -9.75 13.35
C3D NAP F . -22.23 -10.87 14.27
O3D NAP F . -21.95 -10.82 15.58
C2D NAP F . -22.80 -9.52 13.77
O2D NAP F . -23.73 -8.94 14.80
C1D NAP F . -21.74 -8.77 13.62
N1N NAP F . -21.87 -7.82 12.50
C2N NAP F . -20.87 -6.90 12.29
C3N NAP F . -20.96 -6.00 11.22
C7N NAP F . -19.83 -4.94 10.98
O7N NAP F . -20.09 -3.89 10.44
N7N NAP F . -18.42 -5.21 11.42
C4N NAP F . -22.04 -6.03 10.40
C5N NAP F . -23.02 -6.96 10.60
C6N NAP F . -22.93 -7.87 11.67
P2B NAP F . -23.21 -21.83 13.73
O1X NAP F . -23.37 -22.75 14.95
O2X NAP F . -23.49 -22.61 12.47
O3X NAP F . -24.18 -20.68 13.86
C1 2RP G . -23.19 -0.36 10.48
C2 2RP G . -23.66 -1.81 10.58
C6 2RP G . -23.96 -2.13 12.05
C9 2RP G . -23.37 -3.50 12.40
C13 2RP G . -22.73 -3.45 13.78
O17 2RP G . -24.39 -4.45 12.40
K K H . 1.34 -9.15 7.51
ZN ZN I . 18.96 -8.65 19.68
PA NAP J . 15.23 -2.80 27.25
O1A NAP J . 14.76 -4.13 27.74
O2A NAP J . 16.02 -2.13 28.32
O5B NAP J . 13.87 -1.83 26.88
C5B NAP J . 12.81 -1.75 27.88
C4B NAP J . 12.26 -0.32 27.88
O4B NAP J . 10.96 -0.34 28.09
C3B NAP J . 12.86 0.46 29.06
O3B NAP J . 12.95 1.78 28.77
C2B NAP J . 11.83 0.23 30.18
O2B NAP J . 11.94 1.31 31.22
C1B NAP J . 10.70 0.31 29.53
N9A NAP J . 9.63 -0.45 30.25
C8A NAP J . 9.63 -1.49 31.10
N7A NAP J . 8.36 -1.76 31.41
C5A NAP J . 7.57 -0.89 30.74
C6A NAP J . 6.18 -0.72 30.70
N6A NAP J . 5.03 -1.46 31.38
N1A NAP J . 5.66 0.22 29.96
C2A NAP J . 6.48 1.04 29.22
N3A NAP J . 7.81 0.88 29.25
C4A NAP J . 8.36 -0.09 30.02
O3 NAP J . 16.17 -2.99 25.90
PN NAP J . 15.55 -3.23 24.37
O1N NAP J . 16.49 -4.14 23.56
O2N NAP J . 15.38 -1.86 23.63
O5D NAP J . 14.07 -3.95 24.51
C5D NAP J . 13.23 -3.98 23.38
C4D NAP J . 12.53 -5.38 23.33
O4D NAP J . 12.48 -5.80 22.08
C3D NAP J . 13.39 -6.41 24.09
O3D NAP J . 12.59 -7.29 24.72
C2D NAP J . 14.22 -7.09 22.97
O2D NAP J . 14.59 -8.50 23.40
C1D NAP J . 13.40 -7.11 21.95
N1N NAP J . 14.11 -7.11 20.67
C2N NAP J . 13.42 -7.47 19.53
C3N NAP J . 14.08 -7.47 18.28
C7N NAP J . 13.33 -7.87 16.97
O7N NAP J . 13.95 -8.33 16.04
N7N NAP J . 11.85 -7.68 16.85
C4N NAP J . 15.38 -7.12 18.22
C5N NAP J . 16.07 -6.76 19.35
C6N NAP J . 15.41 -6.76 20.60
P2B NAP J . 12.24 0.85 32.79
O1X NAP J . 11.03 1.17 33.66
O2X NAP J . 13.45 1.59 33.31
O3X NAP J . 12.51 -0.63 32.84
C1 2RP K . 17.30 -11.25 14.59
C2 2RP K . 17.42 -10.38 15.84
C6 2RP K . 17.17 -11.24 17.08
C9 2RP K . 16.24 -10.47 18.02
C13 2RP K . 15.31 -11.45 18.73
O17 2RP K . 17.02 -9.78 18.97
K K L . -5.98 0.78 10.29
ZN ZN M . 0.86 27.53 -6.79
PA NAP N . 10.56 27.22 -10.38
O1A NAP N . 9.89 27.54 -11.67
O2A NAP N . 11.71 28.15 -10.16
O5B NAP N . 11.16 25.64 -10.44
C5B NAP N . 11.93 25.28 -11.62
C4B NAP N . 13.09 24.34 -11.23
O4B NAP N . 13.30 23.52 -12.23
C3B NAP N . 14.39 25.14 -11.05
O3B NAP N . 15.19 24.55 -10.12
C2B NAP N . 15.05 25.01 -12.43
O2B NAP N . 16.54 25.23 -12.31
C1B NAP N . 14.80 23.77 -12.73
N9A NAP N . 14.93 23.56 -14.20
C8A NAP N . 14.67 24.32 -15.27
N7A NAP N . 14.99 23.60 -16.35
C5A NAP N . 15.45 22.41 -15.95
C6A NAP N . 15.92 21.29 -16.65
N6A NAP N . 16.08 21.00 -18.13
N1A NAP N . 16.31 20.23 -15.99
C2A NAP N . 16.27 20.21 -14.61
N3A NAP N . 15.82 21.29 -13.93
C4A NAP N . 15.41 22.38 -14.61
O3 NAP N . 9.49 27.39 -9.14
PN NAP N . 8.49 26.17 -8.59
O1N NAP N . 7.17 26.77 -8.09
O2N NAP N . 9.21 25.41 -7.43
O5D NAP N . 8.17 25.11 -9.82
C5D NAP N . 7.59 23.89 -9.45
C4D NAP N . 6.49 23.52 -10.50
O4D NAP N . 5.51 22.90 -9.91
C3D NAP N . 5.92 24.82 -11.09
O3D NAP N . 5.59 24.65 -12.39
C2D NAP N . 4.64 25.05 -10.25
O2D NAP N . 3.63 25.84 -11.04
C1D NAP N . 4.21 23.84 -10.05
N1N NAP N . 3.37 23.74 -8.87
C2N NAP N . 2.54 22.65 -8.75
C3N NAP N . 1.71 22.52 -7.63
C7N NAP N . 0.76 21.27 -7.49
O7N NAP N . -0.25 21.39 -6.86
N7N NAP N . 1.13 19.95 -8.11
C4N NAP N . 1.75 23.46 -6.67
C5N NAP N . 2.57 24.55 -6.78
C6N NAP N . 3.40 24.68 -7.91
P2B NAP N . 17.13 26.79 -12.19
O1X NAP N . 17.94 27.11 -13.45
O2X NAP N . 18.03 26.88 -10.97
O3X NAP N . 15.99 27.77 -12.06
C1 2RP O . -3.64 24.01 -5.62
C2 2RP O . -2.28 24.61 -5.95
C6 2RP O . -2.27 25.10 -7.40
C9 2RP O . -0.97 24.67 -8.06
C13 2RP O . -1.20 24.28 -9.52
O17 2RP O . -0.04 25.72 -7.99
K K P . 7.37 0.73 -9.03
ZN ZN Q . 5.76 -14.24 -24.14
PA NAP R . -1.96 -9.71 -29.62
O1A NAP R . -0.76 -9.15 -30.32
O2A NAP R . -2.89 -10.28 -30.65
O5B NAP R . -2.75 -8.47 -28.78
C5B NAP R . -3.05 -7.23 -29.49
C4B NAP R . -4.40 -6.66 -29.00
O4B NAP R . -4.38 -5.35 -29.11
C3B NAP R . -5.56 -7.13 -29.90
O3B NAP R . -6.71 -7.27 -29.19
C2B NAP R . -5.74 -5.97 -30.88
O2B NAP R . -7.14 -5.98 -31.42
C1B NAP R . -5.55 -4.93 -30.13
N9A NAP R . -5.16 -3.76 -30.94
C8A NAP R . -4.28 -3.57 -31.94
N7A NAP R . -4.37 -2.29 -32.32
C5A NAP R . -5.29 -1.69 -31.56
C6A NAP R . -5.78 -0.38 -31.52
N6A NAP R . -5.43 0.86 -32.33
N1A NAP R . -6.71 -0.05 -30.67
C2A NAP R . -7.21 -0.99 -29.80
N3A NAP R . -6.75 -2.26 -29.84
C4A NAP R . -5.78 -2.60 -30.71
O3 NAP R . -1.47 -10.89 -28.57
PN NAP R . -0.97 -10.60 -27.01
O1N NAP R . 0.11 -11.62 -26.60
O2N NAP R . -2.18 -10.70 -26.03
O5D NAP R . -0.34 -9.07 -26.93
C5D NAP R . -0.01 -8.55 -25.67
C4D NAP R . 1.32 -7.76 -25.78
O4D NAP R . 1.98 -7.84 -24.65
C3D NAP R . 2.21 -8.37 -26.86
O3D NAP R . 2.88 -7.41 -27.54
C2D NAP R . 3.19 -9.27 -26.08
O2D NAP R . 4.51 -9.41 -26.81
C1D NAP R . 3.36 -8.63 -24.94
N1N NAP R . 3.67 -9.54 -23.83
C2N NAP R . 4.15 -9.01 -22.65
C3N NAP R . 4.45 -9.86 -21.57
C7N NAP R . 4.98 -9.29 -20.22
O7N NAP R . 5.68 -9.98 -19.51
N7N NAP R . 4.64 -7.89 -19.78
C4N NAP R . 4.26 -11.19 -21.70
C5N NAP R . 3.79 -11.71 -22.87
C6N NAP R . 3.49 -10.86 -23.95
P2B NAP R . -7.54 -7.05 -32.64
O1X NAP R . -7.85 -6.27 -33.91
O2X NAP R . -8.74 -7.86 -32.20
O3X NAP R . -6.37 -7.96 -32.91
C1 2RP S . 9.06 -13.22 -19.46
C2 2RP S . 8.10 -13.25 -20.64
C6 2RP S . 8.70 -12.48 -21.82
C9 2RP S . 7.61 -11.60 -22.42
C13 2RP S . 8.23 -10.38 -23.11
O17 2RP S . 6.87 -12.33 -23.36
K K T . -3.70 7.02 -8.65
#